data_5KF0
#
_entry.id   5KF0
#
_cell.length_a   83.640
_cell.length_b   145.080
_cell.length_c   170.030
_cell.angle_alpha   90.000
_cell.angle_beta   90.000
_cell.angle_gamma   90.000
#
_symmetry.space_group_name_H-M   'P 21 21 21'
#
loop_
_entity.id
_entity.type
_entity.pdbx_description
1 polymer 'Aldehyde dehydrogenase'
2 non-polymer 'NADPH DIHYDRO-NICOTINAMIDE-ADENINE-DINUCLEOTIDE PHOSPHATE'
3 non-polymer 'MAGNESIUM ION'
4 non-polymer (4R)-2-METHYLPENTANE-2,4-DIOL
5 non-polymer 'ACETATE ION'
6 non-polymer (4S)-2-METHYL-2,4-PENTANEDIOL
7 water water
#
_entity_poly.entity_id   1
_entity_poly.type   'polypeptide(L)'
_entity_poly.pdbx_seq_one_letter_code
;MAHHHHHHMLKDTYPYYLANEAVYANTDLEVTDKFSGKVATRVALADAQAIDAAIGAAVDAVKPMRELPAYRRQAVLDHC
VARFRERFDELAEALCIEAGKPINDSRGEVTRLIDTFRVASEEAVRIDGEVLNLEISARAQGYTGYTRRVPIGPCSFISP
FNFPLNLAAHKVAPALAAGCPFVLKPASRTPVGALIIAEVLAETNLPKGAFSVLPAHRDGADLFTTDERFRLLSFTGSPA
VGWALKEKAGKKKVVLELGGNAAAIVDADQFEQLDYVVDRLAFGAYYQSGQSCIGVQRILVHASLYDTLRDKLVAKTRSL
KMGDPKDPSTFVGPMISESESRRLSGWMDAAVAAGAKIIAGGKVDGAMFEATLLEDVGREQDLYRKEAFGPVAILEKFDR
FDDALARVNDSDFGLQAGVFTDSLTHAQRAWDELEVGGVVINDVPSFRVDNMPYGGVKDSGLGREGIRYAIEDMTEPRLM
VVRRR
;
_entity_poly.pdbx_strand_id   A,B,C,D
#
loop_
_chem_comp.id
_chem_comp.type
_chem_comp.name
_chem_comp.formula
ACT non-polymer 'ACETATE ION' 'C2 H3 O2 -1'
MG non-polymer 'MAGNESIUM ION' 'Mg 2'
MPD non-polymer (4S)-2-METHYL-2,4-PENTANEDIOL 'C6 H14 O2'
MRD non-polymer (4R)-2-METHYLPENTANE-2,4-DIOL 'C6 H14 O2'
NDP non-polymer 'NADPH DIHYDRO-NICOTINAMIDE-ADENINE-DINUCLEOTIDE PHOSPHATE' 'C21 H30 N7 O17 P3'
#
# COMPACT_ATOMS: atom_id res chain seq x y z
N HIS A 6 21.29 -28.74 30.60
CA HIS A 6 20.60 -29.85 29.95
C HIS A 6 19.65 -30.57 30.89
N HIS A 7 18.44 -30.82 30.41
CA HIS A 7 17.47 -31.66 31.10
C HIS A 7 16.70 -32.39 30.00
N HIS A 8 16.85 -33.72 29.95
CA HIS A 8 16.30 -34.48 28.83
C HIS A 8 14.77 -34.48 28.88
N MET A 9 14.15 -34.06 27.78
CA MET A 9 12.69 -34.00 27.70
C MET A 9 12.12 -34.79 26.54
N LEU A 10 12.95 -35.43 25.72
CA LEU A 10 12.43 -36.22 24.60
C LEU A 10 11.69 -37.44 25.14
N LYS A 11 10.45 -37.62 24.71
CA LYS A 11 9.63 -38.71 25.21
C LYS A 11 9.97 -40.01 24.47
N ASP A 12 9.65 -41.14 25.12
CA ASP A 12 9.85 -42.44 24.51
C ASP A 12 8.90 -42.67 23.35
N THR A 13 7.70 -42.09 23.41
CA THR A 13 6.70 -42.17 22.36
C THR A 13 6.02 -40.82 22.21
N TYR A 14 5.50 -40.55 21.01
CA TYR A 14 4.71 -39.37 20.70
C TYR A 14 3.44 -39.78 19.98
N PRO A 15 2.32 -39.09 20.24
CA PRO A 15 1.11 -39.30 19.45
C PRO A 15 1.16 -38.46 18.17
N TYR A 16 0.20 -38.70 17.28
CA TYR A 16 -0.07 -37.70 16.27
C TYR A 16 -1.27 -36.88 16.72
N TYR A 17 -1.54 -35.78 16.00
CA TYR A 17 -2.60 -34.86 16.38
C TYR A 17 -3.66 -34.84 15.30
N LEU A 18 -4.86 -35.28 15.65
CA LEU A 18 -5.98 -35.39 14.73
C LEU A 18 -7.07 -34.46 15.26
N ALA A 19 -7.41 -33.45 14.47
CA ALA A 19 -8.42 -32.45 14.85
C ALA A 19 -8.16 -31.92 16.26
N ASN A 20 -6.93 -31.46 16.45
CA ASN A 20 -6.42 -30.74 17.61
C ASN A 20 -6.06 -31.63 18.79
N GLU A 21 -6.29 -32.96 18.73
CA GLU A 21 -6.14 -33.80 19.91
C GLU A 21 -5.17 -34.94 19.69
N ALA A 22 -4.47 -35.32 20.76
CA ALA A 22 -3.45 -36.36 20.67
C ALA A 22 -4.08 -37.75 20.51
N VAL A 23 -3.52 -38.53 19.58
CA VAL A 23 -3.94 -39.91 19.35
C VAL A 23 -2.70 -40.80 19.37
N TYR A 24 -2.62 -41.68 20.36
CA TYR A 24 -1.51 -42.63 20.46
C TYR A 24 -1.85 -43.91 19.67
N ALA A 25 -1.98 -43.73 18.35
CA ALA A 25 -2.57 -44.78 17.51
C ALA A 25 -1.67 -46.00 17.43
N ASN A 26 -0.36 -45.78 17.39
CA ASN A 26 0.62 -46.85 17.28
C ASN A 26 1.98 -46.25 17.59
N THR A 27 3.01 -47.09 17.56
CA THR A 27 4.40 -46.62 17.68
C THR A 27 5.21 -47.07 16.47
N ASP A 28 4.61 -46.99 15.27
CA ASP A 28 5.21 -47.64 14.12
C ASP A 28 6.33 -46.83 13.46
N LEU A 29 6.41 -45.51 13.69
CA LEU A 29 7.44 -44.69 13.05
C LEU A 29 8.62 -44.53 14.00
N GLU A 30 9.74 -45.19 13.67
CA GLU A 30 10.95 -45.05 14.46
C GLU A 30 11.72 -43.82 13.99
N VAL A 31 12.15 -42.99 14.94
CA VAL A 31 12.93 -41.80 14.64
C VAL A 31 14.32 -42.02 15.21
N THR A 32 15.34 -42.02 14.35
CA THR A 32 16.70 -42.28 14.79
C THR A 32 17.43 -40.99 15.16
N ASP A 33 18.36 -41.12 16.09
CA ASP A 33 19.40 -40.12 16.28
C ASP A 33 20.34 -40.19 15.09
N LYS A 34 20.45 -39.10 14.33
CA LYS A 34 21.16 -39.18 13.06
C LYS A 34 22.67 -39.25 13.23
N PHE A 35 23.20 -39.06 14.45
CA PHE A 35 24.62 -39.26 14.69
C PHE A 35 24.89 -40.65 15.24
N SER A 36 24.13 -41.09 16.25
CA SER A 36 24.37 -42.39 16.85
C SER A 36 23.77 -43.53 16.05
N GLY A 37 22.73 -43.26 15.27
CA GLY A 37 22.01 -44.30 14.57
C GLY A 37 20.99 -45.03 15.39
N LYS A 38 20.93 -44.79 16.70
CA LYS A 38 19.99 -45.50 17.56
C LYS A 38 18.58 -44.92 17.42
N VAL A 39 17.59 -45.75 17.71
CA VAL A 39 16.22 -45.27 17.76
C VAL A 39 16.08 -44.36 18.98
N ALA A 40 15.73 -43.09 18.74
CA ALA A 40 15.60 -42.11 19.81
C ALA A 40 14.18 -42.05 20.38
N THR A 41 13.17 -42.24 19.53
CA THR A 41 11.79 -42.22 19.97
C THR A 41 10.96 -42.90 18.89
N ARG A 42 9.71 -43.21 19.24
CA ARG A 42 8.77 -43.82 18.31
C ARG A 42 7.52 -42.97 18.29
N VAL A 43 7.00 -42.68 17.10
CA VAL A 43 5.83 -41.81 17.00
C VAL A 43 4.73 -42.52 16.23
N ALA A 44 3.51 -42.06 16.46
CA ALA A 44 2.35 -42.65 15.79
C ALA A 44 2.36 -42.29 14.30
N LEU A 45 2.18 -43.32 13.46
CA LEU A 45 2.15 -43.17 12.02
C LEU A 45 0.70 -43.13 11.56
N ALA A 46 0.32 -42.06 10.85
CA ALA A 46 -1.06 -41.91 10.37
C ALA A 46 -1.27 -42.71 9.09
N ASP A 47 -2.34 -43.51 9.04
CA ASP A 47 -2.67 -44.18 7.80
C ASP A 47 -3.68 -43.33 7.01
N ALA A 48 -4.08 -43.85 5.84
CA ALA A 48 -4.94 -43.05 4.96
C ALA A 48 -6.27 -42.73 5.63
N GLN A 49 -6.78 -43.61 6.49
CA GLN A 49 -8.04 -43.34 7.17
C GLN A 49 -7.91 -42.17 8.14
N ALA A 50 -6.77 -42.09 8.82
CA ALA A 50 -6.54 -40.95 9.71
C ALA A 50 -6.39 -39.66 8.91
N ILE A 51 -5.73 -39.73 7.76
CA ILE A 51 -5.58 -38.54 6.92
C ILE A 51 -6.95 -38.08 6.42
N ASP A 52 -7.76 -39.03 5.94
CA ASP A 52 -9.10 -38.69 5.48
C ASP A 52 -9.92 -38.07 6.61
N ALA A 53 -9.86 -38.63 7.82
CA ALA A 53 -10.60 -38.05 8.94
C ALA A 53 -10.12 -36.64 9.24
N ALA A 54 -8.81 -36.40 9.14
CA ALA A 54 -8.28 -35.07 9.38
C ALA A 54 -8.79 -34.07 8.36
N ILE A 55 -8.87 -34.48 7.09
CA ILE A 55 -9.38 -33.58 6.04
C ILE A 55 -10.84 -33.26 6.29
N GLY A 56 -11.64 -34.27 6.66
CA GLY A 56 -13.05 -34.01 6.93
C GLY A 56 -13.23 -33.07 8.11
N ALA A 57 -12.40 -33.22 9.14
CA ALA A 57 -12.47 -32.32 10.28
C ALA A 57 -12.05 -30.91 9.89
N ALA A 58 -11.06 -30.79 8.99
CA ALA A 58 -10.65 -29.48 8.53
C ALA A 58 -11.79 -28.78 7.79
N VAL A 59 -12.51 -29.52 6.95
CA VAL A 59 -13.67 -28.95 6.25
C VAL A 59 -14.68 -28.43 7.27
N ASP A 60 -14.95 -29.21 8.31
CA ASP A 60 -15.93 -28.80 9.31
C ASP A 60 -15.46 -27.58 10.10
N ALA A 61 -14.15 -27.34 10.18
CA ALA A 61 -13.60 -26.21 10.91
C ALA A 61 -13.51 -24.93 10.09
N VAL A 62 -13.86 -24.96 8.81
CA VAL A 62 -13.66 -23.79 7.95
C VAL A 62 -14.44 -22.58 8.48
N LYS A 63 -15.74 -22.75 8.74
CA LYS A 63 -16.53 -21.61 9.18
C LYS A 63 -16.11 -21.15 10.57
N PRO A 64 -15.92 -22.03 11.57
CA PRO A 64 -15.45 -21.54 12.87
C PRO A 64 -14.11 -20.81 12.82
N MET A 65 -13.17 -21.29 12.00
CA MET A 65 -11.90 -20.60 11.85
C MET A 65 -12.08 -19.24 11.19
N ARG A 66 -12.93 -19.18 10.15
CA ARG A 66 -13.19 -17.93 9.46
CA ARG A 66 -13.18 -17.92 9.47
C ARG A 66 -13.82 -16.90 10.38
N GLU A 67 -14.58 -17.33 11.37
CA GLU A 67 -15.26 -16.40 12.27
C GLU A 67 -14.42 -15.98 13.46
N LEU A 68 -13.30 -16.63 13.69
CA LEU A 68 -12.41 -16.26 14.78
CA LEU A 68 -12.40 -16.25 14.77
C LEU A 68 -11.88 -14.84 14.55
N PRO A 69 -12.10 -13.91 15.48
CA PRO A 69 -11.62 -12.54 15.27
C PRO A 69 -10.10 -12.47 15.25
N ALA A 70 -9.59 -11.42 14.61
CA ALA A 70 -8.13 -11.28 14.44
C ALA A 70 -7.40 -11.36 15.77
N TYR A 71 -7.91 -10.69 16.82
CA TYR A 71 -7.17 -10.68 18.08
C TYR A 71 -7.16 -12.07 18.73
N ARG A 72 -8.14 -12.92 18.43
CA ARG A 72 -8.10 -14.30 18.94
CA ARG A 72 -8.09 -14.29 18.95
C ARG A 72 -7.05 -15.12 18.21
N ARG A 73 -6.94 -14.95 16.88
CA ARG A 73 -5.88 -15.62 16.13
CA ARG A 73 -5.88 -15.63 16.15
C ARG A 73 -4.52 -15.17 16.62
N GLN A 74 -4.36 -13.86 16.86
CA GLN A 74 -3.12 -13.36 17.43
C GLN A 74 -2.83 -14.01 18.78
N ALA A 75 -3.85 -14.17 19.63
CA ALA A 75 -3.63 -14.74 20.95
C ALA A 75 -3.13 -16.16 20.87
N VAL A 76 -3.66 -16.94 19.90
CA VAL A 76 -3.16 -18.30 19.67
C VAL A 76 -1.68 -18.27 19.31
N LEU A 77 -1.32 -17.37 18.40
CA LEU A 77 0.09 -17.27 17.99
C LEU A 77 0.97 -16.84 19.15
N ASP A 78 0.49 -15.90 19.97
CA ASP A 78 1.26 -15.44 21.12
C ASP A 78 1.46 -16.56 22.14
N HIS A 79 0.43 -17.41 22.33
CA HIS A 79 0.60 -18.56 23.20
C HIS A 79 1.72 -19.47 22.72
N CYS A 80 1.77 -19.71 21.41
CA CYS A 80 2.86 -20.49 20.82
C CYS A 80 4.22 -19.86 21.11
N VAL A 81 4.35 -18.55 20.84
CA VAL A 81 5.61 -17.85 21.09
C VAL A 81 6.06 -18.04 22.53
N ALA A 82 5.14 -17.83 23.47
CA ALA A 82 5.48 -17.94 24.89
C ALA A 82 5.93 -19.36 25.23
N ARG A 83 5.23 -20.36 24.71
CA ARG A 83 5.55 -21.74 25.06
C ARG A 83 6.83 -22.21 24.38
N PHE A 84 7.10 -21.74 23.16
CA PHE A 84 8.36 -22.10 22.51
C PHE A 84 9.55 -21.53 23.28
N ARG A 85 9.40 -20.32 23.81
CA ARG A 85 10.44 -19.76 24.67
C ARG A 85 10.61 -20.60 25.94
N GLU A 86 9.50 -21.01 26.54
CA GLU A 86 9.58 -21.84 27.74
C GLU A 86 10.26 -23.18 27.45
N ARG A 87 10.03 -23.74 26.27
CA ARG A 87 10.50 -25.07 25.91
C ARG A 87 11.70 -25.02 24.95
N PHE A 88 12.46 -23.93 25.02
CA PHE A 88 13.51 -23.64 24.04
C PHE A 88 14.53 -24.78 23.99
N ASP A 89 15.06 -25.19 25.15
CA ASP A 89 16.09 -26.22 25.17
C ASP A 89 15.54 -27.57 24.74
N GLU A 90 14.28 -27.86 25.08
CA GLU A 90 13.65 -29.10 24.64
C GLU A 90 13.54 -29.15 23.12
N LEU A 91 13.06 -28.06 22.51
CA LEU A 91 12.96 -28.00 21.06
C LEU A 91 14.32 -28.13 20.40
N ALA A 92 15.33 -27.43 20.95
CA ALA A 92 16.67 -27.47 20.38
C ALA A 92 17.26 -28.86 20.45
N GLU A 93 17.09 -29.54 21.59
CA GLU A 93 17.65 -30.88 21.70
C GLU A 93 16.93 -31.85 20.77
N ALA A 94 15.61 -31.75 20.66
CA ALA A 94 14.88 -32.62 19.75
C ALA A 94 15.39 -32.45 18.33
N LEU A 95 15.60 -31.20 17.92
CA LEU A 95 16.11 -30.92 16.59
CA LEU A 95 16.13 -30.90 16.59
C LEU A 95 17.53 -31.47 16.42
N CYS A 96 18.37 -31.30 17.43
CA CYS A 96 19.72 -31.83 17.38
C CYS A 96 19.71 -33.34 17.16
N ILE A 97 18.86 -34.05 17.88
CA ILE A 97 18.82 -35.50 17.79
C ILE A 97 18.26 -35.94 16.43
N GLU A 98 17.04 -35.49 16.10
CA GLU A 98 16.35 -36.09 14.97
C GLU A 98 16.86 -35.60 13.62
N ALA A 99 17.48 -34.41 13.56
CA ALA A 99 18.08 -33.96 12.32
C ALA A 99 19.59 -34.07 12.32
N GLY A 100 20.20 -34.45 13.45
CA GLY A 100 21.65 -34.46 13.54
C GLY A 100 22.24 -33.07 13.40
N LYS A 101 21.50 -32.04 13.76
CA LYS A 101 21.89 -30.65 13.52
C LYS A 101 22.73 -30.15 14.70
N PRO A 102 23.93 -29.61 14.44
CA PRO A 102 24.77 -29.09 15.53
C PRO A 102 23.98 -28.23 16.51
N ILE A 103 24.22 -28.45 17.81
CA ILE A 103 23.34 -27.89 18.83
C ILE A 103 23.30 -26.37 18.76
N ASN A 104 24.44 -25.73 18.45
CA ASN A 104 24.44 -24.28 18.28
C ASN A 104 23.46 -23.85 17.20
N ASP A 105 23.43 -24.57 16.08
CA ASP A 105 22.55 -24.21 14.98
C ASP A 105 21.11 -24.64 15.24
N SER A 106 20.93 -25.73 15.98
CA SER A 106 19.59 -26.10 16.41
C SER A 106 18.98 -25.00 17.28
N ARG A 107 19.76 -24.48 18.23
CA ARG A 107 19.28 -23.35 19.02
C ARG A 107 18.93 -22.17 18.13
N GLY A 108 19.76 -21.93 17.09
CA GLY A 108 19.47 -20.86 16.15
C GLY A 108 18.15 -21.07 15.43
N GLU A 109 17.83 -22.31 15.09
CA GLU A 109 16.56 -22.54 14.39
C GLU A 109 15.37 -22.36 15.33
N VAL A 110 15.51 -22.72 16.60
CA VAL A 110 14.41 -22.47 17.54
C VAL A 110 14.19 -20.97 17.69
N THR A 111 15.26 -20.18 17.70
CA THR A 111 15.09 -18.72 17.71
C THR A 111 14.31 -18.26 16.48
N ARG A 112 14.60 -18.86 15.32
CA ARG A 112 13.88 -18.52 14.10
CA ARG A 112 13.87 -18.46 14.12
C ARG A 112 12.41 -18.93 14.16
N LEU A 113 12.15 -20.11 14.73
CA LEU A 113 10.78 -20.57 14.93
C LEU A 113 9.97 -19.54 15.69
N ILE A 114 10.55 -19.03 16.79
CA ILE A 114 9.90 -17.99 17.58
C ILE A 114 9.74 -16.71 16.76
N ASP A 115 10.79 -16.30 16.04
CA ASP A 115 10.73 -15.13 15.17
C ASP A 115 9.58 -15.24 14.17
N THR A 116 9.45 -16.42 13.54
CA THR A 116 8.43 -16.59 12.50
C THR A 116 7.03 -16.49 13.08
N PHE A 117 6.79 -17.13 14.23
CA PHE A 117 5.48 -16.97 14.88
C PHE A 117 5.24 -15.56 15.35
N ARG A 118 6.28 -14.83 15.77
CA ARG A 118 6.07 -13.46 16.21
CA ARG A 118 6.08 -13.45 16.21
C ARG A 118 5.68 -12.56 15.04
N VAL A 119 6.32 -12.74 13.87
CA VAL A 119 5.90 -11.98 12.69
C VAL A 119 4.44 -12.28 12.38
N ALA A 120 4.05 -13.56 12.45
CA ALA A 120 2.66 -13.92 12.18
C ALA A 120 1.71 -13.27 13.19
N SER A 121 2.11 -13.23 14.48
CA SER A 121 1.27 -12.57 15.48
C SER A 121 1.01 -11.12 15.11
N GLU A 122 2.05 -10.41 14.64
CA GLU A 122 1.89 -9.03 14.19
C GLU A 122 0.99 -8.92 12.97
N GLU A 123 1.21 -9.79 11.97
CA GLU A 123 0.45 -9.67 10.73
C GLU A 123 -1.00 -10.09 10.91
N ALA A 124 -1.30 -10.90 11.94
CA ALA A 124 -2.66 -11.40 12.11
C ALA A 124 -3.67 -10.27 12.32
N VAL A 125 -3.24 -9.13 12.87
CA VAL A 125 -4.16 -8.04 13.17
C VAL A 125 -4.08 -6.93 12.13
N ARG A 126 -3.43 -7.17 10.99
CA ARG A 126 -3.37 -6.13 9.97
C ARG A 126 -3.59 -6.70 8.57
N ILE A 127 -4.46 -7.70 8.46
CA ILE A 127 -4.87 -8.21 7.15
C ILE A 127 -5.94 -7.26 6.62
N ASP A 128 -5.51 -6.12 6.09
CA ASP A 128 -6.41 -5.06 5.67
C ASP A 128 -6.89 -5.29 4.24
N GLY A 129 -7.85 -4.49 3.82
CA GLY A 129 -8.34 -4.48 2.46
C GLY A 129 -8.28 -3.09 1.88
N GLU A 130 -8.94 -2.88 0.74
CA GLU A 130 -8.89 -1.62 0.04
C GLU A 130 -10.29 -1.11 -0.26
N VAL A 131 -10.42 0.22 -0.25
CA VAL A 131 -11.61 0.89 -0.78
C VAL A 131 -11.21 1.41 -2.15
N LEU A 132 -11.75 0.81 -3.21
CA LEU A 132 -11.28 1.07 -4.57
C LEU A 132 -12.17 2.09 -5.28
N ASN A 133 -11.54 3.09 -5.90
CA ASN A 133 -12.30 3.90 -6.85
C ASN A 133 -12.64 3.06 -8.06
N LEU A 134 -13.94 2.93 -8.34
CA LEU A 134 -14.40 2.26 -9.54
C LEU A 134 -14.97 3.23 -10.56
N GLU A 135 -15.10 4.52 -10.23
CA GLU A 135 -15.64 5.49 -11.17
C GLU A 135 -14.55 5.92 -12.16
N ILE A 136 -14.21 4.99 -13.05
CA ILE A 136 -13.22 5.27 -14.10
C ILE A 136 -13.87 5.66 -15.42
N SER A 137 -15.20 5.61 -15.51
CA SER A 137 -15.94 5.96 -16.71
C SER A 137 -17.39 6.14 -16.32
N ALA A 138 -18.16 6.79 -17.20
CA ALA A 138 -19.54 7.11 -16.88
C ALA A 138 -20.36 5.86 -16.56
N ARG A 139 -20.05 4.75 -17.23
CA ARG A 139 -20.81 3.51 -17.02
C ARG A 139 -20.72 3.07 -15.57
N ALA A 140 -19.63 3.38 -14.88
CA ALA A 140 -19.41 2.94 -13.52
C ALA A 140 -19.67 4.05 -12.50
N GLN A 141 -20.34 5.12 -12.91
CA GLN A 141 -20.70 6.17 -11.95
C GLN A 141 -21.55 5.58 -10.85
N GLY A 142 -21.19 5.88 -9.59
CA GLY A 142 -21.97 5.43 -8.46
C GLY A 142 -21.57 4.09 -7.89
N TYR A 143 -20.56 3.43 -8.43
CA TYR A 143 -20.06 2.16 -7.90
C TYR A 143 -18.77 2.37 -7.12
N THR A 144 -18.61 1.62 -6.03
CA THR A 144 -17.40 1.61 -5.22
C THR A 144 -17.06 0.17 -4.86
N GLY A 145 -15.77 -0.13 -4.78
CA GLY A 145 -15.30 -1.47 -4.43
C GLY A 145 -14.73 -1.51 -3.03
N TYR A 146 -14.96 -2.64 -2.35
CA TYR A 146 -14.39 -2.90 -1.03
C TYR A 146 -13.82 -4.32 -1.04
N THR A 147 -12.60 -4.50 -0.54
CA THR A 147 -11.99 -5.82 -0.57
C THR A 147 -11.67 -6.33 0.83
N ARG A 148 -11.58 -7.65 0.92
CA ARG A 148 -11.17 -8.36 2.12
C ARG A 148 -10.47 -9.63 1.69
N ARG A 149 -9.69 -10.22 2.59
CA ARG A 149 -9.04 -11.50 2.34
C ARG A 149 -9.75 -12.57 3.16
N VAL A 150 -10.35 -13.54 2.49
CA VAL A 150 -11.09 -14.63 3.12
CA VAL A 150 -11.05 -14.61 3.19
C VAL A 150 -10.17 -15.85 3.19
N PRO A 151 -10.13 -16.60 4.28
CA PRO A 151 -9.29 -17.81 4.29
C PRO A 151 -9.65 -18.72 3.13
N ILE A 152 -8.62 -19.31 2.50
CA ILE A 152 -8.87 -20.08 1.29
C ILE A 152 -9.60 -21.39 1.59
N GLY A 153 -9.47 -21.92 2.80
CA GLY A 153 -10.08 -23.17 3.15
C GLY A 153 -9.04 -24.11 3.71
N PRO A 154 -9.34 -25.42 3.74
CA PRO A 154 -8.36 -26.37 4.27
C PRO A 154 -7.08 -26.36 3.44
N CYS A 155 -5.95 -26.31 4.13
CA CYS A 155 -4.63 -26.27 3.50
C CYS A 155 -3.88 -27.56 3.80
N SER A 156 -3.18 -28.06 2.79
CA SER A 156 -2.31 -29.23 2.91
C SER A 156 -0.87 -28.74 2.94
N PHE A 157 -0.14 -29.10 4.00
CA PHE A 157 1.22 -28.61 4.24
C PHE A 157 2.17 -29.81 4.31
N ILE A 158 3.26 -29.75 3.56
CA ILE A 158 4.29 -30.79 3.56
C ILE A 158 5.64 -30.12 3.75
N SER A 159 6.44 -30.60 4.70
CA SER A 159 7.69 -29.96 5.08
C SER A 159 8.86 -30.95 5.05
N PRO A 160 10.11 -30.43 4.98
CA PRO A 160 11.26 -31.33 4.79
C PRO A 160 12.03 -31.60 6.07
N PHE A 161 13.14 -32.35 5.95
CA PHE A 161 13.82 -32.80 7.16
C PHE A 161 14.75 -31.76 7.75
N ASN A 162 15.23 -30.78 6.96
CA ASN A 162 16.47 -30.14 7.38
C ASN A 162 16.26 -28.93 8.28
N PHE A 163 15.21 -28.13 8.06
CA PHE A 163 14.81 -27.07 8.98
C PHE A 163 13.38 -27.38 9.39
N PRO A 164 13.17 -28.48 10.13
CA PRO A 164 11.80 -28.96 10.32
C PRO A 164 10.95 -28.03 11.16
N LEU A 165 11.52 -27.35 12.14
CA LEU A 165 10.74 -26.41 12.95
C LEU A 165 10.37 -25.18 12.13
N ASN A 166 11.37 -24.48 11.58
CA ASN A 166 11.07 -23.19 10.99
C ASN A 166 10.32 -23.31 9.68
N LEU A 167 10.57 -24.35 8.88
CA LEU A 167 9.83 -24.46 7.63
C LEU A 167 8.39 -24.92 7.86
N ALA A 168 8.14 -25.69 8.92
CA ALA A 168 6.75 -25.92 9.31
C ALA A 168 6.11 -24.61 9.76
N ALA A 169 6.85 -23.79 10.52
CA ALA A 169 6.32 -22.53 11.02
C ALA A 169 5.92 -21.60 9.89
N HIS A 170 6.66 -21.61 8.77
CA HIS A 170 6.33 -20.73 7.65
C HIS A 170 5.04 -21.13 6.95
N LYS A 171 4.46 -22.28 7.28
CA LYS A 171 3.12 -22.64 6.82
C LYS A 171 2.07 -22.54 7.93
N VAL A 172 2.38 -23.10 9.09
CA VAL A 172 1.45 -23.15 10.22
C VAL A 172 1.11 -21.74 10.69
N ALA A 173 2.14 -20.90 10.93
CA ALA A 173 1.88 -19.61 11.53
C ALA A 173 1.04 -18.71 10.64
N PRO A 174 1.33 -18.59 9.34
CA PRO A 174 0.43 -17.78 8.48
C PRO A 174 -0.94 -18.38 8.33
N ALA A 175 -1.05 -19.71 8.33
CA ALA A 175 -2.38 -20.32 8.26
C ALA A 175 -3.24 -19.90 9.43
N LEU A 176 -2.66 -19.88 10.64
CA LEU A 176 -3.41 -19.44 11.81
C LEU A 176 -3.76 -17.96 11.72
N ALA A 177 -2.80 -17.14 11.26
CA ALA A 177 -3.07 -15.72 11.07
C ALA A 177 -4.18 -15.49 10.07
N ALA A 178 -4.21 -16.29 8.99
CA ALA A 178 -5.18 -16.12 7.92
C ALA A 178 -6.53 -16.74 8.24
N GLY A 179 -6.59 -17.66 9.20
CA GLY A 179 -7.83 -18.32 9.54
C GLY A 179 -8.12 -19.59 8.78
N CYS A 180 -7.08 -20.33 8.33
CA CYS A 180 -7.23 -21.57 7.56
C CYS A 180 -7.03 -22.78 8.45
N PRO A 181 -7.95 -23.74 8.46
CA PRO A 181 -7.62 -25.07 8.98
C PRO A 181 -6.53 -25.69 8.10
N PHE A 182 -5.70 -26.53 8.71
CA PHE A 182 -4.62 -27.14 7.94
C PHE A 182 -4.31 -28.54 8.45
N VAL A 183 -3.71 -29.34 7.57
CA VAL A 183 -3.19 -30.65 7.92
C VAL A 183 -1.72 -30.65 7.49
N LEU A 184 -0.82 -30.84 8.46
CA LEU A 184 0.63 -30.79 8.21
C LEU A 184 1.19 -32.21 8.25
N LYS A 185 1.94 -32.57 7.21
CA LYS A 185 2.70 -33.81 7.18
C LYS A 185 4.18 -33.46 7.29
N PRO A 186 4.81 -33.65 8.43
CA PRO A 186 6.25 -33.40 8.54
C PRO A 186 7.04 -34.51 7.86
N ALA A 187 8.33 -34.27 7.72
CA ALA A 187 9.22 -35.32 7.23
C ALA A 187 9.30 -36.46 8.24
N SER A 188 9.22 -37.70 7.71
CA SER A 188 9.19 -38.86 8.60
C SER A 188 10.51 -39.03 9.35
N ARG A 189 11.61 -38.54 8.77
CA ARG A 189 12.89 -38.60 9.47
C ARG A 189 12.95 -37.62 10.63
N THR A 190 12.12 -36.56 10.61
CA THR A 190 12.18 -35.49 11.62
C THR A 190 10.77 -35.03 11.99
N PRO A 191 9.94 -35.91 12.57
CA PRO A 191 8.57 -35.50 12.94
C PRO A 191 8.40 -34.87 14.31
N VAL A 192 9.38 -34.99 15.21
CA VAL A 192 9.13 -34.68 16.61
C VAL A 192 8.90 -33.19 16.81
N GLY A 193 9.70 -32.34 16.15
CA GLY A 193 9.50 -30.90 16.30
C GLY A 193 8.09 -30.47 15.95
N ALA A 194 7.57 -30.95 14.81
CA ALA A 194 6.20 -30.64 14.41
C ALA A 194 5.19 -31.13 15.44
N LEU A 195 5.45 -32.28 16.07
CA LEU A 195 4.52 -32.79 17.08
C LEU A 195 4.60 -32.00 18.39
N ILE A 196 5.74 -31.38 18.68
CA ILE A 196 5.79 -30.47 19.83
C ILE A 196 5.02 -29.18 19.52
N ILE A 197 5.18 -28.66 18.31
CA ILE A 197 4.35 -27.54 17.85
C ILE A 197 2.87 -27.90 18.00
N ALA A 198 2.50 -29.12 17.58
CA ALA A 198 1.11 -29.56 17.68
C ALA A 198 0.64 -29.63 19.13
N GLU A 199 1.49 -30.13 20.03
CA GLU A 199 1.12 -30.22 21.44
C GLU A 199 0.84 -28.83 22.01
N VAL A 200 1.67 -27.85 21.64
CA VAL A 200 1.46 -26.47 22.09
C VAL A 200 0.15 -25.91 21.53
N LEU A 201 -0.11 -26.12 20.24
CA LEU A 201 -1.38 -25.67 19.65
C LEU A 201 -2.57 -26.36 20.31
N ALA A 202 -2.41 -27.60 20.75
CA ALA A 202 -3.51 -28.32 21.38
C ALA A 202 -3.92 -27.72 22.70
N GLU A 203 -3.06 -26.89 23.31
CA GLU A 203 -3.39 -26.17 24.54
C GLU A 203 -4.30 -24.98 24.31
N THR A 204 -4.51 -24.57 23.06
CA THR A 204 -5.29 -23.36 22.78
C THR A 204 -6.75 -23.69 22.55
N ASN A 205 -7.55 -22.62 22.47
CA ASN A 205 -8.98 -22.67 22.24
C ASN A 205 -9.38 -22.77 20.78
N LEU A 206 -8.50 -23.22 19.90
CA LEU A 206 -8.84 -23.30 18.50
C LEU A 206 -10.03 -24.23 18.28
N PRO A 207 -10.90 -23.92 17.33
CA PRO A 207 -12.01 -24.84 17.01
CA PRO A 207 -12.01 -24.86 17.04
C PRO A 207 -11.47 -26.22 16.62
N LYS A 208 -12.19 -27.27 17.03
CA LYS A 208 -11.76 -28.62 16.67
C LYS A 208 -11.77 -28.80 15.16
N GLY A 209 -10.67 -29.35 14.64
CA GLY A 209 -10.43 -29.44 13.22
C GLY A 209 -9.57 -28.33 12.66
N ALA A 210 -9.24 -27.32 13.47
CA ALA A 210 -8.33 -26.27 13.01
C ALA A 210 -6.99 -26.85 12.56
N PHE A 211 -6.51 -27.92 13.21
CA PHE A 211 -5.23 -28.47 12.78
C PHE A 211 -5.16 -29.95 13.03
N SER A 212 -4.41 -30.63 12.17
CA SER A 212 -3.91 -31.96 12.41
C SER A 212 -2.43 -31.98 12.02
N VAL A 213 -1.62 -32.75 12.76
CA VAL A 213 -0.23 -32.95 12.41
C VAL A 213 -0.03 -34.46 12.35
N LEU A 214 0.20 -34.99 11.15
CA LEU A 214 0.13 -36.42 10.89
C LEU A 214 1.42 -36.91 10.24
N PRO A 215 2.27 -37.62 10.97
CA PRO A 215 3.41 -38.27 10.32
C PRO A 215 2.91 -39.34 9.36
N ALA A 216 3.53 -39.39 8.18
CA ALA A 216 3.18 -40.37 7.16
C ALA A 216 4.30 -40.40 6.14
N HIS A 217 4.68 -41.61 5.71
CA HIS A 217 5.67 -41.73 4.66
C HIS A 217 5.12 -41.27 3.32
N ARG A 218 6.01 -40.83 2.43
CA ARG A 218 5.60 -40.37 1.10
C ARG A 218 4.70 -41.39 0.41
N ASP A 219 5.00 -42.69 0.54
CA ASP A 219 4.21 -43.70 -0.16
C ASP A 219 2.80 -43.86 0.41
N GLY A 220 2.52 -43.30 1.59
CA GLY A 220 1.18 -43.34 2.13
C GLY A 220 0.51 -41.98 2.16
N ALA A 221 1.05 -41.02 1.42
CA ALA A 221 0.67 -39.62 1.57
C ALA A 221 -0.03 -39.05 0.34
N ASP A 222 -0.64 -39.90 -0.50
CA ASP A 222 -1.25 -39.41 -1.73
C ASP A 222 -2.31 -38.34 -1.46
N LEU A 223 -3.10 -38.50 -0.40
CA LEU A 223 -4.23 -37.59 -0.18
C LEU A 223 -3.78 -36.16 0.10
N PHE A 224 -2.56 -35.98 0.61
CA PHE A 224 -2.06 -34.62 0.83
C PHE A 224 -1.97 -33.84 -0.47
N THR A 225 -1.80 -34.54 -1.59
CA THR A 225 -1.74 -33.88 -2.89
C THR A 225 -3.07 -33.91 -3.63
N THR A 226 -3.78 -35.04 -3.60
CA THR A 226 -4.90 -35.24 -4.53
C THR A 226 -6.28 -34.95 -3.93
N ASP A 227 -6.45 -34.94 -2.61
CA ASP A 227 -7.81 -34.77 -2.09
C ASP A 227 -8.35 -33.40 -2.48
N GLU A 228 -9.54 -33.40 -3.09
CA GLU A 228 -10.08 -32.15 -3.61
C GLU A 228 -10.65 -31.24 -2.54
N ARG A 229 -10.77 -31.71 -1.29
CA ARG A 229 -11.24 -30.83 -0.23
C ARG A 229 -10.18 -29.84 0.23
N PHE A 230 -8.90 -30.14 -0.05
CA PHE A 230 -7.84 -29.17 0.17
C PHE A 230 -7.91 -28.10 -0.92
N ARG A 231 -7.84 -26.83 -0.53
CA ARG A 231 -7.87 -25.73 -1.50
C ARG A 231 -6.48 -25.20 -1.85
N LEU A 232 -5.46 -25.59 -1.08
CA LEU A 232 -4.09 -25.19 -1.29
C LEU A 232 -3.20 -26.34 -0.87
N LEU A 233 -2.21 -26.66 -1.71
CA LEU A 233 -1.08 -27.49 -1.32
C LEU A 233 0.14 -26.59 -1.26
N SER A 234 0.80 -26.53 -0.10
CA SER A 234 2.04 -25.77 0.02
C SER A 234 3.12 -26.76 0.44
N PHE A 235 4.08 -26.97 -0.47
CA PHE A 235 5.09 -28.02 -0.37
C PHE A 235 6.46 -27.39 -0.27
N THR A 236 7.22 -27.80 0.75
CA THR A 236 8.65 -27.46 0.86
C THR A 236 9.46 -28.74 0.84
N GLY A 237 10.35 -28.87 -0.13
CA GLY A 237 11.10 -30.11 -0.29
C GLY A 237 11.87 -30.09 -1.60
N SER A 238 12.20 -31.28 -2.08
CA SER A 238 13.08 -31.40 -3.25
C SER A 238 12.35 -31.03 -4.54
N PRO A 239 13.07 -30.44 -5.50
CA PRO A 239 12.44 -30.13 -6.79
C PRO A 239 11.84 -31.34 -7.47
N ALA A 240 12.52 -32.49 -7.44
CA ALA A 240 12.00 -33.66 -8.13
C ALA A 240 10.63 -34.05 -7.59
N VAL A 241 10.42 -33.93 -6.29
CA VAL A 241 9.12 -34.24 -5.71
C VAL A 241 8.12 -33.12 -6.00
N GLY A 242 8.52 -31.87 -5.74
CA GLY A 242 7.59 -30.76 -5.83
C GLY A 242 6.93 -30.63 -7.19
N TRP A 243 7.73 -30.71 -8.27
CA TRP A 243 7.14 -30.56 -9.60
C TRP A 243 6.25 -31.75 -9.95
N ALA A 244 6.56 -32.93 -9.42
CA ALA A 244 5.71 -34.09 -9.64
C ALA A 244 4.38 -33.93 -8.92
N LEU A 245 4.38 -33.37 -7.70
CA LEU A 245 3.14 -33.20 -6.96
C LEU A 245 2.25 -32.15 -7.63
N LYS A 246 2.85 -31.10 -8.20
CA LYS A 246 2.05 -30.11 -8.93
C LYS A 246 1.23 -30.77 -10.02
N GLU A 247 1.82 -31.75 -10.73
CA GLU A 247 1.10 -32.42 -11.81
C GLU A 247 -0.09 -33.22 -11.31
N LYS A 248 -0.07 -33.66 -10.06
CA LYS A 248 -1.11 -34.52 -9.50
C LYS A 248 -2.11 -33.76 -8.63
N ALA A 249 -1.93 -32.45 -8.46
CA ALA A 249 -2.65 -31.72 -7.42
C ALA A 249 -4.12 -31.51 -7.76
N GLY A 250 -4.51 -31.59 -9.03
CA GLY A 250 -5.90 -31.30 -9.36
C GLY A 250 -6.21 -29.82 -9.36
N LYS A 251 -7.37 -29.43 -8.84
CA LYS A 251 -7.82 -28.04 -8.95
C LYS A 251 -7.16 -27.09 -7.96
N LYS A 252 -6.63 -27.60 -6.86
CA LYS A 252 -6.14 -26.74 -5.79
C LYS A 252 -4.99 -25.86 -6.26
N LYS A 253 -4.86 -24.71 -5.60
CA LYS A 253 -3.66 -23.89 -5.76
C LYS A 253 -2.44 -24.64 -5.24
N VAL A 254 -1.29 -24.41 -5.88
CA VAL A 254 -0.04 -25.07 -5.52
C VAL A 254 1.03 -24.01 -5.28
N VAL A 255 1.72 -24.11 -4.14
CA VAL A 255 2.89 -23.31 -3.81
C VAL A 255 4.04 -24.27 -3.58
N LEU A 256 5.20 -23.98 -4.18
CA LEU A 256 6.36 -24.86 -4.12
C LEU A 256 7.58 -24.08 -3.62
N GLU A 257 8.24 -24.62 -2.58
CA GLU A 257 9.49 -24.08 -2.06
C GLU A 257 10.53 -25.17 -2.21
N LEU A 258 11.42 -25.04 -3.20
CA LEU A 258 12.29 -26.16 -3.57
C LEU A 258 13.76 -25.83 -3.37
N GLY A 259 14.65 -26.40 -4.18
CA GLY A 259 16.08 -26.35 -3.91
C GLY A 259 16.89 -25.70 -5.02
N GLY A 260 18.22 -25.77 -4.93
CA GLY A 260 19.06 -25.16 -5.95
C GLY A 260 20.53 -25.39 -5.65
N ASN A 261 21.38 -24.81 -6.49
CA ASN A 261 22.83 -24.89 -6.36
C ASN A 261 23.39 -23.47 -6.21
N ALA A 262 23.10 -22.83 -5.07
CA ALA A 262 23.28 -21.39 -4.93
C ALA A 262 24.73 -20.97 -5.08
N ALA A 263 24.92 -19.81 -5.71
CA ALA A 263 26.24 -19.24 -5.99
C ALA A 263 26.48 -17.96 -5.20
N ALA A 264 27.75 -17.72 -4.86
CA ALA A 264 28.20 -16.44 -4.32
C ALA A 264 29.29 -15.89 -5.22
N ILE A 265 29.18 -14.60 -5.57
CA ILE A 265 30.19 -13.89 -6.36
C ILE A 265 31.02 -13.01 -5.43
N VAL A 266 32.34 -13.07 -5.58
CA VAL A 266 33.26 -12.17 -4.86
C VAL A 266 33.86 -11.22 -5.89
N ASP A 267 33.51 -9.95 -5.79
CA ASP A 267 33.91 -8.93 -6.76
C ASP A 267 35.35 -8.47 -6.52
N ALA A 268 35.86 -7.72 -7.49
CA ALA A 268 37.25 -7.28 -7.50
C ALA A 268 37.59 -6.29 -6.38
N ASP A 269 36.59 -5.68 -5.74
CA ASP A 269 36.80 -4.62 -4.76
C ASP A 269 36.82 -5.14 -3.32
N GLN A 270 36.96 -6.44 -3.12
CA GLN A 270 36.76 -7.05 -1.80
C GLN A 270 38.05 -7.33 -1.04
N PHE A 271 39.22 -6.88 -1.53
CA PHE A 271 40.47 -7.29 -0.88
C PHE A 271 40.49 -6.95 0.61
N GLU A 272 40.05 -5.75 0.96
CA GLU A 272 40.15 -5.29 2.34
C GLU A 272 39.22 -6.02 3.30
N GLN A 273 38.21 -6.75 2.81
CA GLN A 273 37.37 -7.50 3.74
C GLN A 273 37.34 -8.98 3.40
N LEU A 274 38.47 -9.51 2.92
CA LEU A 274 38.51 -10.92 2.54
C LEU A 274 38.24 -11.84 3.73
N ASP A 275 38.72 -11.49 4.93
CA ASP A 275 38.46 -12.36 6.08
C ASP A 275 36.97 -12.45 6.37
N TYR A 276 36.26 -11.32 6.26
CA TYR A 276 34.81 -11.35 6.42
C TYR A 276 34.16 -12.21 5.35
N VAL A 277 34.57 -12.01 4.10
CA VAL A 277 34.00 -12.77 2.98
C VAL A 277 34.21 -14.26 3.19
N VAL A 278 35.46 -14.64 3.50
CA VAL A 278 35.79 -16.05 3.71
C VAL A 278 34.97 -16.64 4.85
N ASP A 279 34.78 -15.87 5.94
CA ASP A 279 33.98 -16.38 7.05
C ASP A 279 32.55 -16.65 6.62
N ARG A 280 31.97 -15.75 5.81
CA ARG A 280 30.58 -15.94 5.38
C ARG A 280 30.47 -17.04 4.33
N LEU A 281 31.46 -17.18 3.45
CA LEU A 281 31.47 -18.30 2.50
C LEU A 281 31.50 -19.63 3.22
N ALA A 282 32.37 -19.75 4.24
CA ALA A 282 32.45 -21.00 5.00
C ALA A 282 31.15 -21.27 5.74
N PHE A 283 30.55 -20.23 6.34
CA PHE A 283 29.25 -20.39 6.96
C PHE A 283 28.22 -20.90 5.95
N GLY A 284 28.14 -20.23 4.79
CA GLY A 284 27.09 -20.57 3.84
C GLY A 284 27.29 -21.95 3.23
N ALA A 285 28.54 -22.34 2.98
CA ALA A 285 28.81 -23.63 2.37
C ALA A 285 28.63 -24.79 3.33
N TYR A 286 28.96 -24.59 4.61
CA TYR A 286 29.10 -25.70 5.51
C TYR A 286 28.17 -25.68 6.72
N TYR A 287 27.39 -24.61 6.92
CA TYR A 287 26.36 -24.60 7.96
C TYR A 287 25.45 -25.80 7.78
N GLN A 288 25.19 -26.50 8.89
CA GLN A 288 24.41 -27.73 8.88
C GLN A 288 24.92 -28.69 7.81
N SER A 289 26.24 -28.73 7.65
CA SER A 289 26.92 -29.59 6.69
C SER A 289 26.37 -29.40 5.28
N GLY A 290 26.03 -28.17 4.95
CA GLY A 290 25.53 -27.86 3.62
C GLY A 290 24.11 -28.30 3.35
N GLN A 291 23.39 -28.78 4.36
CA GLN A 291 22.02 -29.26 4.17
C GLN A 291 21.05 -28.10 4.34
N SER A 292 21.14 -27.17 3.39
CA SER A 292 20.33 -25.98 3.33
C SER A 292 19.90 -25.73 1.89
N CYS A 293 18.65 -25.33 1.71
CA CYS A 293 18.15 -24.99 0.38
C CYS A 293 18.82 -23.75 -0.22
N ILE A 294 19.56 -22.99 0.58
CA ILE A 294 20.32 -21.86 0.05
C ILE A 294 21.78 -21.95 0.49
N GLY A 295 22.25 -23.18 0.77
CA GLY A 295 23.65 -23.36 1.04
C GLY A 295 24.52 -22.95 -0.14
N VAL A 296 25.68 -22.39 0.16
CA VAL A 296 26.61 -22.01 -0.89
C VAL A 296 27.22 -23.26 -1.51
N GLN A 297 26.97 -23.46 -2.80
CA GLN A 297 27.55 -24.58 -3.54
C GLN A 297 28.62 -24.14 -4.53
N ARG A 298 28.50 -22.94 -5.09
CA ARG A 298 29.41 -22.44 -6.12
C ARG A 298 29.92 -21.09 -5.69
N ILE A 299 31.23 -20.89 -5.81
CA ILE A 299 31.88 -19.65 -5.37
C ILE A 299 32.67 -19.11 -6.55
N LEU A 300 32.27 -17.94 -7.06
CA LEU A 300 32.89 -17.31 -8.22
C LEU A 300 33.68 -16.10 -7.73
N VAL A 301 35.00 -16.11 -7.96
CA VAL A 301 35.90 -15.13 -7.35
C VAL A 301 36.67 -14.39 -8.44
N HIS A 302 36.72 -13.06 -8.34
CA HIS A 302 37.46 -12.28 -9.32
C HIS A 302 38.93 -12.71 -9.35
N ALA A 303 39.48 -12.80 -10.56
CA ALA A 303 40.82 -13.37 -10.71
C ALA A 303 41.87 -12.58 -9.94
N SER A 304 41.65 -11.28 -9.73
CA SER A 304 42.65 -10.47 -9.03
C SER A 304 42.84 -10.89 -7.58
N LEU A 305 41.82 -11.47 -6.96
CA LEU A 305 41.79 -11.89 -5.56
CA LEU A 305 42.00 -11.90 -5.57
C LEU A 305 41.78 -13.40 -5.38
N TYR A 306 41.72 -14.16 -6.47
CA TYR A 306 41.45 -15.59 -6.39
C TYR A 306 42.46 -16.33 -5.50
N ASP A 307 43.76 -16.11 -5.73
CA ASP A 307 44.76 -16.88 -5.00
C ASP A 307 44.73 -16.58 -3.51
N THR A 308 44.57 -15.30 -3.14
CA THR A 308 44.53 -14.97 -1.71
C THR A 308 43.27 -15.50 -1.05
N LEU A 309 42.12 -15.32 -1.70
CA LEU A 309 40.89 -15.88 -1.14
C LEU A 309 40.99 -17.39 -1.02
N ARG A 310 41.54 -18.05 -2.05
CA ARG A 310 41.65 -19.50 -2.00
CA ARG A 310 41.66 -19.50 -2.01
C ARG A 310 42.45 -19.96 -0.80
N ASP A 311 43.61 -19.34 -0.56
CA ASP A 311 44.43 -19.71 0.59
C ASP A 311 43.65 -19.55 1.90
N LYS A 312 42.97 -18.40 2.05
CA LYS A 312 42.20 -18.15 3.26
C LYS A 312 41.05 -19.13 3.41
N LEU A 313 40.34 -19.41 2.30
CA LEU A 313 39.18 -20.30 2.39
C LEU A 313 39.60 -21.74 2.64
N VAL A 314 40.72 -22.16 2.08
CA VAL A 314 41.25 -23.49 2.37
C VAL A 314 41.56 -23.60 3.87
N ALA A 315 42.22 -22.58 4.42
CA ALA A 315 42.56 -22.62 5.85
C ALA A 315 41.29 -22.61 6.71
N LYS A 316 40.33 -21.75 6.36
CA LYS A 316 39.09 -21.69 7.12
C LYS A 316 38.34 -23.02 7.04
N THR A 317 38.25 -23.60 5.85
CA THR A 317 37.53 -24.87 5.67
C THR A 317 38.18 -25.98 6.49
N ARG A 318 39.50 -26.05 6.48
CA ARG A 318 40.20 -27.06 7.26
C ARG A 318 39.97 -26.87 8.76
N SER A 319 39.68 -25.64 9.20
CA SER A 319 39.54 -25.37 10.62
C SER A 319 38.19 -25.81 11.19
N LEU A 320 37.22 -26.14 10.34
CA LEU A 320 35.86 -26.40 10.82
C LEU A 320 35.78 -27.78 11.49
N LYS A 321 35.26 -27.78 12.72
CA LYS A 321 35.20 -29.00 13.52
C LYS A 321 34.04 -29.90 13.07
N MET A 322 34.34 -31.18 12.81
CA MET A 322 33.35 -32.18 12.46
C MET A 322 33.16 -33.16 13.61
N GLY A 323 31.92 -33.55 13.87
CA GLY A 323 31.73 -34.58 14.89
C GLY A 323 30.31 -34.59 15.43
N ASP A 324 30.21 -35.01 16.69
CA ASP A 324 28.93 -35.15 17.38
C ASP A 324 28.19 -33.81 17.39
N PRO A 325 26.97 -33.74 16.88
CA PRO A 325 26.23 -32.46 16.91
C PRO A 325 25.86 -32.01 18.31
N LYS A 326 25.93 -32.90 19.32
CA LYS A 326 25.70 -32.49 20.70
C LYS A 326 26.87 -31.69 21.26
N ASP A 327 28.02 -31.76 20.62
CA ASP A 327 29.19 -31.01 21.06
C ASP A 327 29.04 -29.56 20.60
N PRO A 328 29.06 -28.58 21.51
CA PRO A 328 28.89 -27.18 21.07
C PRO A 328 30.03 -26.67 20.21
N SER A 329 31.15 -27.40 20.10
CA SER A 329 32.21 -27.00 19.19
C SER A 329 32.04 -27.58 17.79
N THR A 330 31.06 -28.46 17.58
CA THR A 330 30.86 -29.04 16.27
C THR A 330 30.20 -28.04 15.33
N PHE A 331 30.80 -27.87 14.15
CA PHE A 331 30.15 -27.13 13.08
C PHE A 331 29.63 -28.03 11.98
N VAL A 332 30.33 -29.12 11.68
CA VAL A 332 29.93 -30.06 10.63
C VAL A 332 29.44 -31.34 11.32
N GLY A 333 28.12 -31.53 11.38
CA GLY A 333 27.57 -32.77 11.88
C GLY A 333 27.39 -33.78 10.76
N PRO A 334 26.75 -34.90 11.07
CA PRO A 334 26.52 -35.94 10.05
C PRO A 334 25.56 -35.47 8.97
N MET A 335 25.78 -35.96 7.76
CA MET A 335 24.71 -35.85 6.78
C MET A 335 23.54 -36.74 7.20
N ILE A 336 22.38 -36.52 6.56
CA ILE A 336 21.14 -37.10 7.04
C ILE A 336 21.13 -38.62 6.92
N SER A 337 21.92 -39.20 6.01
CA SER A 337 21.99 -40.65 5.89
C SER A 337 23.26 -41.04 5.13
N GLU A 338 23.68 -42.29 5.32
CA GLU A 338 24.80 -42.82 4.54
C GLU A 338 24.49 -42.81 3.05
N SER A 339 23.23 -43.04 2.67
CA SER A 339 22.91 -43.05 1.25
CA SER A 339 22.87 -43.03 1.26
C SER A 339 23.06 -41.66 0.64
N GLU A 340 22.73 -40.61 1.39
CA GLU A 340 22.91 -39.26 0.86
C GLU A 340 24.39 -38.89 0.79
N SER A 341 25.17 -39.36 1.76
CA SER A 341 26.62 -39.16 1.72
C SER A 341 27.22 -39.86 0.51
N ARG A 342 26.77 -41.09 0.22
CA ARG A 342 27.29 -41.81 -0.93
C ARG A 342 26.90 -41.15 -2.24
N ARG A 343 25.70 -40.57 -2.32
CA ARG A 343 25.32 -39.81 -3.51
C ARG A 343 26.31 -38.69 -3.78
N LEU A 344 26.55 -37.86 -2.77
CA LEU A 344 27.42 -36.70 -2.95
C LEU A 344 28.87 -37.11 -3.17
N SER A 345 29.35 -38.12 -2.43
CA SER A 345 30.72 -38.57 -2.65
CA SER A 345 30.71 -38.61 -2.64
C SER A 345 30.89 -39.14 -4.05
N GLY A 346 29.85 -39.77 -4.62
CA GLY A 346 29.95 -40.26 -5.99
C GLY A 346 30.08 -39.14 -7.00
N TRP A 347 29.30 -38.06 -6.82
CA TRP A 347 29.46 -36.88 -7.67
C TRP A 347 30.85 -36.27 -7.51
N MET A 348 31.36 -36.24 -6.28
CA MET A 348 32.69 -35.70 -6.04
C MET A 348 33.74 -36.53 -6.77
N ASP A 349 33.65 -37.86 -6.64
CA ASP A 349 34.59 -38.74 -7.34
C ASP A 349 34.54 -38.51 -8.85
N ALA A 350 33.33 -38.34 -9.40
CA ALA A 350 33.21 -38.13 -10.84
C ALA A 350 33.84 -36.82 -11.28
N ALA A 351 33.66 -35.76 -10.48
CA ALA A 351 34.27 -34.48 -10.82
C ALA A 351 35.78 -34.58 -10.81
N VAL A 352 36.34 -35.26 -9.81
CA VAL A 352 37.79 -35.43 -9.72
C VAL A 352 38.31 -36.26 -10.89
N ALA A 353 37.57 -37.31 -11.26
CA ALA A 353 37.99 -38.14 -12.40
C ALA A 353 38.00 -37.34 -13.69
N ALA A 354 37.15 -36.32 -13.80
CA ALA A 354 37.09 -35.45 -14.96
C ALA A 354 38.00 -34.24 -14.85
N GLY A 355 38.88 -34.20 -13.85
CA GLY A 355 39.92 -33.20 -13.77
C GLY A 355 39.85 -32.25 -12.60
N ALA A 356 38.83 -32.33 -11.76
CA ALA A 356 38.73 -31.44 -10.61
C ALA A 356 39.76 -31.85 -9.54
N LYS A 357 40.02 -30.90 -8.63
CA LYS A 357 41.01 -31.07 -7.58
C LYS A 357 40.37 -30.75 -6.24
N ILE A 358 40.50 -31.67 -5.28
CA ILE A 358 40.14 -31.39 -3.91
C ILE A 358 41.25 -30.58 -3.28
N ILE A 359 40.92 -29.38 -2.78
CA ILE A 359 41.92 -28.50 -2.17
C ILE A 359 41.71 -28.31 -0.68
N ALA A 360 40.60 -28.80 -0.12
CA ALA A 360 40.44 -28.89 1.32
C ALA A 360 39.46 -30.01 1.62
N GLY A 361 39.75 -30.79 2.67
CA GLY A 361 38.81 -31.82 3.07
C GLY A 361 38.84 -33.03 2.14
N GLY A 362 37.65 -33.56 1.85
CA GLY A 362 37.51 -34.69 0.96
C GLY A 362 37.29 -36.04 1.61
N LYS A 363 37.52 -36.18 2.93
CA LYS A 363 37.36 -37.49 3.56
C LYS A 363 35.91 -37.74 3.92
N VAL A 364 35.41 -38.93 3.57
CA VAL A 364 34.04 -39.33 3.84
C VAL A 364 34.08 -40.65 4.61
N ASP A 365 33.39 -40.70 5.75
CA ASP A 365 33.32 -41.92 6.56
C ASP A 365 31.86 -42.13 6.96
N GLY A 366 31.16 -42.99 6.23
CA GLY A 366 29.73 -43.13 6.47
C GLY A 366 29.03 -41.82 6.16
N ALA A 367 28.21 -41.37 7.11
CA ALA A 367 27.55 -40.09 6.96
C ALA A 367 28.39 -38.91 7.42
N MET A 368 29.60 -39.14 7.92
CA MET A 368 30.49 -38.05 8.33
C MET A 368 31.31 -37.60 7.13
N PHE A 369 30.85 -36.52 6.50
CA PHE A 369 31.47 -35.94 5.31
C PHE A 369 32.15 -34.64 5.73
N GLU A 370 33.48 -34.58 5.62
CA GLU A 370 34.09 -33.35 6.13
CA GLU A 370 34.24 -33.39 6.01
C GLU A 370 33.84 -32.19 5.17
N ALA A 371 33.98 -30.98 5.73
CA ALA A 371 33.87 -29.79 4.91
C ALA A 371 34.91 -29.87 3.80
N THR A 372 34.46 -29.72 2.55
CA THR A 372 35.26 -30.04 1.38
C THR A 372 35.16 -28.92 0.35
N LEU A 373 36.29 -28.57 -0.26
CA LEU A 373 36.38 -27.53 -1.28
C LEU A 373 37.11 -28.10 -2.49
N LEU A 374 36.57 -27.86 -3.69
CA LEU A 374 37.21 -28.30 -4.92
C LEU A 374 37.37 -27.13 -5.88
N GLU A 375 38.37 -27.24 -6.75
CA GLU A 375 38.44 -26.34 -7.89
CA GLU A 375 38.67 -26.37 -7.89
C GLU A 375 38.52 -27.16 -9.18
N ASP A 376 38.48 -26.44 -10.31
CA ASP A 376 38.53 -27.04 -11.64
C ASP A 376 37.38 -28.04 -11.87
N VAL A 377 36.20 -27.74 -11.33
CA VAL A 377 35.02 -28.56 -11.54
C VAL A 377 34.36 -28.09 -12.83
N GLY A 378 34.25 -28.99 -13.82
CA GLY A 378 33.62 -28.61 -15.08
C GLY A 378 32.15 -28.30 -14.88
N ARG A 379 31.67 -27.28 -15.63
CA ARG A 379 30.27 -26.87 -15.50
C ARG A 379 29.29 -27.96 -15.92
N GLU A 380 29.73 -29.00 -16.60
CA GLU A 380 28.85 -30.10 -16.98
C GLU A 380 28.63 -31.11 -15.85
N GLN A 381 29.45 -31.08 -14.81
CA GLN A 381 29.44 -32.13 -13.78
C GLN A 381 28.20 -32.08 -12.89
N ASP A 382 27.77 -33.28 -12.46
CA ASP A 382 26.69 -33.36 -11.48
C ASP A 382 26.99 -32.53 -10.24
N LEU A 383 28.26 -32.53 -9.79
CA LEU A 383 28.62 -31.76 -8.61
C LEU A 383 28.38 -30.27 -8.83
N TYR A 384 28.47 -29.81 -10.08
CA TYR A 384 28.23 -28.41 -10.40
C TYR A 384 26.73 -28.11 -10.51
N ARG A 385 26.01 -28.96 -11.23
CA ARG A 385 24.68 -28.64 -11.74
C ARG A 385 23.54 -29.14 -10.88
N LYS A 386 23.72 -30.22 -10.15
CA LYS A 386 22.65 -30.74 -9.30
C LYS A 386 22.80 -30.16 -7.89
N GLU A 387 21.80 -30.43 -7.05
CA GLU A 387 21.81 -29.88 -5.69
C GLU A 387 22.69 -30.77 -4.80
N ALA A 388 23.85 -30.24 -4.40
CA ALA A 388 24.79 -31.04 -3.61
C ALA A 388 24.17 -31.47 -2.28
N PHE A 389 23.56 -30.54 -1.57
CA PHE A 389 22.96 -30.77 -0.25
C PHE A 389 23.91 -31.53 0.68
N GLY A 390 25.14 -31.03 0.76
CA GLY A 390 26.12 -31.60 1.63
C GLY A 390 27.29 -30.65 1.73
N PRO A 391 28.32 -31.02 2.49
CA PRO A 391 29.37 -30.06 2.85
C PRO A 391 30.47 -29.96 1.80
N VAL A 392 30.07 -29.64 0.57
CA VAL A 392 30.98 -29.50 -0.56
C VAL A 392 30.68 -28.17 -1.24
N ALA A 393 31.74 -27.44 -1.60
CA ALA A 393 31.60 -26.25 -2.41
C ALA A 393 32.67 -26.25 -3.48
N ILE A 394 32.37 -25.55 -4.57
CA ILE A 394 33.21 -25.46 -5.76
CA ILE A 394 33.26 -25.48 -5.72
C ILE A 394 33.70 -24.03 -5.89
N LEU A 395 34.99 -23.86 -6.17
CA LEU A 395 35.62 -22.56 -6.31
C LEU A 395 36.00 -22.36 -7.78
N GLU A 396 35.60 -21.23 -8.35
CA GLU A 396 35.94 -20.94 -9.74
C GLU A 396 36.24 -19.46 -9.89
N LYS A 397 36.83 -19.11 -11.04
CA LYS A 397 37.46 -17.82 -11.28
C LYS A 397 36.73 -17.08 -12.40
N PHE A 398 36.63 -15.76 -12.31
CA PHE A 398 36.11 -14.97 -13.43
C PHE A 398 36.90 -13.68 -13.57
N ASP A 399 36.82 -13.09 -14.77
CA ASP A 399 37.42 -11.79 -15.11
C ASP A 399 36.38 -10.68 -15.23
N ARG A 400 35.28 -10.94 -15.92
CA ARG A 400 34.26 -9.95 -16.23
C ARG A 400 33.03 -10.20 -15.38
N PHE A 401 32.52 -9.15 -14.74
CA PHE A 401 31.36 -9.31 -13.87
C PHE A 401 30.17 -9.94 -14.60
N ASP A 402 29.94 -9.55 -15.86
CA ASP A 402 28.81 -10.12 -16.60
C ASP A 402 28.98 -11.61 -16.83
N ASP A 403 30.22 -12.08 -16.97
CA ASP A 403 30.48 -13.52 -17.09
C ASP A 403 30.13 -14.24 -15.79
N ALA A 404 30.47 -13.65 -14.64
CA ALA A 404 30.08 -14.22 -13.36
C ALA A 404 28.56 -14.34 -13.28
N LEU A 405 27.84 -13.29 -13.69
CA LEU A 405 26.38 -13.35 -13.63
C LEU A 405 25.83 -14.45 -14.53
N ALA A 406 26.36 -14.56 -15.75
CA ALA A 406 25.92 -15.60 -16.66
C ALA A 406 26.17 -16.98 -16.08
N ARG A 407 27.28 -17.16 -15.36
CA ARG A 407 27.59 -18.47 -14.83
C ARG A 407 26.72 -18.79 -13.61
N VAL A 408 26.36 -17.79 -12.80
CA VAL A 408 25.36 -18.02 -11.76
C VAL A 408 24.07 -18.54 -12.39
N ASN A 409 23.64 -17.88 -13.48
CA ASN A 409 22.40 -18.24 -14.17
C ASN A 409 22.51 -19.55 -14.94
N ASP A 410 23.72 -20.10 -15.12
CA ASP A 410 23.93 -21.33 -15.87
C ASP A 410 23.53 -22.52 -15.01
N SER A 411 22.21 -22.68 -14.84
CA SER A 411 21.66 -23.60 -13.87
C SER A 411 20.19 -23.82 -14.18
N ASP A 412 19.68 -25.00 -13.79
CA ASP A 412 18.24 -25.24 -13.76
C ASP A 412 17.54 -24.42 -12.69
N PHE A 413 18.30 -23.91 -11.72
CA PHE A 413 17.74 -23.41 -10.48
C PHE A 413 17.84 -21.89 -10.41
N GLY A 414 17.21 -21.34 -9.37
CA GLY A 414 17.18 -19.90 -9.19
C GLY A 414 16.55 -19.50 -7.87
N LEU A 415 17.15 -19.91 -6.76
CA LEU A 415 16.56 -19.59 -5.46
C LEU A 415 17.14 -18.28 -4.94
N GLN A 416 18.40 -18.30 -4.45
CA GLN A 416 19.07 -17.05 -4.12
C GLN A 416 20.51 -17.09 -4.63
N ALA A 417 21.07 -15.90 -4.81
CA ALA A 417 22.48 -15.70 -5.13
C ALA A 417 23.02 -14.58 -4.25
N GLY A 418 24.32 -14.59 -4.00
CA GLY A 418 24.96 -13.55 -3.23
C GLY A 418 26.08 -12.89 -4.02
N VAL A 419 26.27 -11.58 -3.77
CA VAL A 419 27.32 -10.82 -4.43
C VAL A 419 28.02 -9.95 -3.39
N PHE A 420 29.29 -10.24 -3.13
CA PHE A 420 30.12 -9.38 -2.29
C PHE A 420 30.71 -8.30 -3.20
N THR A 421 30.16 -7.09 -3.12
CA THR A 421 30.60 -5.95 -3.92
C THR A 421 30.26 -4.68 -3.17
N ASP A 422 31.05 -3.63 -3.40
CA ASP A 422 30.67 -2.28 -2.97
C ASP A 422 30.25 -1.42 -4.15
N SER A 423 30.17 -1.98 -5.35
CA SER A 423 29.86 -1.20 -6.55
C SER A 423 28.35 -1.12 -6.74
N LEU A 424 27.82 0.11 -6.70
CA LEU A 424 26.41 0.31 -7.03
C LEU A 424 26.10 -0.26 -8.41
N THR A 425 26.95 0.06 -9.38
CA THR A 425 26.74 -0.42 -10.75
C THR A 425 26.63 -1.94 -10.78
N HIS A 426 27.54 -2.64 -10.10
CA HIS A 426 27.47 -4.09 -10.14
C HIS A 426 26.28 -4.62 -9.34
N ALA A 427 25.95 -4.01 -8.21
CA ALA A 427 24.79 -4.48 -7.46
C ALA A 427 23.52 -4.33 -8.28
N GLN A 428 23.36 -3.21 -8.97
CA GLN A 428 22.21 -2.97 -9.83
CA GLN A 428 22.17 -3.02 -9.78
C GLN A 428 22.17 -3.96 -10.98
N ARG A 429 23.33 -4.21 -11.60
CA ARG A 429 23.39 -5.17 -12.70
C ARG A 429 23.00 -6.57 -12.22
N ALA A 430 23.46 -6.96 -11.03
CA ALA A 430 23.07 -8.26 -10.50
C ALA A 430 21.57 -8.33 -10.25
N TRP A 431 20.98 -7.26 -9.69
CA TRP A 431 19.54 -7.28 -9.44
C TRP A 431 18.76 -7.39 -10.75
N ASP A 432 19.24 -6.72 -11.81
CA ASP A 432 18.60 -6.80 -13.13
C ASP A 432 18.66 -8.20 -13.72
N GLU A 433 19.82 -8.86 -13.60
CA GLU A 433 20.16 -9.97 -14.49
C GLU A 433 20.11 -11.35 -13.84
N LEU A 434 20.25 -11.44 -12.51
CA LEU A 434 20.26 -12.75 -11.87
C LEU A 434 18.84 -13.28 -11.77
N GLU A 435 18.59 -14.42 -12.42
CA GLU A 435 17.25 -15.02 -12.45
CA GLU A 435 17.24 -15.00 -12.44
C GLU A 435 17.06 -15.88 -11.20
N VAL A 436 16.81 -15.20 -10.08
CA VAL A 436 16.66 -15.81 -8.77
C VAL A 436 15.51 -15.11 -8.06
N GLY A 437 15.00 -15.77 -7.02
CA GLY A 437 14.03 -15.12 -6.16
C GLY A 437 14.63 -13.94 -5.41
N GLY A 438 15.83 -14.12 -4.87
CA GLY A 438 16.46 -13.08 -4.08
C GLY A 438 17.95 -12.97 -4.33
N VAL A 439 18.42 -11.72 -4.41
CA VAL A 439 19.83 -11.39 -4.60
C VAL A 439 20.31 -10.76 -3.30
N VAL A 440 21.36 -11.33 -2.70
CA VAL A 440 21.90 -10.81 -1.44
C VAL A 440 23.20 -10.07 -1.74
N ILE A 441 23.28 -8.81 -1.30
CA ILE A 441 24.45 -7.96 -1.54
C ILE A 441 25.24 -7.86 -0.25
N ASN A 442 26.52 -8.22 -0.32
CA ASN A 442 27.47 -8.16 0.79
C ASN A 442 27.21 -9.24 1.85
N ASP A 443 26.53 -10.32 1.46
CA ASP A 443 26.48 -11.54 2.26
C ASP A 443 26.20 -12.70 1.32
N VAL A 444 26.27 -13.92 1.84
CA VAL A 444 26.05 -15.13 1.04
C VAL A 444 24.58 -15.29 0.70
N PRO A 445 24.26 -16.09 -0.33
CA PRO A 445 22.84 -16.41 -0.60
C PRO A 445 22.16 -17.11 0.55
N SER A 446 22.91 -17.63 1.51
CA SER A 446 22.38 -18.43 2.61
C SER A 446 21.62 -17.60 3.64
N PHE A 447 21.52 -16.27 3.47
CA PHE A 447 20.83 -15.42 4.45
C PHE A 447 19.33 -15.40 4.19
N ARG A 448 18.55 -15.54 5.27
CA ARG A 448 17.11 -15.33 5.27
C ARG A 448 16.69 -14.74 6.61
N VAL A 449 15.81 -13.76 6.58
CA VAL A 449 15.13 -13.27 7.77
C VAL A 449 13.64 -13.49 7.55
N ASP A 450 12.93 -13.85 8.62
CA ASP A 450 11.69 -14.59 8.40
C ASP A 450 10.52 -13.74 7.92
N ASN A 451 10.62 -12.41 7.94
CA ASN A 451 9.56 -11.61 7.35
C ASN A 451 9.73 -11.39 5.85
N MET A 452 10.90 -11.66 5.30
CA MET A 452 11.17 -11.24 3.94
C MET A 452 10.48 -12.18 2.94
N PRO A 453 10.10 -11.67 1.77
CA PRO A 453 9.63 -12.58 0.71
C PRO A 453 10.74 -13.56 0.36
N TYR A 454 10.38 -14.85 0.26
CA TYR A 454 11.40 -15.87 0.08
C TYR A 454 10.90 -16.99 -0.80
N GLY A 455 11.66 -17.31 -1.84
CA GLY A 455 11.26 -18.40 -2.72
C GLY A 455 12.11 -18.41 -3.97
N GLY A 456 11.80 -19.37 -4.84
CA GLY A 456 12.60 -19.55 -6.03
C GLY A 456 11.85 -19.36 -7.33
N VAL A 457 12.60 -19.11 -8.41
CA VAL A 457 12.07 -19.17 -9.77
C VAL A 457 12.78 -20.31 -10.49
N LYS A 458 12.55 -20.44 -11.80
CA LYS A 458 13.03 -21.60 -12.56
C LYS A 458 12.65 -22.89 -11.82
N ASP A 459 13.55 -23.87 -11.71
CA ASP A 459 13.17 -25.13 -11.04
C ASP A 459 13.19 -25.04 -9.52
N SER A 460 13.48 -23.88 -8.93
CA SER A 460 13.61 -23.76 -7.48
C SER A 460 12.32 -23.42 -6.74
N GLY A 461 11.22 -23.11 -7.45
CA GLY A 461 10.00 -22.86 -6.70
C GLY A 461 8.92 -22.21 -7.55
N LEU A 462 7.80 -21.98 -6.88
CA LEU A 462 6.64 -21.32 -7.49
C LEU A 462 5.89 -20.65 -6.34
N GLY A 463 6.04 -19.34 -6.21
CA GLY A 463 5.43 -18.58 -5.13
C GLY A 463 6.45 -18.16 -4.08
N ARG A 464 5.95 -17.46 -3.05
CA ARG A 464 6.82 -16.95 -1.99
C ARG A 464 6.26 -17.26 -0.62
N GLU A 465 7.17 -17.56 0.32
CA GLU A 465 6.85 -17.57 1.74
C GLU A 465 7.47 -16.33 2.39
N GLY A 466 7.47 -16.30 3.72
CA GLY A 466 7.50 -15.04 4.44
C GLY A 466 6.07 -14.68 4.78
N ILE A 467 5.79 -14.24 6.00
CA ILE A 467 4.43 -14.32 6.54
C ILE A 467 3.43 -13.59 5.64
N ARG A 468 3.72 -12.33 5.28
CA ARG A 468 2.78 -11.58 4.45
C ARG A 468 2.42 -12.33 3.17
N TYR A 469 3.41 -12.97 2.56
CA TYR A 469 3.24 -13.57 1.24
C TYR A 469 2.53 -14.89 1.35
N ALA A 470 2.79 -15.64 2.43
CA ALA A 470 2.03 -16.85 2.70
C ALA A 470 0.55 -16.54 2.97
N ILE A 471 0.28 -15.48 3.74
CA ILE A 471 -1.11 -15.08 3.99
C ILE A 471 -1.82 -14.78 2.67
N GLU A 472 -1.15 -14.12 1.73
CA GLU A 472 -1.77 -13.86 0.43
CA GLU A 472 -1.75 -13.87 0.43
C GLU A 472 -2.17 -15.16 -0.26
N ASP A 473 -1.29 -16.17 -0.24
CA ASP A 473 -1.61 -17.42 -0.91
C ASP A 473 -2.70 -18.20 -0.17
N MET A 474 -2.79 -18.02 1.14
CA MET A 474 -3.76 -18.74 1.97
C MET A 474 -5.08 -18.01 2.09
N THR A 475 -5.29 -16.98 1.28
CA THR A 475 -6.57 -16.27 1.27
C THR A 475 -7.02 -16.04 -0.15
N GLU A 476 -8.34 -15.90 -0.31
CA GLU A 476 -8.93 -15.44 -1.56
C GLU A 476 -9.43 -14.03 -1.37
N PRO A 477 -9.14 -13.10 -2.30
CA PRO A 477 -9.81 -11.80 -2.22
C PRO A 477 -11.30 -11.95 -2.46
N ARG A 478 -12.10 -11.22 -1.71
CA ARG A 478 -13.53 -11.18 -1.98
C ARG A 478 -13.93 -9.71 -2.09
N LEU A 479 -14.29 -9.33 -3.32
CA LEU A 479 -14.70 -7.97 -3.63
C LEU A 479 -16.17 -7.78 -3.30
N MET A 480 -16.50 -6.65 -2.68
CA MET A 480 -17.88 -6.20 -2.60
C MET A 480 -17.99 -4.92 -3.41
N VAL A 481 -18.83 -4.94 -4.44
CA VAL A 481 -19.16 -3.75 -5.23
C VAL A 481 -20.48 -3.21 -4.71
N VAL A 482 -20.51 -1.94 -4.30
CA VAL A 482 -21.75 -1.32 -3.84
C VAL A 482 -22.17 -0.29 -4.88
N ARG A 483 -23.40 -0.40 -5.37
CA ARG A 483 -23.92 0.59 -6.30
C ARG A 483 -24.83 1.57 -5.55
N ARG A 484 -24.54 2.85 -5.70
CA ARG A 484 -25.43 3.92 -5.25
C ARG A 484 -26.06 4.56 -6.48
N ARG A 485 -27.37 4.72 -6.45
CA ARG A 485 -28.08 5.43 -7.51
C ARG A 485 -28.49 6.82 -7.04
N LEU B 10 -16.20 -6.37 -42.87
CA LEU B 10 -14.98 -7.15 -42.69
C LEU B 10 -14.15 -7.23 -43.96
N LYS B 11 -12.83 -7.30 -43.80
CA LYS B 11 -11.97 -7.64 -44.92
C LYS B 11 -12.29 -9.05 -45.41
N ASP B 12 -11.99 -9.30 -46.68
CA ASP B 12 -12.21 -10.62 -47.26
C ASP B 12 -11.38 -11.68 -46.55
N THR B 13 -10.16 -11.33 -46.16
CA THR B 13 -9.24 -12.26 -45.50
C THR B 13 -8.42 -11.50 -44.47
N TYR B 14 -7.95 -12.22 -43.46
CA TYR B 14 -7.06 -11.67 -42.44
C TYR B 14 -5.82 -12.55 -42.34
N PRO B 15 -4.65 -11.96 -42.11
CA PRO B 15 -3.47 -12.74 -41.78
C PRO B 15 -3.50 -13.12 -40.31
N TYR B 16 -2.56 -13.97 -39.90
CA TYR B 16 -2.25 -14.02 -38.48
C TYR B 16 -0.97 -13.24 -38.23
N TYR B 17 -0.61 -13.08 -36.95
CA TYR B 17 0.52 -12.25 -36.56
C TYR B 17 1.54 -13.13 -35.85
N LEU B 18 2.71 -13.28 -36.47
CA LEU B 18 3.81 -14.11 -35.98
CA LEU B 18 3.80 -14.11 -35.95
C LEU B 18 4.99 -13.19 -35.68
N ALA B 19 5.35 -13.09 -34.40
CA ALA B 19 6.45 -12.22 -33.97
C ALA B 19 6.28 -10.81 -34.53
N ASN B 20 5.10 -10.25 -34.28
CA ASN B 20 4.68 -8.87 -34.58
C ASN B 20 4.32 -8.67 -36.06
N GLU B 21 4.46 -9.69 -36.92
CA GLU B 21 4.41 -9.52 -38.37
C GLU B 21 3.14 -10.16 -38.95
N ALA B 22 2.47 -9.44 -39.84
CA ALA B 22 1.36 -10.04 -40.58
C ALA B 22 1.88 -11.11 -41.51
N VAL B 23 1.29 -12.31 -41.44
CA VAL B 23 1.65 -13.44 -42.28
C VAL B 23 0.38 -14.00 -42.89
N TYR B 24 0.28 -13.93 -44.22
CA TYR B 24 -0.90 -14.40 -44.94
C TYR B 24 -0.69 -15.87 -45.33
N ALA B 25 -0.64 -16.73 -44.31
CA ALA B 25 -0.14 -18.08 -44.49
C ALA B 25 -1.13 -18.95 -45.27
N ASN B 26 -2.42 -18.75 -45.06
CA ASN B 26 -3.47 -19.50 -45.72
C ASN B 26 -4.79 -18.77 -45.43
N THR B 27 -5.89 -19.28 -46.01
CA THR B 27 -7.22 -18.76 -45.73
C THR B 27 -8.13 -19.88 -45.20
N ASP B 28 -7.59 -20.72 -44.33
CA ASP B 28 -8.26 -21.97 -44.02
C ASP B 28 -9.34 -21.87 -42.96
N LEU B 29 -9.34 -20.83 -42.12
CA LEU B 29 -10.33 -20.70 -41.04
C LEU B 29 -11.47 -19.80 -41.52
N GLU B 30 -12.62 -20.41 -41.81
CA GLU B 30 -13.79 -19.65 -42.21
C GLU B 30 -14.50 -19.13 -40.97
N VAL B 31 -14.82 -17.84 -40.97
CA VAL B 31 -15.55 -17.20 -39.87
C VAL B 31 -16.92 -16.82 -40.39
N THR B 32 -17.97 -17.34 -39.74
CA THR B 32 -19.33 -17.07 -40.20
C THR B 32 -19.92 -15.85 -39.49
N ASP B 33 -20.82 -15.18 -40.22
CA ASP B 33 -21.79 -14.29 -39.62
C ASP B 33 -22.77 -15.13 -38.81
N LYS B 34 -22.83 -14.89 -37.49
CA LYS B 34 -23.60 -15.80 -36.64
C LYS B 34 -25.11 -15.61 -36.75
N PHE B 35 -25.57 -14.58 -37.47
CA PHE B 35 -27.00 -14.44 -37.72
C PHE B 35 -27.43 -15.00 -39.06
N SER B 36 -26.67 -14.73 -40.13
CA SER B 36 -27.03 -15.23 -41.45
C SER B 36 -26.50 -16.62 -41.72
N GLY B 37 -25.45 -17.04 -41.00
CA GLY B 37 -24.81 -18.31 -41.23
C GLY B 37 -23.82 -18.34 -42.36
N LYS B 38 -23.72 -17.27 -43.15
CA LYS B 38 -22.83 -17.23 -44.29
C LYS B 38 -21.40 -16.92 -43.84
N VAL B 39 -20.43 -17.35 -44.66
CA VAL B 39 -19.04 -17.02 -44.37
C VAL B 39 -18.85 -15.52 -44.53
N ALA B 40 -18.31 -14.87 -43.50
CA ALA B 40 -18.07 -13.44 -43.52
C ALA B 40 -16.63 -13.06 -43.83
N THR B 41 -15.68 -13.92 -43.47
CA THR B 41 -14.28 -13.67 -43.78
C THR B 41 -13.56 -15.00 -43.63
N ARG B 42 -12.33 -15.04 -44.11
CA ARG B 42 -11.46 -16.19 -43.92
C ARG B 42 -10.14 -15.71 -43.35
N VAL B 43 -9.61 -16.42 -42.35
CA VAL B 43 -8.39 -15.95 -41.70
C VAL B 43 -7.36 -17.08 -41.72
N ALA B 44 -6.09 -16.69 -41.56
CA ALA B 44 -5.00 -17.66 -41.58
C ALA B 44 -5.02 -18.52 -40.32
N LEU B 45 -4.92 -19.84 -40.50
CA LEU B 45 -4.94 -20.80 -39.41
C LEU B 45 -3.51 -21.25 -39.12
N ALA B 46 -3.07 -21.07 -37.87
CA ALA B 46 -1.70 -21.42 -37.52
C ALA B 46 -1.56 -22.92 -37.30
N ASP B 47 -0.47 -23.49 -37.81
CA ASP B 47 -0.13 -24.89 -37.56
C ASP B 47 0.93 -24.98 -36.46
N ALA B 48 1.30 -26.21 -36.12
CA ALA B 48 2.23 -26.41 -35.01
C ALA B 48 3.59 -25.77 -35.29
N GLN B 49 4.04 -25.78 -36.55
CA GLN B 49 5.30 -25.11 -36.87
CA GLN B 49 5.30 -25.11 -36.88
C GLN B 49 5.22 -23.61 -36.61
N ALA B 50 4.09 -22.99 -36.95
CA ALA B 50 3.94 -21.57 -36.68
C ALA B 50 3.85 -21.29 -35.19
N ILE B 51 3.14 -22.14 -34.44
CA ILE B 51 3.04 -21.94 -32.99
C ILE B 51 4.43 -22.07 -32.35
N ASP B 52 5.18 -23.10 -32.75
CA ASP B 52 6.54 -23.28 -32.25
C ASP B 52 7.42 -22.08 -32.57
N ALA B 53 7.33 -21.55 -33.80
CA ALA B 53 8.15 -20.40 -34.16
C ALA B 53 7.79 -19.19 -33.31
N ALA B 54 6.49 -19.00 -33.06
CA ALA B 54 6.04 -17.91 -32.22
C ALA B 54 6.60 -18.03 -30.81
N ILE B 55 6.60 -19.25 -30.27
CA ILE B 55 7.14 -19.45 -28.92
C ILE B 55 8.63 -19.15 -28.90
N GLY B 56 9.37 -19.65 -29.89
CA GLY B 56 10.79 -19.36 -29.96
C GLY B 56 11.07 -17.87 -30.06
N ALA B 57 10.24 -17.17 -30.82
CA ALA B 57 10.40 -15.71 -30.96
C ALA B 57 10.08 -15.00 -29.66
N ALA B 58 9.10 -15.50 -28.91
CA ALA B 58 8.78 -14.92 -27.61
C ALA B 58 9.94 -15.05 -26.65
N VAL B 59 10.61 -16.21 -26.65
CA VAL B 59 11.80 -16.40 -25.82
C VAL B 59 12.87 -15.38 -26.17
N ASP B 60 13.09 -15.15 -27.47
CA ASP B 60 14.14 -14.23 -27.87
C ASP B 60 13.79 -12.79 -27.57
N ALA B 61 12.51 -12.47 -27.38
CA ALA B 61 12.06 -11.13 -27.05
C ALA B 61 12.05 -10.85 -25.56
N VAL B 62 12.40 -11.81 -24.71
CA VAL B 62 12.27 -11.62 -23.26
C VAL B 62 13.15 -10.46 -22.79
N LYS B 63 14.44 -10.49 -23.17
CA LYS B 63 15.33 -9.43 -22.71
C LYS B 63 14.95 -8.07 -23.29
N PRO B 64 14.71 -7.91 -24.60
CA PRO B 64 14.28 -6.60 -25.10
C PRO B 64 13.01 -6.08 -24.45
N MET B 65 12.03 -6.96 -24.19
CA MET B 65 10.80 -6.52 -23.53
C MET B 65 11.08 -6.10 -22.08
N ARG B 66 11.93 -6.86 -21.37
CA ARG B 66 12.29 -6.53 -20.00
CA ARG B 66 12.27 -6.51 -20.00
C ARG B 66 12.99 -5.18 -19.92
N GLU B 67 13.75 -4.83 -20.95
CA GLU B 67 14.52 -3.58 -20.95
C GLU B 67 13.74 -2.37 -21.48
N LEU B 68 12.55 -2.60 -22.03
CA LEU B 68 11.71 -1.51 -22.51
CA LEU B 68 11.68 -1.52 -22.51
C LEU B 68 11.26 -0.64 -21.33
N PRO B 69 11.60 0.65 -21.31
CA PRO B 69 11.23 1.48 -20.15
C PRO B 69 9.73 1.62 -19.99
N ALA B 70 9.31 1.89 -18.76
CA ALA B 70 7.89 1.95 -18.44
C ALA B 70 7.15 2.93 -19.33
N TYR B 71 7.74 4.12 -19.59
CA TYR B 71 7.04 5.12 -20.41
C TYR B 71 6.92 4.69 -21.86
N ARG B 72 7.81 3.82 -22.36
CA ARG B 72 7.63 3.28 -23.71
C ARG B 72 6.53 2.21 -23.75
N ARG B 73 6.47 1.35 -22.72
CA ARG B 73 5.34 0.43 -22.61
CA ARG B 73 5.34 0.43 -22.63
C ARG B 73 4.03 1.19 -22.57
N GLN B 74 4.00 2.30 -21.82
CA GLN B 74 2.82 3.14 -21.78
C GLN B 74 2.48 3.69 -23.17
N ALA B 75 3.49 4.14 -23.90
CA ALA B 75 3.24 4.73 -25.22
C ALA B 75 2.64 3.71 -26.19
N VAL B 76 3.08 2.45 -26.10
CA VAL B 76 2.47 1.38 -26.88
C VAL B 76 0.99 1.24 -26.53
N LEU B 77 0.68 1.21 -25.23
CA LEU B 77 -0.72 1.09 -24.80
C LEU B 77 -1.53 2.30 -25.24
N ASP B 78 -0.95 3.51 -25.16
CA ASP B 78 -1.65 4.71 -25.59
C ASP B 78 -1.94 4.70 -27.08
N HIS B 79 -1.02 4.15 -27.88
CA HIS B 79 -1.25 4.03 -29.31
C HIS B 79 -2.46 3.16 -29.58
N CYS B 80 -2.56 2.04 -28.86
CA CYS B 80 -3.72 1.16 -28.99
C CYS B 80 -5.01 1.90 -28.64
N VAL B 81 -5.01 2.61 -27.52
CA VAL B 81 -6.20 3.37 -27.11
C VAL B 81 -6.63 4.31 -28.22
N ALA B 82 -5.69 5.09 -28.76
CA ALA B 82 -6.03 6.07 -29.78
C ALA B 82 -6.60 5.38 -31.04
N ARG B 83 -5.99 4.27 -31.45
CA ARG B 83 -6.45 3.61 -32.67
C ARG B 83 -7.78 2.90 -32.45
N PHE B 84 -8.02 2.35 -31.26
CA PHE B 84 -9.33 1.74 -31.01
C PHE B 84 -10.44 2.79 -31.06
N ARG B 85 -10.18 4.00 -30.53
CA ARG B 85 -11.15 5.08 -30.66
CA ARG B 85 -11.16 5.07 -30.66
C ARG B 85 -11.38 5.43 -32.13
N GLU B 86 -10.28 5.51 -32.88
CA GLU B 86 -10.37 5.84 -34.30
CA GLU B 86 -10.33 5.80 -34.31
C GLU B 86 -11.19 4.80 -35.07
N ARG B 87 -11.03 3.52 -34.74
CA ARG B 87 -11.65 2.41 -35.45
C ARG B 87 -12.84 1.83 -34.69
N PHE B 88 -13.50 2.66 -33.87
CA PHE B 88 -14.54 2.19 -32.96
C PHE B 88 -15.66 1.46 -33.72
N ASP B 89 -16.19 2.10 -34.77
CA ASP B 89 -17.32 1.49 -35.49
C ASP B 89 -16.92 0.20 -36.20
N GLU B 90 -15.72 0.18 -36.79
CA GLU B 90 -15.22 -1.04 -37.43
C GLU B 90 -15.13 -2.18 -36.41
N LEU B 91 -14.58 -1.89 -35.24
CA LEU B 91 -14.47 -2.92 -34.21
C LEU B 91 -15.85 -3.40 -33.77
N ALA B 92 -16.78 -2.48 -33.57
CA ALA B 92 -18.11 -2.86 -33.10
C ALA B 92 -18.84 -3.69 -34.15
N GLU B 93 -18.72 -3.31 -35.42
CA GLU B 93 -19.36 -4.08 -36.48
C GLU B 93 -18.71 -5.46 -36.64
N ALA B 94 -17.39 -5.55 -36.50
CA ALA B 94 -16.75 -6.86 -36.56
C ALA B 94 -17.27 -7.78 -35.47
N LEU B 95 -17.38 -7.25 -34.25
CA LEU B 95 -17.94 -8.01 -33.14
CA LEU B 95 -17.96 -7.99 -33.13
C LEU B 95 -19.38 -8.44 -33.44
N CYS B 96 -20.19 -7.53 -33.96
CA CYS B 96 -21.57 -7.82 -34.30
C CYS B 96 -21.66 -9.00 -35.26
N ILE B 97 -20.80 -9.02 -36.27
CA ILE B 97 -20.82 -10.08 -37.28
C ILE B 97 -20.34 -11.40 -36.69
N GLU B 98 -19.11 -11.43 -36.17
CA GLU B 98 -18.48 -12.70 -35.84
C GLU B 98 -19.01 -13.32 -34.55
N ALA B 99 -19.56 -12.51 -33.64
CA ALA B 99 -20.17 -13.04 -32.42
C ALA B 99 -21.69 -13.00 -32.44
N GLY B 100 -22.30 -12.41 -33.47
CA GLY B 100 -23.74 -12.21 -33.46
C GLY B 100 -24.20 -11.32 -32.34
N LYS B 101 -23.35 -10.42 -31.87
CA LYS B 101 -23.63 -9.63 -30.68
CA LYS B 101 -23.62 -9.62 -30.69
C LYS B 101 -24.40 -8.37 -31.06
N PRO B 102 -25.56 -8.11 -30.43
CA PRO B 102 -26.34 -6.91 -30.75
C PRO B 102 -25.46 -5.67 -30.79
N ILE B 103 -25.69 -4.82 -31.80
CA ILE B 103 -24.74 -3.76 -32.10
C ILE B 103 -24.56 -2.81 -30.91
N ASN B 104 -25.63 -2.58 -30.14
CA ASN B 104 -25.51 -1.76 -28.93
C ASN B 104 -24.56 -2.40 -27.93
N ASP B 105 -24.67 -3.71 -27.73
CA ASP B 105 -23.76 -4.41 -26.81
C ASP B 105 -22.35 -4.50 -27.38
N SER B 106 -22.23 -4.61 -28.70
CA SER B 106 -20.92 -4.61 -29.33
C SER B 106 -20.22 -3.27 -29.11
N ARG B 107 -20.94 -2.17 -29.29
CA ARG B 107 -20.36 -0.86 -28.99
C ARG B 107 -19.96 -0.79 -27.52
N GLY B 108 -20.77 -1.37 -26.63
CA GLY B 108 -20.41 -1.40 -25.22
C GLY B 108 -19.10 -2.12 -24.98
N GLU B 109 -18.87 -3.23 -25.69
CA GLU B 109 -17.63 -3.96 -25.50
C GLU B 109 -16.44 -3.18 -26.03
N VAL B 110 -16.60 -2.46 -27.15
CA VAL B 110 -15.47 -1.69 -27.66
C VAL B 110 -15.12 -0.57 -26.68
N THR B 111 -16.13 0.06 -26.06
CA THR B 111 -15.87 1.04 -25.01
C THR B 111 -15.06 0.43 -23.88
N ARG B 112 -15.40 -0.81 -23.49
CA ARG B 112 -14.68 -1.49 -22.43
C ARG B 112 -13.27 -1.87 -22.86
N LEU B 113 -13.09 -2.27 -24.13
CA LEU B 113 -11.76 -2.53 -24.65
C LEU B 113 -10.86 -1.32 -24.45
N ILE B 114 -11.38 -0.14 -24.77
CA ILE B 114 -10.63 1.09 -24.56
C ILE B 114 -10.37 1.33 -23.07
N ASP B 115 -11.39 1.11 -22.23
CA ASP B 115 -11.22 1.25 -20.79
C ASP B 115 -10.08 0.37 -20.29
N THR B 116 -10.06 -0.89 -20.73
CA THR B 116 -9.09 -1.85 -20.24
C THR B 116 -7.67 -1.43 -20.62
N PHE B 117 -7.46 -1.02 -21.86
CA PHE B 117 -6.14 -0.57 -22.27
C PHE B 117 -5.75 0.72 -21.55
N ARG B 118 -6.71 1.61 -21.29
CA ARG B 118 -6.37 2.85 -20.59
CA ARG B 118 -6.39 2.85 -20.58
C ARG B 118 -5.93 2.57 -19.15
N VAL B 119 -6.60 1.66 -18.45
CA VAL B 119 -6.14 1.30 -17.11
C VAL B 119 -4.71 0.77 -17.18
N ALA B 120 -4.44 -0.08 -18.18
CA ALA B 120 -3.09 -0.63 -18.34
C ALA B 120 -2.07 0.46 -18.60
N SER B 121 -2.42 1.45 -19.44
CA SER B 121 -1.52 2.58 -19.67
C SER B 121 -1.14 3.26 -18.36
N GLU B 122 -2.14 3.50 -17.50
CA GLU B 122 -1.88 4.12 -16.21
C GLU B 122 -1.03 3.23 -15.33
N GLU B 123 -1.34 1.93 -15.27
CA GLU B 123 -0.62 1.06 -14.36
C GLU B 123 0.80 0.79 -14.82
N ALA B 124 1.07 0.93 -16.13
CA ALA B 124 2.40 0.62 -16.65
C ALA B 124 3.49 1.47 -16.01
N VAL B 125 3.17 2.68 -15.56
CA VAL B 125 4.19 3.57 -15.02
C VAL B 125 4.16 3.62 -13.50
N ARG B 126 3.46 2.70 -12.84
CA ARG B 126 3.45 2.69 -11.37
C ARG B 126 3.58 1.28 -10.82
N ILE B 127 4.36 0.42 -11.50
CA ILE B 127 4.70 -0.90 -10.98
C ILE B 127 5.84 -0.70 -9.98
N ASP B 128 5.49 -0.25 -8.79
CA ASP B 128 6.43 0.12 -7.75
C ASP B 128 6.84 -1.11 -6.93
N GLY B 129 7.90 -0.95 -6.15
CA GLY B 129 8.30 -1.95 -5.18
C GLY B 129 8.33 -1.40 -3.76
N GLU B 130 8.97 -2.14 -2.85
CA GLU B 130 8.99 -1.79 -1.44
C GLU B 130 10.41 -1.75 -0.90
N VAL B 131 10.64 -0.83 0.03
CA VAL B 131 11.83 -0.82 0.88
C VAL B 131 11.40 -1.43 2.21
N LEU B 132 11.89 -2.62 2.50
CA LEU B 132 11.39 -3.42 3.63
C LEU B 132 12.32 -3.33 4.82
N ASN B 133 11.76 -3.01 5.99
CA ASN B 133 12.55 -3.18 7.21
C ASN B 133 12.79 -4.66 7.45
N LEU B 134 14.06 -5.05 7.51
CA LEU B 134 14.43 -6.42 7.85
C LEU B 134 15.08 -6.51 9.23
N GLU B 135 15.30 -5.38 9.90
CA GLU B 135 15.91 -5.42 11.23
C GLU B 135 14.84 -5.76 12.27
N ILE B 136 14.43 -7.03 12.27
CA ILE B 136 13.44 -7.52 13.22
C ILE B 136 14.07 -8.30 14.36
N SER B 137 15.39 -8.50 14.31
CA SER B 137 16.13 -9.20 15.35
C SER B 137 17.59 -8.80 15.22
N ALA B 138 18.37 -9.08 16.28
CA ALA B 138 19.78 -8.71 16.24
C ALA B 138 20.53 -9.42 15.12
N ARG B 139 20.15 -10.66 14.81
CA ARG B 139 20.80 -11.39 13.73
C ARG B 139 20.71 -10.64 12.41
N ALA B 140 19.60 -9.93 12.19
CA ALA B 140 19.37 -9.21 10.94
C ALA B 140 19.71 -7.73 11.04
N GLN B 141 20.48 -7.33 12.06
CA GLN B 141 20.91 -5.94 12.12
C GLN B 141 21.75 -5.59 10.90
N GLY B 142 21.45 -4.44 10.29
CA GLY B 142 22.21 -3.99 9.15
C GLY B 142 21.71 -4.47 7.80
N TYR B 143 20.64 -5.26 7.77
CA TYR B 143 20.09 -5.72 6.49
C TYR B 143 18.83 -4.92 6.15
N THR B 144 18.66 -4.62 4.85
CA THR B 144 17.49 -3.96 4.31
C THR B 144 17.05 -4.66 3.03
N GLY B 145 15.75 -4.70 2.78
CA GLY B 145 15.20 -5.34 1.60
C GLY B 145 14.66 -4.32 0.61
N TYR B 146 14.81 -4.63 -0.68
CA TYR B 146 14.29 -3.82 -1.78
C TYR B 146 13.63 -4.77 -2.77
N THR B 147 12.43 -4.42 -3.23
CA THR B 147 11.72 -5.32 -4.14
C THR B 147 11.43 -4.63 -5.47
N ARG B 148 11.27 -5.48 -6.49
CA ARG B 148 10.84 -5.07 -7.82
C ARG B 148 10.04 -6.22 -8.41
N ARG B 149 9.24 -5.92 -9.43
CA ARG B 149 8.51 -6.95 -10.17
C ARG B 149 9.17 -7.14 -11.52
N VAL B 150 9.62 -8.35 -11.81
CA VAL B 150 10.29 -8.67 -13.07
CA VAL B 150 10.26 -8.61 -13.09
C VAL B 150 9.30 -9.41 -13.97
N PRO B 151 9.26 -9.17 -15.27
CA PRO B 151 8.35 -9.94 -16.14
C PRO B 151 8.58 -11.42 -15.96
N ILE B 152 7.47 -12.19 -15.91
CA ILE B 152 7.58 -13.62 -15.66
C ILE B 152 8.21 -14.35 -16.85
N GLY B 153 8.11 -13.79 -18.05
CA GLY B 153 8.64 -14.46 -19.23
C GLY B 153 7.54 -14.61 -20.26
N PRO B 154 7.73 -15.50 -21.23
CA PRO B 154 6.70 -15.68 -22.27
C PRO B 154 5.41 -16.21 -21.67
N CYS B 155 4.29 -15.58 -22.06
CA CYS B 155 2.97 -15.92 -21.56
C CYS B 155 2.13 -16.55 -22.66
N SER B 156 1.38 -17.60 -22.30
CA SER B 156 0.42 -18.23 -23.20
C SER B 156 -0.98 -17.78 -22.81
N PHE B 157 -1.72 -17.22 -23.79
CA PHE B 157 -3.04 -16.63 -23.55
C PHE B 157 -4.07 -17.35 -24.43
N ILE B 158 -5.19 -17.75 -23.83
CA ILE B 158 -6.29 -18.38 -24.55
C ILE B 158 -7.58 -17.66 -24.18
N SER B 159 -8.35 -17.22 -25.17
CA SER B 159 -9.55 -16.44 -24.91
C SER B 159 -10.79 -17.07 -25.55
N PRO B 160 -12.00 -16.69 -25.07
CA PRO B 160 -13.24 -17.34 -25.53
C PRO B 160 -14.01 -16.55 -26.58
N PHE B 161 -15.18 -17.04 -26.98
CA PHE B 161 -15.88 -16.43 -28.11
C PHE B 161 -16.67 -15.19 -27.72
N ASN B 162 -17.10 -15.06 -26.45
CA ASN B 162 -18.27 -14.20 -26.23
C ASN B 162 -17.90 -12.74 -26.01
N PHE B 163 -16.73 -12.44 -25.44
CA PHE B 163 -16.17 -11.10 -25.38
CA PHE B 163 -16.19 -11.08 -25.39
C PHE B 163 -14.83 -11.11 -26.10
N PRO B 164 -14.82 -11.28 -27.42
CA PRO B 164 -13.53 -11.53 -28.10
C PRO B 164 -12.56 -10.35 -28.07
N LEU B 165 -13.03 -9.13 -27.83
CA LEU B 165 -12.08 -8.03 -27.71
C LEU B 165 -11.65 -7.81 -26.26
N ASN B 166 -12.62 -7.65 -25.36
CA ASN B 166 -12.25 -7.22 -24.02
C ASN B 166 -11.58 -8.32 -23.21
N LEU B 167 -11.96 -9.59 -23.41
CA LEU B 167 -11.27 -10.60 -22.62
C LEU B 167 -9.88 -10.91 -23.14
N ALA B 168 -9.63 -10.69 -24.44
CA ALA B 168 -8.25 -10.70 -24.90
C ALA B 168 -7.48 -9.52 -24.32
N ALA B 169 -8.13 -8.37 -24.24
CA ALA B 169 -7.49 -7.18 -23.69
C ALA B 169 -7.04 -7.39 -22.24
N HIS B 170 -7.83 -8.12 -21.45
CA HIS B 170 -7.45 -8.32 -20.04
C HIS B 170 -6.22 -9.20 -19.88
N LYS B 171 -5.71 -9.81 -20.94
CA LYS B 171 -4.43 -10.50 -20.92
C LYS B 171 -3.35 -9.72 -21.65
N VAL B 172 -3.68 -9.21 -22.84
CA VAL B 172 -2.72 -8.50 -23.68
C VAL B 172 -2.24 -7.22 -23.01
N ALA B 173 -3.18 -6.39 -22.53
CA ALA B 173 -2.80 -5.09 -22.02
C ALA B 173 -1.92 -5.18 -20.76
N PRO B 174 -2.26 -5.99 -19.75
CA PRO B 174 -1.31 -6.16 -18.64
C PRO B 174 0.01 -6.80 -19.06
N ALA B 175 0.03 -7.70 -20.05
CA ALA B 175 1.30 -8.28 -20.45
C ALA B 175 2.24 -7.22 -20.98
N LEU B 176 1.70 -6.28 -21.78
CA LEU B 176 2.51 -5.19 -22.28
C LEU B 176 2.97 -4.27 -21.15
N ALA B 177 2.08 -3.99 -20.20
CA ALA B 177 2.46 -3.16 -19.06
C ALA B 177 3.55 -3.83 -18.23
N ALA B 178 3.47 -5.15 -18.07
CA ALA B 178 4.42 -5.90 -17.26
C ALA B 178 5.72 -6.19 -18.00
N GLY B 179 5.74 -6.07 -19.33
CA GLY B 179 6.94 -6.37 -20.08
C GLY B 179 7.10 -7.82 -20.51
N CYS B 180 5.99 -8.55 -20.69
CA CYS B 180 6.06 -9.98 -21.08
C CYS B 180 5.77 -10.15 -22.56
N PRO B 181 6.61 -10.86 -23.31
CA PRO B 181 6.17 -11.37 -24.61
C PRO B 181 5.02 -12.34 -24.41
N PHE B 182 4.13 -12.42 -25.38
CA PHE B 182 2.99 -13.34 -25.24
C PHE B 182 2.60 -13.91 -26.59
N VAL B 183 1.90 -15.04 -26.54
CA VAL B 183 1.29 -15.67 -27.71
C VAL B 183 -0.17 -15.88 -27.37
N LEU B 184 -1.07 -15.24 -28.12
CA LEU B 184 -2.51 -15.32 -27.87
C LEU B 184 -3.20 -16.23 -28.90
N LYS B 185 -4.00 -17.18 -28.42
CA LYS B 185 -4.87 -17.97 -29.29
C LYS B 185 -6.31 -17.54 -29.06
N PRO B 186 -6.93 -16.81 -29.98
CA PRO B 186 -8.33 -16.44 -29.80
C PRO B 186 -9.24 -17.62 -30.13
N ALA B 187 -10.53 -17.44 -29.85
CA ALA B 187 -11.52 -18.46 -30.21
C ALA B 187 -11.67 -18.54 -31.72
N SER B 188 -11.69 -19.77 -32.25
CA SER B 188 -11.76 -19.93 -33.71
C SER B 188 -13.06 -19.38 -34.28
N ARG B 189 -14.16 -19.40 -33.50
CA ARG B 189 -15.41 -18.81 -33.95
C ARG B 189 -15.37 -17.30 -34.03
N THR B 190 -14.47 -16.63 -33.29
CA THR B 190 -14.43 -15.17 -33.22
C THR B 190 -12.98 -14.65 -33.16
N PRO B 191 -12.18 -14.90 -34.20
CA PRO B 191 -10.77 -14.48 -34.15
C PRO B 191 -10.49 -13.08 -34.66
N VAL B 192 -11.45 -12.43 -35.31
CA VAL B 192 -11.14 -11.20 -36.03
C VAL B 192 -10.81 -10.07 -35.05
N GLY B 193 -11.55 -9.96 -33.96
CA GLY B 193 -11.25 -8.91 -32.99
C GLY B 193 -9.82 -8.97 -32.50
N ALA B 194 -9.36 -10.17 -32.15
CA ALA B 194 -7.98 -10.32 -31.70
C ALA B 194 -7.00 -9.99 -32.81
N LEU B 195 -7.35 -10.29 -34.06
CA LEU B 195 -6.45 -9.97 -35.16
C LEU B 195 -6.42 -8.48 -35.48
N ILE B 196 -7.51 -7.75 -35.18
CA ILE B 196 -7.45 -6.29 -35.30
C ILE B 196 -6.60 -5.70 -34.17
N ILE B 197 -6.72 -6.24 -32.95
CA ILE B 197 -5.82 -5.82 -31.88
C ILE B 197 -4.37 -6.06 -32.29
N ALA B 198 -4.10 -7.23 -32.88
CA ALA B 198 -2.75 -7.54 -33.34
C ALA B 198 -2.29 -6.56 -34.40
N GLU B 199 -3.16 -6.25 -35.37
CA GLU B 199 -2.82 -5.27 -36.40
C GLU B 199 -2.42 -3.93 -35.81
N VAL B 200 -3.16 -3.46 -34.81
CA VAL B 200 -2.81 -2.20 -34.16
C VAL B 200 -1.49 -2.31 -33.42
N LEU B 201 -1.25 -3.43 -32.73
CA LEU B 201 0.04 -3.61 -32.07
C LEU B 201 1.19 -3.68 -33.06
N ALA B 202 0.95 -4.23 -34.26
CA ALA B 202 2.00 -4.29 -35.28
C ALA B 202 2.44 -2.90 -35.73
N GLU B 203 1.60 -1.88 -35.54
CA GLU B 203 1.96 -0.52 -35.89
C GLU B 203 3.03 0.04 -34.96
N THR B 204 3.20 -0.54 -33.78
CA THR B 204 4.11 0.01 -32.79
C THR B 204 5.52 -0.54 -32.99
N ASN B 205 6.48 0.09 -32.33
CA ASN B 205 7.87 -0.34 -32.42
C ASN B 205 8.26 -1.35 -31.35
N LEU B 206 7.31 -2.17 -30.88
CA LEU B 206 7.65 -3.26 -29.97
C LEU B 206 8.74 -4.14 -30.57
N PRO B 207 9.62 -4.72 -29.75
CA PRO B 207 10.64 -5.61 -30.31
C PRO B 207 10.00 -6.82 -30.97
N LYS B 208 10.66 -7.33 -32.01
CA LYS B 208 10.12 -8.50 -32.71
C LYS B 208 10.06 -9.69 -31.77
N GLY B 209 8.92 -10.39 -31.79
CA GLY B 209 8.67 -11.46 -30.82
C GLY B 209 7.91 -11.04 -29.59
N ALA B 210 7.64 -9.74 -29.42
CA ALA B 210 6.82 -9.30 -28.29
C ALA B 210 5.43 -9.93 -28.33
N PHE B 211 4.88 -10.15 -29.52
CA PHE B 211 3.56 -10.75 -29.57
C PHE B 211 3.36 -11.58 -30.83
N SER B 212 2.55 -12.61 -30.67
CA SER B 212 1.96 -13.34 -31.78
C SER B 212 0.48 -13.54 -31.45
N VAL B 213 -0.38 -13.47 -32.47
CA VAL B 213 -1.79 -13.78 -32.32
C VAL B 213 -2.11 -14.80 -33.40
N LEU B 214 -2.44 -16.02 -32.97
CA LEU B 214 -2.45 -17.18 -33.87
C LEU B 214 -3.78 -17.92 -33.74
N PRO B 215 -4.68 -17.81 -34.70
CA PRO B 215 -5.87 -18.67 -34.69
C PRO B 215 -5.47 -20.13 -34.80
N ALA B 216 -6.12 -20.97 -34.01
CA ALA B 216 -5.90 -22.41 -34.04
C ALA B 216 -7.07 -23.08 -33.34
N HIS B 217 -7.53 -24.20 -33.89
CA HIS B 217 -8.58 -24.95 -33.22
C HIS B 217 -8.01 -25.63 -31.98
N ARG B 218 -8.92 -25.91 -31.03
CA ARG B 218 -8.50 -26.56 -29.80
C ARG B 218 -7.69 -27.84 -30.05
N ASP B 219 -8.05 -28.62 -31.09
CA ASP B 219 -7.32 -29.86 -31.27
C ASP B 219 -5.92 -29.66 -31.86
N GLY B 220 -5.60 -28.46 -32.34
CA GLY B 220 -4.25 -28.15 -32.74
C GLY B 220 -3.49 -27.23 -31.79
N ALA B 221 -4.00 -27.09 -30.56
CA ALA B 221 -3.49 -26.07 -29.65
C ALA B 221 -2.75 -26.64 -28.44
N ASP B 222 -2.30 -27.91 -28.50
CA ASP B 222 -1.65 -28.51 -27.34
C ASP B 222 -0.48 -27.68 -26.81
N LEU B 223 0.32 -27.08 -27.71
CA LEU B 223 1.53 -26.41 -27.24
C LEU B 223 1.24 -25.18 -26.38
N PHE B 224 0.07 -24.56 -26.55
CA PHE B 224 -0.29 -23.44 -25.67
C PHE B 224 -0.35 -23.84 -24.21
N THR B 225 -0.62 -25.11 -23.94
CA THR B 225 -0.65 -25.60 -22.57
C THR B 225 0.64 -26.27 -22.15
N THR B 226 1.26 -27.06 -23.03
CA THR B 226 2.34 -27.94 -22.59
C THR B 226 3.75 -27.39 -22.80
N ASP B 227 3.96 -26.43 -23.71
CA ASP B 227 5.34 -26.04 -24.02
C ASP B 227 6.00 -25.43 -22.79
N GLU B 228 7.17 -25.96 -22.41
CA GLU B 228 7.79 -25.50 -21.17
C GLU B 228 8.46 -24.14 -21.30
N ARG B 229 8.54 -23.56 -22.49
CA ARG B 229 9.10 -22.22 -22.62
C ARG B 229 8.13 -21.12 -22.17
N PHE B 230 6.85 -21.42 -22.10
CA PHE B 230 5.88 -20.51 -21.50
C PHE B 230 6.02 -20.58 -19.98
N ARG B 231 6.07 -19.43 -19.32
CA ARG B 231 6.16 -19.40 -17.86
C ARG B 231 4.81 -19.20 -17.20
N LEU B 232 3.79 -18.81 -17.97
CA LEU B 232 2.43 -18.61 -17.47
C LEU B 232 1.46 -19.05 -18.57
N LEU B 233 0.41 -19.78 -18.17
CA LEU B 233 -0.78 -19.99 -18.99
C LEU B 233 -1.93 -19.25 -18.32
N SER B 234 -2.56 -18.34 -19.05
CA SER B 234 -3.75 -17.64 -18.57
C SER B 234 -4.88 -17.95 -19.54
N PHE B 235 -5.85 -18.69 -19.05
CA PHE B 235 -6.96 -19.24 -19.83
C PHE B 235 -8.27 -18.60 -19.39
N THR B 236 -9.06 -18.13 -20.36
CA THR B 236 -10.44 -17.70 -20.12
C THR B 236 -11.36 -18.52 -21.00
N GLY B 237 -12.33 -19.21 -20.38
CA GLY B 237 -13.16 -20.13 -21.13
C GLY B 237 -13.93 -21.05 -20.18
N SER B 238 -14.37 -22.19 -20.71
CA SER B 238 -15.28 -23.04 -19.96
C SER B 238 -14.55 -23.76 -18.82
N PRO B 239 -15.25 -24.01 -17.70
CA PRO B 239 -14.62 -24.77 -16.59
C PRO B 239 -14.12 -26.13 -17.02
N ALA B 240 -14.89 -26.84 -17.85
CA ALA B 240 -14.48 -28.19 -18.25
C ALA B 240 -13.12 -28.15 -18.94
N VAL B 241 -12.88 -27.16 -19.80
CA VAL B 241 -11.59 -27.05 -20.48
C VAL B 241 -10.51 -26.57 -19.52
N GLY B 242 -10.79 -25.50 -18.77
CA GLY B 242 -9.74 -24.87 -17.96
C GLY B 242 -9.14 -25.80 -16.92
N TRP B 243 -10.00 -26.52 -16.19
CA TRP B 243 -9.46 -27.45 -15.19
C TRP B 243 -8.67 -28.57 -15.86
N ALA B 244 -9.07 -28.99 -17.07
CA ALA B 244 -8.32 -30.01 -17.79
C ALA B 244 -6.95 -29.49 -18.22
N LEU B 245 -6.88 -28.23 -18.64
CA LEU B 245 -5.59 -27.68 -19.05
C LEU B 245 -4.65 -27.50 -17.85
N LYS B 246 -5.20 -27.14 -16.69
CA LYS B 246 -4.35 -27.04 -15.51
C LYS B 246 -3.60 -28.34 -15.26
N GLU B 247 -4.28 -29.48 -15.47
CA GLU B 247 -3.66 -30.79 -15.23
C GLU B 247 -2.50 -31.06 -16.19
N LYS B 248 -2.51 -30.44 -17.37
CA LYS B 248 -1.52 -30.74 -18.40
C LYS B 248 -0.46 -29.66 -18.54
N ALA B 249 -0.50 -28.62 -17.71
CA ALA B 249 0.32 -27.43 -17.93
C ALA B 249 1.79 -27.64 -17.58
N GLY B 250 2.13 -28.65 -16.80
CA GLY B 250 3.51 -28.79 -16.38
C GLY B 250 3.91 -27.78 -15.32
N LYS B 251 5.12 -27.24 -15.42
CA LYS B 251 5.65 -26.41 -14.35
C LYS B 251 5.09 -24.98 -14.34
N LYS B 252 4.56 -24.49 -15.46
CA LYS B 252 4.18 -23.08 -15.54
C LYS B 252 3.09 -22.71 -14.53
N LYS B 253 3.06 -21.42 -14.19
CA LYS B 253 1.95 -20.88 -13.44
C LYS B 253 0.67 -20.92 -14.29
N VAL B 254 -0.45 -21.19 -13.63
CA VAL B 254 -1.75 -21.30 -14.31
C VAL B 254 -2.73 -20.31 -13.68
N VAL B 255 -3.39 -19.51 -14.53
CA VAL B 255 -4.49 -18.64 -14.12
C VAL B 255 -5.71 -19.03 -14.94
N LEU B 256 -6.86 -19.17 -14.26
CA LEU B 256 -8.09 -19.63 -14.89
C LEU B 256 -9.22 -18.65 -14.62
N GLU B 257 -9.89 -18.22 -15.69
CA GLU B 257 -11.09 -17.39 -15.62
C GLU B 257 -12.21 -18.19 -16.25
N LEU B 258 -13.13 -18.72 -15.43
CA LEU B 258 -14.07 -19.70 -15.94
C LEU B 258 -15.52 -19.22 -15.82
N GLY B 259 -16.47 -20.15 -15.64
CA GLY B 259 -17.87 -19.79 -15.70
C GLY B 259 -18.68 -20.10 -14.45
N GLY B 260 -19.99 -19.96 -14.53
CA GLY B 260 -20.82 -20.24 -13.36
C GLY B 260 -22.29 -20.08 -13.68
N ASN B 261 -23.10 -20.23 -12.63
CA ASN B 261 -24.56 -20.12 -12.73
C ASN B 261 -25.02 -19.01 -11.78
N ALA B 262 -24.65 -17.77 -12.11
CA ALA B 262 -24.73 -16.67 -11.14
C ALA B 262 -26.16 -16.40 -10.68
N ALA B 263 -26.28 -16.02 -9.40
CA ALA B 263 -27.55 -15.75 -8.77
C ALA B 263 -27.66 -14.28 -8.35
N ALA B 264 -28.90 -13.78 -8.35
CA ALA B 264 -29.24 -12.47 -7.80
C ALA B 264 -30.32 -12.68 -6.75
N ILE B 265 -30.13 -12.07 -5.57
CA ILE B 265 -31.11 -12.09 -4.49
C ILE B 265 -31.85 -10.77 -4.48
N VAL B 266 -33.17 -10.81 -4.33
CA VAL B 266 -33.98 -9.62 -4.15
C VAL B 266 -34.55 -9.67 -2.74
N ASP B 267 -34.11 -8.75 -1.90
CA ASP B 267 -34.45 -8.75 -0.48
C ASP B 267 -35.85 -8.18 -0.25
N ALA B 268 -36.33 -8.34 0.99
CA ALA B 268 -37.69 -7.98 1.36
C ALA B 268 -37.92 -6.47 1.39
N ASP B 269 -36.87 -5.65 1.30
CA ASP B 269 -36.99 -4.21 1.40
C ASP B 269 -37.01 -3.51 0.05
N GLN B 270 -37.23 -4.25 -1.04
CA GLN B 270 -37.05 -3.75 -2.39
C GLN B 270 -38.35 -3.36 -3.09
N PHE B 271 -39.49 -3.35 -2.39
CA PHE B 271 -40.76 -3.19 -3.10
C PHE B 271 -40.80 -1.89 -3.89
N GLU B 272 -40.33 -0.79 -3.29
CA GLU B 272 -40.40 0.51 -3.92
C GLU B 272 -39.43 0.67 -5.08
N GLN B 273 -38.44 -0.21 -5.24
CA GLN B 273 -37.44 -0.18 -6.29
CA GLN B 273 -37.59 -0.05 -6.43
C GLN B 273 -37.62 -1.30 -7.31
N LEU B 274 -38.79 -1.94 -7.36
CA LEU B 274 -38.93 -3.16 -8.16
C LEU B 274 -38.71 -2.89 -9.65
N ASP B 275 -39.14 -1.73 -10.16
CA ASP B 275 -38.90 -1.44 -11.57
C ASP B 275 -37.40 -1.38 -11.88
N TYR B 276 -36.61 -0.77 -11.01
CA TYR B 276 -35.17 -0.78 -11.20
C TYR B 276 -34.61 -2.19 -11.14
N VAL B 277 -34.98 -2.94 -10.11
CA VAL B 277 -34.50 -4.30 -9.94
C VAL B 277 -34.81 -5.14 -11.17
N VAL B 278 -36.06 -5.05 -11.67
CA VAL B 278 -36.49 -5.84 -12.82
C VAL B 278 -35.69 -5.47 -14.06
N ASP B 279 -35.45 -4.18 -14.28
CA ASP B 279 -34.65 -3.76 -15.43
C ASP B 279 -33.25 -4.35 -15.37
N ARG B 280 -32.64 -4.37 -14.18
CA ARG B 280 -31.29 -4.92 -14.07
C ARG B 280 -31.30 -6.44 -14.17
N LEU B 281 -32.32 -7.10 -13.63
CA LEU B 281 -32.42 -8.54 -13.78
C LEU B 281 -32.54 -8.93 -15.24
N ALA B 282 -33.37 -8.21 -15.99
CA ALA B 282 -33.53 -8.50 -17.42
C ALA B 282 -32.25 -8.24 -18.17
N PHE B 283 -31.54 -7.15 -17.82
CA PHE B 283 -30.23 -6.92 -18.42
C PHE B 283 -29.28 -8.09 -18.12
N GLY B 284 -29.13 -8.45 -16.85
CA GLY B 284 -28.15 -9.48 -16.51
C GLY B 284 -28.51 -10.84 -17.08
N ALA B 285 -29.80 -11.17 -17.14
CA ALA B 285 -30.18 -12.50 -17.64
C ALA B 285 -30.10 -12.61 -19.15
N TYR B 286 -30.37 -11.53 -19.87
CA TYR B 286 -30.59 -11.63 -21.30
C TYR B 286 -29.65 -10.81 -22.17
N TYR B 287 -28.80 -9.94 -21.61
CA TYR B 287 -27.82 -9.20 -22.40
CA TYR B 287 -27.91 -9.21 -22.49
C TYR B 287 -26.95 -10.19 -23.16
N GLN B 288 -26.65 -9.88 -24.42
CA GLN B 288 -25.94 -10.81 -25.32
C GLN B 288 -26.55 -12.22 -25.25
N SER B 289 -27.87 -12.27 -25.11
CA SER B 289 -28.62 -13.53 -25.05
C SER B 289 -28.10 -14.45 -23.96
N GLY B 290 -27.73 -13.88 -22.82
CA GLY B 290 -27.25 -14.66 -21.71
C GLY B 290 -25.86 -15.25 -21.88
N GLN B 291 -25.13 -14.87 -22.93
CA GLN B 291 -23.81 -15.45 -23.18
C GLN B 291 -22.74 -14.61 -22.46
N SER B 292 -22.82 -14.66 -21.14
CA SER B 292 -21.89 -13.97 -20.27
C SER B 292 -21.50 -14.89 -19.12
N CYS B 293 -20.22 -14.88 -18.76
CA CYS B 293 -19.74 -15.68 -17.63
C CYS B 293 -20.32 -15.22 -16.30
N ILE B 294 -20.95 -14.05 -16.23
CA ILE B 294 -21.65 -13.62 -15.02
C ILE B 294 -23.10 -13.27 -15.35
N GLY B 295 -23.64 -13.89 -16.40
CA GLY B 295 -25.05 -13.68 -16.69
C GLY B 295 -25.93 -14.18 -15.55
N VAL B 296 -27.05 -13.50 -15.35
CA VAL B 296 -27.98 -13.91 -14.30
C VAL B 296 -28.70 -15.17 -14.74
N GLN B 297 -28.52 -16.25 -13.99
CA GLN B 297 -29.20 -17.51 -14.27
C GLN B 297 -30.23 -17.88 -13.22
N ARG B 298 -30.04 -17.46 -11.97
CA ARG B 298 -30.94 -17.80 -10.88
C ARG B 298 -31.34 -16.53 -10.16
N ILE B 299 -32.63 -16.37 -9.90
CA ILE B 299 -33.19 -15.18 -9.27
C ILE B 299 -33.96 -15.63 -8.03
N LEU B 300 -33.47 -15.26 -6.85
CA LEU B 300 -34.06 -15.65 -5.58
C LEU B 300 -34.75 -14.43 -4.98
N VAL B 301 -36.06 -14.52 -4.78
CA VAL B 301 -36.87 -13.34 -4.45
C VAL B 301 -37.63 -13.59 -3.16
N HIS B 302 -37.60 -12.61 -2.26
CA HIS B 302 -38.29 -12.74 -1.00
C HIS B 302 -39.79 -12.93 -1.21
N ALA B 303 -40.38 -13.84 -0.43
CA ALA B 303 -41.78 -14.22 -0.62
C ALA B 303 -42.72 -13.03 -0.49
N SER B 304 -42.34 -12.01 0.30
CA SER B 304 -43.27 -10.91 0.57
C SER B 304 -43.56 -10.10 -0.69
N LEU B 305 -42.64 -10.06 -1.65
CA LEU B 305 -42.84 -9.29 -2.88
C LEU B 305 -42.66 -10.14 -4.14
N TYR B 306 -42.66 -11.47 -3.99
CA TYR B 306 -42.40 -12.37 -5.11
C TYR B 306 -43.40 -12.16 -6.25
N ASP B 307 -44.70 -12.12 -5.94
CA ASP B 307 -45.70 -12.11 -7.00
C ASP B 307 -45.64 -10.82 -7.81
N THR B 308 -45.39 -9.69 -7.15
CA THR B 308 -45.27 -8.43 -7.88
C THR B 308 -44.02 -8.42 -8.75
N LEU B 309 -42.89 -8.85 -8.19
CA LEU B 309 -41.69 -8.95 -9.01
CA LEU B 309 -41.67 -8.98 -8.99
C LEU B 309 -41.92 -9.87 -10.19
N ARG B 310 -42.57 -11.02 -9.97
CA ARG B 310 -42.79 -11.97 -11.06
CA ARG B 310 -42.80 -11.97 -11.05
C ARG B 310 -43.59 -11.32 -12.19
N ASP B 311 -44.69 -10.64 -11.87
CA ASP B 311 -45.50 -9.99 -12.89
C ASP B 311 -44.65 -9.00 -13.69
N LYS B 312 -43.89 -8.15 -13.01
CA LYS B 312 -43.08 -7.15 -13.69
C LYS B 312 -42.00 -7.80 -14.54
N LEU B 313 -41.38 -8.86 -14.01
CA LEU B 313 -40.28 -9.48 -14.75
C LEU B 313 -40.79 -10.26 -15.95
N VAL B 314 -41.95 -10.89 -15.83
CA VAL B 314 -42.57 -11.55 -16.99
C VAL B 314 -42.86 -10.51 -18.08
N ALA B 315 -43.39 -9.35 -17.69
CA ALA B 315 -43.71 -8.33 -18.68
C ALA B 315 -42.44 -7.78 -19.33
N LYS B 316 -41.42 -7.51 -18.51
CA LYS B 316 -40.15 -7.01 -19.05
C LYS B 316 -39.52 -8.04 -20.00
N THR B 317 -39.50 -9.31 -19.58
CA THR B 317 -38.90 -10.34 -20.42
C THR B 317 -39.63 -10.46 -21.76
N ARG B 318 -40.95 -10.41 -21.74
CA ARG B 318 -41.72 -10.46 -22.98
C ARG B 318 -41.50 -9.25 -23.88
N SER B 319 -41.09 -8.12 -23.31
CA SER B 319 -40.88 -6.91 -24.10
C SER B 319 -39.57 -6.88 -24.86
N LEU B 320 -38.64 -7.79 -24.56
CA LEU B 320 -37.32 -7.74 -25.17
C LEU B 320 -37.37 -8.19 -26.63
N LYS B 321 -36.81 -7.38 -27.52
CA LYS B 321 -36.86 -7.65 -28.94
C LYS B 321 -35.76 -8.63 -29.35
N MET B 322 -36.14 -9.68 -30.06
CA MET B 322 -35.22 -10.68 -30.57
C MET B 322 -35.09 -10.51 -32.08
N GLY B 323 -33.88 -10.69 -32.62
CA GLY B 323 -33.78 -10.57 -34.07
C GLY B 323 -32.34 -10.30 -34.51
N ASP B 324 -32.24 -9.61 -35.65
CA ASP B 324 -30.97 -9.31 -36.30
C ASP B 324 -30.12 -8.45 -35.39
N PRO B 325 -28.92 -8.89 -35.01
CA PRO B 325 -28.09 -8.08 -34.09
C PRO B 325 -27.60 -6.78 -34.72
N LYS B 326 -27.65 -6.63 -36.05
CA LYS B 326 -27.30 -5.37 -36.69
C LYS B 326 -28.35 -4.30 -36.44
N ASP B 327 -29.56 -4.69 -36.07
CA ASP B 327 -30.62 -3.75 -35.78
C ASP B 327 -30.42 -3.18 -34.39
N PRO B 328 -30.29 -1.85 -34.24
CA PRO B 328 -30.04 -1.29 -32.89
C PRO B 328 -31.15 -1.58 -31.89
N SER B 329 -32.35 -1.93 -32.36
CA SER B 329 -33.44 -2.26 -31.45
C SER B 329 -33.39 -3.69 -30.95
N THR B 330 -32.51 -4.53 -31.49
CA THR B 330 -32.44 -5.91 -31.04
C THR B 330 -31.73 -6.00 -29.69
N PHE B 331 -32.38 -6.65 -28.73
CA PHE B 331 -31.75 -6.97 -27.46
C PHE B 331 -31.25 -8.39 -27.40
N VAL B 332 -32.02 -9.34 -27.95
CA VAL B 332 -31.68 -10.76 -27.94
C VAL B 332 -31.29 -11.15 -29.35
N GLY B 333 -29.99 -11.34 -29.59
CA GLY B 333 -29.52 -11.81 -30.88
C GLY B 333 -29.40 -13.32 -30.89
N PRO B 334 -28.81 -13.87 -31.94
CA PRO B 334 -28.65 -15.33 -32.01
C PRO B 334 -27.68 -15.83 -30.96
N MET B 335 -27.95 -17.04 -30.46
CA MET B 335 -26.92 -17.75 -29.72
C MET B 335 -25.80 -18.15 -30.68
N ILE B 336 -24.65 -18.53 -30.11
CA ILE B 336 -23.44 -18.68 -30.91
C ILE B 336 -23.55 -19.79 -31.93
N SER B 337 -24.42 -20.77 -31.69
CA SER B 337 -24.62 -21.83 -32.66
C SER B 337 -25.95 -22.51 -32.36
N GLU B 338 -26.47 -23.19 -33.38
CA GLU B 338 -27.68 -23.96 -33.17
CA GLU B 338 -27.68 -23.98 -33.18
C GLU B 338 -27.43 -25.11 -32.19
N SER B 339 -26.21 -25.66 -32.14
CA SER B 339 -25.94 -26.74 -31.20
C SER B 339 -25.95 -26.26 -29.76
N GLU B 340 -25.47 -25.05 -29.50
CA GLU B 340 -25.56 -24.50 -28.14
C GLU B 340 -27.00 -24.18 -27.77
N SER B 341 -27.78 -23.68 -28.72
CA SER B 341 -29.19 -23.45 -28.45
C SER B 341 -29.88 -24.77 -28.14
N ARG B 342 -29.53 -25.82 -28.89
CA ARG B 342 -30.12 -27.15 -28.68
CA ARG B 342 -30.16 -27.12 -28.66
C ARG B 342 -29.75 -27.72 -27.32
N ARG B 343 -28.51 -27.50 -26.88
CA ARG B 343 -28.11 -27.95 -25.55
C ARG B 343 -28.99 -27.32 -24.48
N LEU B 344 -29.15 -26.00 -24.53
CA LEU B 344 -29.95 -25.33 -23.51
C LEU B 344 -31.42 -25.70 -23.61
N SER B 345 -31.95 -25.80 -24.83
CA SER B 345 -33.35 -26.17 -25.00
CA SER B 345 -33.36 -26.16 -24.96
C SER B 345 -33.63 -27.55 -24.40
N GLY B 346 -32.66 -28.47 -24.53
CA GLY B 346 -32.83 -29.78 -23.92
C GLY B 346 -32.88 -29.72 -22.41
N TRP B 347 -32.02 -28.90 -21.79
CA TRP B 347 -32.10 -28.71 -20.35
C TRP B 347 -33.44 -28.11 -19.94
N MET B 348 -33.92 -27.13 -20.72
CA MET B 348 -35.22 -26.53 -20.42
C MET B 348 -36.34 -27.57 -20.50
N ASP B 349 -36.34 -28.38 -21.56
CA ASP B 349 -37.34 -29.44 -21.70
C ASP B 349 -37.34 -30.37 -20.50
N ALA B 350 -36.15 -30.76 -20.04
CA ALA B 350 -36.07 -31.70 -18.93
C ALA B 350 -36.59 -31.07 -17.64
N ALA B 351 -36.30 -29.77 -17.43
CA ALA B 351 -36.82 -29.10 -16.24
C ALA B 351 -38.34 -29.04 -16.27
N VAL B 352 -38.90 -28.71 -17.44
CA VAL B 352 -40.36 -28.70 -17.58
C VAL B 352 -40.93 -30.09 -17.34
N ALA B 353 -40.28 -31.12 -17.90
CA ALA B 353 -40.77 -32.48 -17.73
C ALA B 353 -40.76 -32.90 -16.27
N ALA B 354 -39.85 -32.35 -15.46
CA ALA B 354 -39.77 -32.63 -14.03
C ALA B 354 -40.62 -31.70 -13.18
N GLY B 355 -41.39 -30.81 -13.78
CA GLY B 355 -42.34 -30.00 -13.04
C GLY B 355 -42.19 -28.50 -13.20
N ALA B 356 -41.17 -28.01 -13.89
CA ALA B 356 -41.00 -26.57 -14.04
C ALA B 356 -42.02 -26.01 -15.02
N LYS B 357 -42.16 -24.69 -14.99
CA LYS B 357 -43.15 -23.98 -15.77
C LYS B 357 -42.49 -22.79 -16.46
N ILE B 358 -42.67 -22.68 -17.77
CA ILE B 358 -42.21 -21.52 -18.52
C ILE B 358 -43.25 -20.42 -18.33
N ILE B 359 -42.84 -19.29 -17.76
CA ILE B 359 -43.76 -18.18 -17.51
C ILE B 359 -43.50 -16.99 -18.41
N ALA B 360 -42.44 -17.04 -19.23
CA ALA B 360 -42.18 -16.03 -20.26
C ALA B 360 -41.29 -16.67 -21.31
N GLY B 361 -41.58 -16.37 -22.58
CA GLY B 361 -40.74 -16.84 -23.67
C GLY B 361 -40.90 -18.33 -23.93
N GLY B 362 -39.79 -19.00 -24.15
CA GLY B 362 -39.78 -20.44 -24.33
C GLY B 362 -39.64 -20.92 -25.77
N LYS B 363 -39.81 -20.05 -26.77
CA LYS B 363 -39.74 -20.47 -28.15
C LYS B 363 -38.29 -20.51 -28.61
N VAL B 364 -37.90 -21.60 -29.27
CA VAL B 364 -36.55 -21.78 -29.80
C VAL B 364 -36.66 -22.13 -31.28
N ASP B 365 -35.94 -21.41 -32.13
CA ASP B 365 -35.94 -21.65 -33.58
C ASP B 365 -34.49 -21.57 -34.04
N GLY B 366 -33.86 -22.72 -34.21
CA GLY B 366 -32.45 -22.72 -34.55
C GLY B 366 -31.65 -22.08 -33.42
N ALA B 367 -30.82 -21.12 -33.77
CA ALA B 367 -30.03 -20.38 -32.78
C ALA B 367 -30.80 -19.20 -32.18
N MET B 368 -32.02 -18.95 -32.63
CA MET B 368 -32.83 -17.84 -32.10
C MET B 368 -33.64 -18.37 -30.92
N PHE B 369 -33.13 -18.12 -29.72
CA PHE B 369 -33.70 -18.53 -28.44
C PHE B 369 -34.28 -17.28 -27.78
N GLU B 370 -35.61 -17.22 -27.60
CA GLU B 370 -36.11 -16.00 -27.02
CA GLU B 370 -36.29 -16.10 -26.96
C GLU B 370 -35.80 -15.92 -25.52
N ALA B 371 -35.83 -14.69 -25.03
CA ALA B 371 -35.66 -14.47 -23.60
C ALA B 371 -36.72 -15.26 -22.85
N THR B 372 -36.28 -16.08 -21.89
CA THR B 372 -37.16 -17.09 -21.30
C THR B 372 -37.00 -17.11 -19.79
N LEU B 373 -38.13 -17.27 -19.08
CA LEU B 373 -38.16 -17.28 -17.62
C LEU B 373 -38.94 -18.49 -17.16
N LEU B 374 -38.39 -19.25 -16.20
CA LEU B 374 -39.08 -20.40 -15.64
C LEU B 374 -39.21 -20.28 -14.13
N GLU B 375 -40.26 -20.92 -13.58
CA GLU B 375 -40.48 -21.16 -12.16
CA GLU B 375 -40.30 -21.16 -12.16
C GLU B 375 -40.47 -22.65 -11.90
N ASP B 376 -40.38 -23.01 -10.61
CA ASP B 376 -40.51 -24.40 -10.16
C ASP B 376 -39.44 -25.31 -10.76
N VAL B 377 -38.24 -24.77 -10.95
CA VAL B 377 -37.10 -25.57 -11.40
C VAL B 377 -36.44 -26.22 -10.19
N GLY B 378 -36.42 -27.55 -10.17
CA GLY B 378 -35.80 -28.25 -9.07
C GLY B 378 -34.30 -28.01 -9.03
N ARG B 379 -33.75 -27.91 -7.82
CA ARG B 379 -32.33 -27.62 -7.64
C ARG B 379 -31.42 -28.71 -8.17
N GLU B 380 -31.98 -29.90 -8.48
CA GLU B 380 -31.19 -30.99 -9.03
C GLU B 380 -31.02 -30.90 -10.54
N GLN B 381 -31.80 -30.03 -11.20
CA GLN B 381 -31.87 -29.99 -12.66
C GLN B 381 -30.60 -29.40 -13.27
N ASP B 382 -30.25 -29.90 -14.46
CA ASP B 382 -29.15 -29.30 -15.22
C ASP B 382 -29.40 -27.82 -15.46
N LEU B 383 -30.64 -27.44 -15.77
CA LEU B 383 -30.94 -26.03 -15.98
C LEU B 383 -30.58 -25.19 -14.76
N TYR B 384 -30.68 -25.79 -13.55
CA TYR B 384 -30.32 -25.09 -12.33
C TYR B 384 -28.82 -25.09 -12.10
N ARG B 385 -28.18 -26.26 -12.22
CA ARG B 385 -26.83 -26.47 -11.68
C ARG B 385 -25.71 -26.25 -12.69
N LYS B 386 -25.97 -26.43 -13.98
CA LYS B 386 -24.94 -26.26 -14.98
CA LYS B 386 -24.92 -26.25 -14.98
C LYS B 386 -25.01 -24.84 -15.55
N GLU B 387 -24.00 -24.47 -16.33
CA GLU B 387 -23.93 -23.10 -16.86
C GLU B 387 -24.84 -22.99 -18.09
N ALA B 388 -25.93 -22.23 -17.97
CA ALA B 388 -26.90 -22.14 -19.05
C ALA B 388 -26.29 -21.50 -20.29
N PHE B 389 -25.57 -20.38 -20.12
CA PHE B 389 -24.98 -19.61 -21.21
C PHE B 389 -25.97 -19.39 -22.36
N GLY B 390 -27.14 -18.90 -22.00
CA GLY B 390 -28.17 -18.60 -22.97
C GLY B 390 -29.25 -17.79 -22.29
N PRO B 391 -30.25 -17.38 -23.03
CA PRO B 391 -31.21 -16.38 -22.53
C PRO B 391 -32.33 -17.01 -21.71
N VAL B 392 -31.94 -17.75 -20.67
CA VAL B 392 -32.88 -18.42 -19.78
C VAL B 392 -32.52 -18.06 -18.35
N ALA B 393 -33.53 -17.73 -17.55
CA ALA B 393 -33.33 -17.50 -16.12
C ALA B 393 -34.40 -18.26 -15.35
N ILE B 394 -34.06 -18.60 -14.10
CA ILE B 394 -34.99 -19.32 -13.24
CA ILE B 394 -34.92 -19.35 -13.19
C ILE B 394 -35.32 -18.44 -12.04
N LEU B 395 -36.59 -18.44 -11.67
CA LEU B 395 -37.11 -17.65 -10.57
C LEU B 395 -37.50 -18.56 -9.41
N GLU B 396 -37.02 -18.25 -8.20
CA GLU B 396 -37.37 -19.04 -7.03
C GLU B 396 -37.57 -18.12 -5.83
N LYS B 397 -38.18 -18.68 -4.78
CA LYS B 397 -38.72 -17.92 -3.66
C LYS B 397 -38.00 -18.32 -2.36
N PHE B 398 -37.83 -17.35 -1.45
CA PHE B 398 -37.29 -17.63 -0.13
C PHE B 398 -37.98 -16.77 0.92
N ASP B 399 -37.89 -17.22 2.16
CA ASP B 399 -38.40 -16.51 3.34
C ASP B 399 -37.31 -15.94 4.23
N ARG B 400 -36.23 -16.69 4.44
CA ARG B 400 -35.16 -16.31 5.35
C ARG B 400 -33.92 -15.96 4.54
N PHE B 401 -33.28 -14.84 4.87
CA PHE B 401 -32.13 -14.38 4.10
C PHE B 401 -31.01 -15.41 4.10
N ASP B 402 -30.76 -16.09 5.23
CA ASP B 402 -29.70 -17.09 5.27
C ASP B 402 -29.98 -18.25 4.33
N ASP B 403 -31.25 -18.57 4.10
CA ASP B 403 -31.61 -19.61 3.16
C ASP B 403 -31.30 -19.16 1.73
N ALA B 404 -31.56 -17.89 1.42
CA ALA B 404 -31.17 -17.38 0.11
C ALA B 404 -29.67 -17.50 -0.09
N LEU B 405 -28.88 -17.15 0.93
CA LEU B 405 -27.43 -17.25 0.82
C LEU B 405 -27.00 -18.70 0.61
N ALA B 406 -27.56 -19.61 1.41
CA ALA B 406 -27.25 -21.03 1.25
C ALA B 406 -27.56 -21.53 -0.16
N ARG B 407 -28.68 -21.06 -0.73
CA ARG B 407 -29.06 -21.54 -2.05
C ARG B 407 -28.19 -20.92 -3.16
N VAL B 408 -27.75 -19.67 -2.99
CA VAL B 408 -26.73 -19.14 -3.91
C VAL B 408 -25.50 -20.04 -3.92
N ASN B 409 -25.03 -20.42 -2.72
CA ASN B 409 -23.84 -21.25 -2.56
C ASN B 409 -24.05 -22.70 -2.98
N ASP B 410 -25.29 -23.13 -3.19
CA ASP B 410 -25.62 -24.50 -3.57
C ASP B 410 -25.29 -24.67 -5.05
N SER B 411 -24.00 -24.82 -5.33
CA SER B 411 -23.49 -24.77 -6.69
C SER B 411 -22.05 -25.24 -6.70
N ASP B 412 -21.63 -25.80 -7.84
CA ASP B 412 -20.21 -26.05 -8.09
C ASP B 412 -19.42 -24.75 -8.25
N PHE B 413 -20.11 -23.64 -8.49
CA PHE B 413 -19.48 -22.43 -9.00
C PHE B 413 -19.47 -21.32 -7.94
N GLY B 414 -18.78 -20.24 -8.28
CA GLY B 414 -18.67 -19.10 -7.38
C GLY B 414 -17.95 -17.93 -8.02
N LEU B 415 -18.53 -17.39 -9.09
CA LEU B 415 -17.88 -16.26 -9.78
C LEU B 415 -18.35 -14.96 -9.14
N GLN B 416 -19.60 -14.55 -9.40
CA GLN B 416 -20.16 -13.37 -8.74
C GLN B 416 -21.62 -13.67 -8.39
N ALA B 417 -22.10 -12.94 -7.39
CA ALA B 417 -23.51 -12.98 -6.99
C ALA B 417 -23.94 -11.53 -6.74
N GLY B 418 -25.23 -11.27 -6.89
CA GLY B 418 -25.79 -9.96 -6.65
C GLY B 418 -26.84 -10.01 -5.56
N VAL B 419 -26.93 -8.93 -4.78
CA VAL B 419 -27.94 -8.81 -3.71
C VAL B 419 -28.55 -7.41 -3.78
N PHE B 420 -29.84 -7.33 -4.09
CA PHE B 420 -30.59 -6.07 -4.01
C PHE B 420 -31.13 -5.92 -2.59
N THR B 421 -30.51 -5.04 -1.81
CA THR B 421 -30.88 -4.84 -0.42
C THR B 421 -30.42 -3.44 -0.01
N ASP B 422 -31.14 -2.83 0.92
CA ASP B 422 -30.66 -1.62 1.57
C ASP B 422 -30.22 -1.89 3.00
N SER B 423 -30.20 -3.15 3.42
CA SER B 423 -29.87 -3.50 4.80
C SER B 423 -28.36 -3.67 4.95
N LEU B 424 -27.74 -2.83 5.79
CA LEU B 424 -26.33 -3.04 6.14
C LEU B 424 -26.10 -4.44 6.65
N THR B 425 -26.98 -4.91 7.54
CA THR B 425 -26.82 -6.22 8.15
C THR B 425 -26.78 -7.31 7.08
N HIS B 426 -27.71 -7.25 6.12
CA HIS B 426 -27.76 -8.27 5.09
C HIS B 426 -26.60 -8.14 4.10
N ALA B 427 -26.20 -6.92 3.74
CA ALA B 427 -25.04 -6.79 2.86
C ALA B 427 -23.79 -7.36 3.51
N GLN B 428 -23.58 -7.06 4.79
CA GLN B 428 -22.43 -7.59 5.53
C GLN B 428 -22.48 -9.11 5.60
N ARG B 429 -23.65 -9.67 5.90
CA ARG B 429 -23.79 -11.11 5.95
C ARG B 429 -23.52 -11.75 4.59
N ALA B 430 -23.99 -11.13 3.51
CA ALA B 430 -23.70 -11.64 2.18
C ALA B 430 -22.20 -11.61 1.87
N TRP B 431 -21.53 -10.53 2.28
CA TRP B 431 -20.08 -10.45 2.05
C TRP B 431 -19.36 -11.55 2.82
N ASP B 432 -19.80 -11.82 4.05
CA ASP B 432 -19.21 -12.89 4.87
C ASP B 432 -19.41 -14.26 4.26
N GLU B 433 -20.62 -14.54 3.75
CA GLU B 433 -21.06 -15.92 3.53
C GLU B 433 -21.09 -16.38 2.07
N LEU B 434 -21.19 -15.48 1.11
CA LEU B 434 -21.28 -15.91 -0.28
C LEU B 434 -19.89 -16.31 -0.78
N GLU B 435 -19.74 -17.59 -1.15
CA GLU B 435 -18.43 -18.10 -1.60
CA GLU B 435 -18.45 -18.11 -1.61
C GLU B 435 -18.29 -17.82 -3.09
N VAL B 436 -17.94 -16.56 -3.38
CA VAL B 436 -17.78 -16.05 -4.74
C VAL B 436 -16.58 -15.13 -4.76
N GLY B 437 -16.09 -14.86 -5.97
CA GLY B 437 -15.05 -13.86 -6.13
C GLY B 437 -15.55 -12.46 -5.81
N GLY B 438 -16.75 -12.12 -6.26
CA GLY B 438 -17.29 -10.79 -6.04
C GLY B 438 -18.78 -10.79 -5.71
N VAL B 439 -19.14 -9.99 -4.71
CA VAL B 439 -20.52 -9.76 -4.30
C VAL B 439 -20.90 -8.35 -4.75
N VAL B 440 -21.98 -8.23 -5.52
CA VAL B 440 -22.47 -6.94 -5.99
C VAL B 440 -23.72 -6.57 -5.20
N ILE B 441 -23.73 -5.38 -4.62
CA ILE B 441 -24.83 -4.90 -3.79
C ILE B 441 -25.58 -3.83 -4.58
N ASN B 442 -26.89 -4.06 -4.76
CA ASN B 442 -27.80 -3.16 -5.46
CA ASN B 442 -27.82 -3.19 -5.45
C ASN B 442 -27.57 -3.13 -6.96
N ASP B 443 -26.97 -4.20 -7.51
CA ASP B 443 -26.98 -4.45 -8.94
C ASP B 443 -26.81 -5.96 -9.12
N VAL B 444 -26.97 -6.41 -10.36
CA VAL B 444 -26.85 -7.83 -10.69
C VAL B 444 -25.41 -8.31 -10.60
N PRO B 445 -25.16 -9.61 -10.48
CA PRO B 445 -23.79 -10.12 -10.57
C PRO B 445 -23.12 -9.84 -11.91
N SER B 446 -23.88 -9.45 -12.94
CA SER B 446 -23.33 -9.28 -14.28
C SER B 446 -22.51 -8.00 -14.43
N PHE B 447 -22.39 -7.20 -13.38
CA PHE B 447 -21.62 -5.96 -13.46
C PHE B 447 -20.12 -6.22 -13.33
N ARG B 448 -19.35 -5.62 -14.21
CA ARG B 448 -17.90 -5.56 -14.08
C ARG B 448 -17.40 -4.22 -14.58
N VAL B 449 -16.48 -3.60 -13.84
CA VAL B 449 -15.72 -2.46 -14.32
C VAL B 449 -14.26 -2.91 -14.42
N ASP B 450 -13.55 -2.45 -15.45
CA ASP B 450 -12.39 -3.20 -15.90
C ASP B 450 -11.15 -3.04 -15.05
N ASN B 451 -11.10 -2.08 -14.10
CA ASN B 451 -10.00 -2.04 -13.16
C ASN B 451 -10.19 -2.94 -11.94
N MET B 452 -11.42 -3.43 -11.70
CA MET B 452 -11.67 -4.12 -10.44
C MET B 452 -11.08 -5.54 -10.44
N PRO B 453 -10.71 -6.08 -9.27
CA PRO B 453 -10.30 -7.48 -9.24
C PRO B 453 -11.47 -8.35 -9.65
N TYR B 454 -11.20 -9.33 -10.52
CA TYR B 454 -12.31 -10.07 -11.11
C TYR B 454 -11.93 -11.53 -11.30
N GLY B 455 -12.77 -12.43 -10.82
CA GLY B 455 -12.53 -13.84 -11.03
C GLY B 455 -13.39 -14.67 -10.12
N GLY B 456 -13.15 -15.98 -10.19
CA GLY B 456 -14.00 -16.93 -9.51
C GLY B 456 -13.28 -17.80 -8.50
N VAL B 457 -14.04 -18.35 -7.56
CA VAL B 457 -13.54 -19.39 -6.68
C VAL B 457 -14.35 -20.66 -6.98
N LYS B 458 -14.14 -21.72 -6.21
CA LYS B 458 -14.76 -23.01 -6.47
C LYS B 458 -14.45 -23.40 -7.92
N ASP B 459 -15.43 -23.91 -8.69
CA ASP B 459 -15.10 -24.31 -10.06
C ASP B 459 -15.08 -23.15 -11.05
N SER B 460 -15.26 -21.91 -10.58
CA SER B 460 -15.35 -20.75 -11.49
C SER B 460 -14.00 -20.10 -11.80
N GLY B 461 -12.91 -20.45 -11.12
CA GLY B 461 -11.65 -19.87 -11.52
C GLY B 461 -10.55 -20.10 -10.50
N LEU B 462 -9.39 -19.54 -10.84
CA LEU B 462 -8.20 -19.61 -9.99
C LEU B 462 -7.37 -18.38 -10.32
N GLY B 463 -7.43 -17.37 -9.46
CA GLY B 463 -6.72 -16.12 -9.66
C GLY B 463 -7.68 -15.00 -10.05
N ARG B 464 -7.11 -13.82 -10.28
CA ARG B 464 -7.90 -12.65 -10.63
C ARG B 464 -7.31 -11.91 -11.83
N GLU B 465 -8.20 -11.35 -12.63
CA GLU B 465 -7.85 -10.38 -13.63
C GLU B 465 -8.37 -9.01 -13.19
N GLY B 466 -8.32 -8.05 -14.10
CA GLY B 466 -8.27 -6.65 -13.71
C GLY B 466 -6.80 -6.27 -13.70
N ILE B 467 -6.45 -5.09 -14.21
CA ILE B 467 -5.09 -4.86 -14.68
C ILE B 467 -4.06 -5.08 -13.58
N ARG B 468 -4.27 -4.47 -12.40
CA ARG B 468 -3.29 -4.61 -11.32
C ARG B 468 -3.01 -6.08 -10.97
N TYR B 469 -4.05 -6.91 -10.99
CA TYR B 469 -3.96 -8.28 -10.51
C TYR B 469 -3.34 -9.19 -11.56
N ALA B 470 -3.61 -8.92 -12.84
CA ALA B 470 -2.95 -9.62 -13.92
C ALA B 470 -1.45 -9.28 -13.97
N ILE B 471 -1.10 -8.01 -13.74
CA ILE B 471 0.33 -7.65 -13.67
C ILE B 471 1.03 -8.44 -12.58
N GLU B 472 0.37 -8.61 -11.43
CA GLU B 472 0.96 -9.40 -10.36
CA GLU B 472 0.96 -9.41 -10.36
C GLU B 472 1.23 -10.84 -10.82
N ASP B 473 0.28 -11.45 -11.54
CA ASP B 473 0.51 -12.81 -12.02
C ASP B 473 1.56 -12.88 -13.13
N MET B 474 1.71 -11.83 -13.92
CA MET B 474 2.65 -11.81 -15.02
C MET B 474 4.03 -11.31 -14.63
N THR B 475 4.31 -11.21 -13.33
CA THR B 475 5.62 -10.80 -12.86
C THR B 475 6.06 -11.72 -11.72
N GLU B 476 7.38 -11.79 -11.52
CA GLU B 476 7.94 -12.43 -10.34
C GLU B 476 8.55 -11.36 -9.46
N PRO B 477 8.30 -11.37 -8.15
CA PRO B 477 9.05 -10.46 -7.27
C PRO B 477 10.51 -10.87 -7.25
N ARG B 478 11.40 -9.87 -7.21
CA ARG B 478 12.81 -10.15 -7.04
C ARG B 478 13.32 -9.25 -5.92
N LEU B 479 13.68 -9.87 -4.81
CA LEU B 479 14.17 -9.19 -3.64
C LEU B 479 15.66 -8.94 -3.77
N MET B 480 16.10 -7.75 -3.37
CA MET B 480 17.51 -7.47 -3.15
C MET B 480 17.69 -7.16 -1.68
N VAL B 481 18.47 -8.00 -0.99
CA VAL B 481 18.85 -7.80 0.40
C VAL B 481 20.23 -7.14 0.42
N VAL B 482 20.34 -5.98 1.06
CA VAL B 482 21.64 -5.30 1.18
C VAL B 482 22.08 -5.34 2.64
N ARG B 483 23.28 -5.88 2.88
CA ARG B 483 23.86 -5.91 4.21
C ARG B 483 24.88 -4.78 4.37
N ARG B 484 24.68 -3.96 5.40
CA ARG B 484 25.66 -2.98 5.84
C ARG B 484 26.29 -3.48 7.14
N ARG B 485 27.61 -3.42 7.21
CA ARG B 485 28.32 -3.89 8.40
C ARG B 485 28.78 -2.72 9.25
N LEU C 10 -0.65 6.10 46.34
CA LEU C 10 0.33 6.99 45.71
C LEU C 10 1.54 7.17 46.60
N LYS C 11 2.71 7.35 45.98
CA LYS C 11 3.89 7.75 46.72
C LYS C 11 3.67 9.16 47.29
N ASP C 12 4.42 9.47 48.35
CA ASP C 12 4.34 10.80 48.97
C ASP C 12 4.86 11.88 48.03
N THR C 13 5.88 11.58 47.23
CA THR C 13 6.42 12.53 46.28
C THR C 13 6.79 11.80 45.00
N TYR C 14 6.80 12.54 43.88
CA TYR C 14 7.30 12.04 42.61
C TYR C 14 8.34 13.00 42.06
N PRO C 15 9.38 12.49 41.42
CA PRO C 15 10.34 13.36 40.72
C PRO C 15 9.82 13.66 39.33
N TYR C 16 10.47 14.62 38.67
CA TYR C 16 10.31 14.71 37.23
C TYR C 16 11.47 13.98 36.57
N TYR C 17 11.38 13.81 35.25
CA TYR C 17 12.38 13.04 34.51
C TYR C 17 13.04 13.97 33.50
N LEU C 18 14.34 14.22 33.71
CA LEU C 18 15.13 15.10 32.88
C LEU C 18 16.21 14.26 32.21
N ALA C 19 16.16 14.16 30.89
CA ALA C 19 17.11 13.36 30.11
C ALA C 19 17.23 11.95 30.68
N ASN C 20 16.08 11.30 30.84
CA ASN C 20 15.89 9.90 31.23
C ASN C 20 16.06 9.66 32.72
N GLU C 21 16.36 10.66 33.54
CA GLU C 21 16.73 10.42 34.94
C GLU C 21 15.79 11.12 35.90
N ALA C 22 15.44 10.44 36.99
CA ALA C 22 14.60 11.03 38.02
C ALA C 22 15.33 12.17 38.72
N VAL C 23 14.67 13.32 38.85
CA VAL C 23 15.20 14.47 39.57
C VAL C 23 14.15 14.91 40.59
N TYR C 24 14.46 14.77 41.88
CA TYR C 24 13.56 15.23 42.94
C TYR C 24 13.85 16.70 43.24
N ALA C 25 13.53 17.53 42.24
CA ALA C 25 13.96 18.93 42.26
C ALA C 25 13.25 19.73 43.34
N ASN C 26 11.98 19.43 43.57
CA ASN C 26 11.16 20.15 44.55
C ASN C 26 9.88 19.36 44.73
N THR C 27 9.01 19.85 45.60
CA THR C 27 7.67 19.29 45.80
C THR C 27 6.60 20.37 45.61
N ASP C 28 6.81 21.22 44.59
CA ASP C 28 6.01 22.43 44.48
C ASP C 28 4.66 22.21 43.78
N LEU C 29 4.48 21.12 43.03
CA LEU C 29 3.22 20.86 42.35
C LEU C 29 2.40 19.89 43.20
N GLU C 30 1.37 20.43 43.85
CA GLU C 30 0.46 19.62 44.64
C GLU C 30 -0.62 19.03 43.74
N VAL C 31 -0.89 17.73 43.90
CA VAL C 31 -1.90 17.03 43.12
C VAL C 31 -2.99 16.59 44.08
N THR C 32 -4.22 17.04 43.86
CA THR C 32 -5.32 16.73 44.75
C THR C 32 -6.08 15.50 44.31
N ASP C 33 -6.67 14.81 45.28
CA ASP C 33 -7.74 13.86 45.03
C ASP C 33 -8.98 14.63 44.59
N LYS C 34 -9.44 14.41 43.35
CA LYS C 34 -10.51 15.27 42.83
C LYS C 34 -11.87 14.99 43.44
N PHE C 35 -11.99 13.94 44.26
CA PHE C 35 -13.24 13.72 44.98
C PHE C 35 -13.20 14.31 46.38
N SER C 36 -12.13 14.08 47.12
CA SER C 36 -12.04 14.60 48.48
C SER C 36 -11.53 16.03 48.52
N GLY C 37 -10.80 16.47 47.50
CA GLY C 37 -10.17 17.76 47.49
C GLY C 37 -8.86 17.84 48.24
N LYS C 38 -8.47 16.80 48.95
CA LYS C 38 -7.24 16.83 49.73
C LYS C 38 -6.02 16.56 48.85
N VAL C 39 -4.88 17.11 49.25
CA VAL C 39 -3.64 16.84 48.51
C VAL C 39 -3.30 15.36 48.66
N ALA C 40 -3.13 14.69 47.52
CA ALA C 40 -2.83 13.27 47.52
C ALA C 40 -1.35 12.97 47.31
N THR C 41 -0.63 13.83 46.59
CA THR C 41 0.81 13.68 46.43
C THR C 41 1.37 15.03 46.01
N ARG C 42 2.69 15.13 46.00
CA ARG C 42 3.38 16.33 45.55
C ARG C 42 4.47 15.92 44.58
N VAL C 43 4.57 16.61 43.45
CA VAL C 43 5.53 16.23 42.43
C VAL C 43 6.43 17.42 42.12
N ALA C 44 7.59 17.11 41.55
CA ALA C 44 8.54 18.14 41.16
C ALA C 44 8.03 18.92 39.97
N LEU C 45 8.07 20.26 40.10
CA LEU C 45 7.62 21.18 39.07
C LEU C 45 8.83 21.68 38.30
N ALA C 46 8.79 21.57 36.97
CA ALA C 46 9.92 21.99 36.16
C ALA C 46 9.85 23.48 35.87
N ASP C 47 10.99 24.16 35.95
CA ASP C 47 11.08 25.56 35.60
C ASP C 47 11.68 25.72 34.20
N ALA C 48 11.87 26.97 33.78
CA ALA C 48 12.41 27.21 32.45
C ALA C 48 13.81 26.62 32.28
N GLN C 49 14.62 26.69 33.34
CA GLN C 49 15.98 26.16 33.22
C GLN C 49 15.95 24.65 32.96
N ALA C 50 15.06 23.94 33.64
CA ALA C 50 14.93 22.49 33.44
C ALA C 50 14.37 22.18 32.06
N ILE C 51 13.38 22.94 31.60
CA ILE C 51 12.81 22.71 30.28
C ILE C 51 13.87 22.92 29.21
N ASP C 52 14.64 24.01 29.33
CA ASP C 52 15.71 24.28 28.36
C ASP C 52 16.76 23.16 28.38
N ALA C 53 17.15 22.70 29.57
CA ALA C 53 18.10 21.60 29.65
C ALA C 53 17.55 20.35 28.97
N ALA C 54 16.25 20.11 29.11
CA ALA C 54 15.63 18.94 28.49
C ALA C 54 15.67 19.05 26.97
N ILE C 55 15.45 20.25 26.44
CA ILE C 55 15.47 20.43 25.00
C ILE C 55 16.88 20.23 24.46
N GLY C 56 17.89 20.80 25.13
CA GLY C 56 19.25 20.60 24.69
C GLY C 56 19.66 19.14 24.73
N ALA C 57 19.20 18.41 25.75
CA ALA C 57 19.51 16.99 25.82
C ALA C 57 18.82 16.22 24.71
N ALA C 58 17.58 16.60 24.38
CA ALA C 58 16.88 15.98 23.26
C ALA C 58 17.65 16.17 21.96
N VAL C 59 18.18 17.38 21.74
CA VAL C 59 18.97 17.65 20.53
C VAL C 59 20.17 16.71 20.47
N ASP C 60 20.87 16.54 21.60
CA ASP C 60 22.02 15.66 21.63
C ASP C 60 21.66 14.20 21.41
N ALA C 61 20.42 13.80 21.70
CA ALA C 61 20.00 12.41 21.55
C ALA C 61 19.46 12.08 20.16
N VAL C 62 19.38 13.06 19.25
CA VAL C 62 18.79 12.83 17.94
C VAL C 62 19.54 11.73 17.20
N LYS C 63 20.86 11.88 17.07
CA LYS C 63 21.63 10.87 16.34
C LYS C 63 21.58 9.50 17.00
N PRO C 64 21.83 9.35 18.31
CA PRO C 64 21.69 8.01 18.92
C PRO C 64 20.31 7.40 18.76
N MET C 65 19.24 8.21 18.88
CA MET C 65 17.89 7.68 18.68
C MET C 65 17.67 7.25 17.24
N ARG C 66 18.17 8.02 16.27
CA ARG C 66 18.00 7.67 14.87
CA ARG C 66 18.01 7.66 14.87
C ARG C 66 18.72 6.36 14.55
N GLU C 67 19.82 6.06 15.24
CA GLU C 67 20.61 4.88 14.93
C GLU C 67 20.14 3.63 15.67
N LEU C 68 19.23 3.78 16.62
CA LEU C 68 18.64 2.63 17.30
CA LEU C 68 18.65 2.63 17.30
C LEU C 68 17.93 1.74 16.29
N PRO C 69 18.30 0.46 16.17
CA PRO C 69 17.60 -0.42 15.21
C PRO C 69 16.15 -0.62 15.59
N ALA C 70 15.33 -0.91 14.58
CA ALA C 70 13.89 -1.09 14.81
C ALA C 70 13.60 -2.09 15.92
N TYR C 71 14.29 -3.24 15.93
CA TYR C 71 13.97 -4.25 16.93
C TYR C 71 14.34 -3.78 18.34
N ARG C 72 15.29 -2.86 18.48
CA ARG C 72 15.59 -2.31 19.81
C ARG C 72 14.52 -1.33 20.26
N ARG C 73 14.02 -0.50 19.34
CA ARG C 73 12.88 0.35 19.65
CA ARG C 73 12.89 0.35 19.67
C ARG C 73 11.68 -0.48 20.06
N GLN C 74 11.46 -1.61 19.35
CA GLN C 74 10.38 -2.51 19.72
C GLN C 74 10.59 -3.06 21.12
N ALA C 75 11.82 -3.45 21.45
CA ALA C 75 12.09 -4.03 22.76
C ALA C 75 11.81 -3.01 23.88
N VAL C 76 12.13 -1.74 23.64
CA VAL C 76 11.78 -0.69 24.61
C VAL C 76 10.28 -0.65 24.82
N LEU C 77 9.53 -0.64 23.72
CA LEU C 77 8.07 -0.62 23.84
C LEU C 77 7.55 -1.86 24.55
N ASP C 78 8.15 -3.02 24.26
CA ASP C 78 7.70 -4.26 24.90
C ASP C 78 7.98 -4.24 26.40
N HIS C 79 9.11 -3.66 26.80
CA HIS C 79 9.37 -3.50 28.22
C HIS C 79 8.29 -2.69 28.90
N CYS C 80 7.86 -1.59 28.25
CA CYS C 80 6.78 -0.77 28.79
C CYS C 80 5.50 -1.57 28.95
N VAL C 81 5.11 -2.31 27.90
CA VAL C 81 3.90 -3.13 27.96
C VAL C 81 3.97 -4.09 29.15
N ALA C 82 5.08 -4.80 29.30
CA ALA C 82 5.24 -5.77 30.38
C ALA C 82 5.11 -5.10 31.74
N ARG C 83 5.75 -3.94 31.91
CA ARG C 83 5.73 -3.29 33.22
C ARG C 83 4.38 -2.64 33.51
N PHE C 84 3.71 -2.09 32.48
CA PHE C 84 2.37 -1.58 32.70
C PHE C 84 1.43 -2.69 33.17
N ARG C 85 1.59 -3.90 32.62
CA ARG C 85 0.78 -5.02 33.08
C ARG C 85 1.06 -5.33 34.54
N GLU C 86 2.33 -5.38 34.94
CA GLU C 86 2.56 -5.72 36.33
CA GLU C 86 2.71 -5.67 36.32
C GLU C 86 2.24 -4.57 37.27
N ARG C 87 2.16 -3.33 36.78
CA ARG C 87 1.82 -2.18 37.60
C ARG C 87 0.41 -1.70 37.31
N PHE C 88 -0.44 -2.60 36.81
CA PHE C 88 -1.76 -2.25 36.32
C PHE C 88 -2.60 -1.58 37.42
N ASP C 89 -2.64 -2.18 38.60
CA ASP C 89 -3.47 -1.64 39.68
C ASP C 89 -2.92 -0.30 40.16
N GLU C 90 -1.60 -0.17 40.24
CA GLU C 90 -1.00 1.10 40.65
C GLU C 90 -1.35 2.21 39.68
N LEU C 91 -1.28 1.93 38.38
CA LEU C 91 -1.64 2.94 37.38
C LEU C 91 -3.12 3.30 37.48
N ALA C 92 -3.98 2.29 37.65
CA ALA C 92 -5.41 2.58 37.67
C ALA C 92 -5.81 3.38 38.91
N GLU C 93 -5.22 3.06 40.06
CA GLU C 93 -5.56 3.80 41.27
C GLU C 93 -5.06 5.24 41.20
N ALA C 94 -3.85 5.43 40.66
CA ALA C 94 -3.31 6.78 40.53
C ALA C 94 -4.19 7.63 39.63
N LEU C 95 -4.63 7.06 38.51
CA LEU C 95 -5.55 7.75 37.61
C LEU C 95 -6.88 8.05 38.28
N CYS C 96 -7.40 7.08 39.03
CA CYS C 96 -8.65 7.27 39.76
C CYS C 96 -8.57 8.45 40.71
N ILE C 97 -7.46 8.55 41.45
CA ILE C 97 -7.29 9.63 42.42
C ILE C 97 -7.11 10.97 41.72
N GLU C 98 -6.13 11.06 40.82
CA GLU C 98 -5.74 12.38 40.32
C GLU C 98 -6.71 12.95 39.28
N ALA C 99 -7.45 12.11 38.55
CA ALA C 99 -8.47 12.60 37.64
C ALA C 99 -9.88 12.49 38.21
N GLY C 100 -10.05 11.90 39.39
CA GLY C 100 -11.40 11.60 39.87
C GLY C 100 -12.17 10.65 38.97
N LYS C 101 -11.47 9.81 38.24
CA LYS C 101 -12.07 8.96 37.21
C LYS C 101 -12.56 7.66 37.83
N PRO C 102 -13.83 7.29 37.66
CA PRO C 102 -14.34 6.06 38.27
C PRO C 102 -13.41 4.88 38.04
N ILE C 103 -13.18 4.10 39.10
CA ILE C 103 -12.10 3.11 39.09
C ILE C 103 -12.29 2.11 37.94
N ASN C 104 -13.54 1.72 37.66
CA ASN C 104 -13.78 0.83 36.54
C ASN C 104 -13.23 1.41 35.24
N ASP C 105 -13.49 2.69 35.01
CA ASP C 105 -13.06 3.33 33.78
C ASP C 105 -11.58 3.69 33.81
N SER C 106 -11.03 3.93 35.00
CA SER C 106 -9.58 4.08 35.13
C SER C 106 -8.88 2.79 34.71
N ARG C 107 -9.38 1.65 35.20
CA ARG C 107 -8.83 0.36 34.77
C ARG C 107 -8.93 0.21 33.25
N GLY C 108 -10.07 0.62 32.67
CA GLY C 108 -10.23 0.57 31.24
C GLY C 108 -9.21 1.41 30.50
N GLU C 109 -8.84 2.58 31.06
CA GLU C 109 -7.86 3.40 30.36
C GLU C 109 -6.46 2.80 30.46
N VAL C 110 -6.14 2.13 31.58
CA VAL C 110 -4.84 1.45 31.66
C VAL C 110 -4.77 0.35 30.61
N THR C 111 -5.86 -0.38 30.40
CA THR C 111 -5.87 -1.37 29.32
C THR C 111 -5.60 -0.69 27.97
N ARG C 112 -6.17 0.49 27.75
CA ARG C 112 -5.92 1.22 26.51
C ARG C 112 -4.46 1.65 26.41
N LEU C 113 -3.88 2.11 27.52
CA LEU C 113 -2.46 2.45 27.53
C LEU C 113 -1.63 1.29 27.03
N ILE C 114 -1.90 0.09 27.54
CA ILE C 114 -1.17 -1.09 27.11
C ILE C 114 -1.44 -1.37 25.63
N ASP C 115 -2.70 -1.31 25.23
CA ASP C 115 -3.06 -1.53 23.83
C ASP C 115 -2.32 -0.58 22.90
N THR C 116 -2.23 0.70 23.28
CA THR C 116 -1.58 1.70 22.43
C THR C 116 -0.09 1.41 22.29
N PHE C 117 0.57 1.04 23.39
CA PHE C 117 1.97 0.67 23.30
C PHE C 117 2.16 -0.61 22.49
N ARG C 118 1.21 -1.54 22.58
CA ARG C 118 1.32 -2.78 21.81
CA ARG C 118 1.34 -2.77 21.82
C ARG C 118 1.22 -2.51 20.31
N VAL C 119 0.30 -1.64 19.90
CA VAL C 119 0.25 -1.27 18.48
C VAL C 119 1.57 -0.66 18.04
N ALA C 120 2.13 0.21 18.89
CA ALA C 120 3.39 0.86 18.55
C ALA C 120 4.52 -0.17 18.44
N SER C 121 4.54 -1.14 19.34
CA SER C 121 5.56 -2.19 19.25
C SER C 121 5.47 -2.93 17.92
N GLU C 122 4.25 -3.24 17.48
CA GLU C 122 4.06 -3.86 16.17
C GLU C 122 4.54 -2.96 15.04
N GLU C 123 4.15 -1.67 15.07
CA GLU C 123 4.47 -0.78 13.96
C GLU C 123 5.96 -0.44 13.92
N ALA C 124 6.66 -0.53 15.05
CA ALA C 124 8.06 -0.13 15.09
C ALA C 124 8.92 -0.91 14.11
N VAL C 125 8.53 -2.15 13.76
CA VAL C 125 9.35 -2.99 12.91
C VAL C 125 8.80 -3.07 11.48
N ARG C 126 7.89 -2.17 11.10
CA ARG C 126 7.38 -2.18 9.74
C ARG C 126 7.21 -0.77 9.21
N ILE C 127 8.15 0.12 9.54
CA ILE C 127 8.18 1.46 8.95
C ILE C 127 8.90 1.32 7.61
N ASP C 128 8.16 0.84 6.62
CA ASP C 128 8.70 0.54 5.29
C ASP C 128 8.69 1.79 4.42
N GLY C 129 9.39 1.68 3.30
CA GLY C 129 9.40 2.72 2.28
C GLY C 129 9.01 2.15 0.94
N GLU C 130 9.28 2.91 -0.14
CA GLU C 130 8.81 2.56 -1.46
C GLU C 130 9.96 2.58 -2.46
N VAL C 131 9.92 1.66 -3.42
CA VAL C 131 10.77 1.72 -4.61
C VAL C 131 9.88 2.28 -5.73
N LEU C 132 10.15 3.51 -6.14
CA LEU C 132 9.26 4.25 -7.03
C LEU C 132 9.73 4.18 -8.47
N ASN C 133 8.83 3.84 -9.38
CA ASN C 133 9.15 4.05 -10.79
C ASN C 133 9.20 5.54 -11.07
N LEU C 134 10.35 6.01 -11.56
CA LEU C 134 10.53 7.38 -11.99
C LEU C 134 10.63 7.50 -13.50
N GLU C 135 10.63 6.37 -14.21
CA GLU C 135 10.76 6.41 -15.68
C GLU C 135 9.40 6.69 -16.32
N ILE C 136 8.95 7.93 -16.16
CA ILE C 136 7.67 8.35 -16.72
C ILE C 136 7.84 9.18 -17.98
N SER C 137 9.07 9.44 -18.39
CA SER C 137 9.38 10.15 -19.62
C SER C 137 10.83 9.87 -19.97
N ALA C 138 11.20 10.18 -21.23
CA ALA C 138 12.55 9.89 -21.67
C ALA C 138 13.60 10.65 -20.87
N ARG C 139 13.29 11.88 -20.42
CA ARG C 139 14.27 12.62 -19.64
CA ARG C 139 14.22 12.65 -19.61
C ARG C 139 14.59 11.92 -18.33
N ALA C 140 13.68 11.11 -17.79
CA ALA C 140 13.92 10.39 -16.55
C ALA C 140 14.31 8.94 -16.76
N GLN C 141 14.71 8.56 -17.97
CA GLN C 141 15.19 7.20 -18.22
C GLN C 141 16.41 6.92 -17.36
N GLY C 142 16.40 5.78 -16.67
CA GLY C 142 17.53 5.38 -15.86
C GLY C 142 17.52 5.88 -14.43
N TYR C 143 16.47 6.60 -14.02
CA TYR C 143 16.35 7.04 -12.64
C TYR C 143 15.33 6.17 -11.91
N THR C 144 15.63 5.87 -10.63
CA THR C 144 14.73 5.14 -9.74
C THR C 144 14.72 5.84 -8.38
N GLY C 145 13.57 5.82 -7.72
CA GLY C 145 13.44 6.43 -6.39
C GLY C 145 13.31 5.39 -5.29
N TYR C 146 13.88 5.70 -4.13
CA TYR C 146 13.82 4.88 -2.92
C TYR C 146 13.46 5.81 -1.77
N THR C 147 12.51 5.42 -0.93
CA THR C 147 12.10 6.28 0.17
C THR C 147 12.34 5.60 1.52
N ARG C 148 12.46 6.44 2.54
CA ARG C 148 12.55 6.01 3.92
C ARG C 148 11.93 7.10 4.78
N ARG C 149 11.56 6.74 6.01
CA ARG C 149 11.03 7.71 6.97
C ARG C 149 12.09 7.96 8.03
N VAL C 150 12.56 9.21 8.11
CA VAL C 150 13.61 9.60 9.06
CA VAL C 150 13.60 9.53 9.10
C VAL C 150 12.95 10.28 10.26
N PRO C 151 13.34 9.99 11.50
CA PRO C 151 12.74 10.71 12.63
C PRO C 151 12.84 12.22 12.44
N ILE C 152 11.76 12.93 12.78
CA ILE C 152 11.72 14.36 12.49
C ILE C 152 12.69 15.14 13.39
N GLY C 153 13.03 14.61 14.56
CA GLY C 153 13.86 15.33 15.50
C GLY C 153 13.16 15.46 16.84
N PRO C 154 13.62 16.38 17.68
CA PRO C 154 13.00 16.54 19.01
C PRO C 154 11.54 16.94 18.87
N CYS C 155 10.68 16.24 19.62
CA CYS C 155 9.24 16.50 19.60
C CYS C 155 8.80 17.09 20.92
N SER C 156 7.88 18.06 20.84
CA SER C 156 7.25 18.67 22.00
C SER C 156 5.83 18.12 22.13
N PHE C 157 5.53 17.52 23.27
CA PHE C 157 4.26 16.84 23.50
C PHE C 157 3.55 17.49 24.68
N ILE C 158 2.27 17.83 24.49
CA ILE C 158 1.45 18.40 25.56
C ILE C 158 0.15 17.60 25.63
N SER C 159 -0.23 17.16 26.82
CA SER C 159 -1.40 16.31 26.98
C SER C 159 -2.37 16.84 28.03
N PRO C 160 -3.65 16.39 27.98
CA PRO C 160 -4.68 16.98 28.85
C PRO C 160 -4.97 16.17 30.09
N PHE C 161 -5.94 16.63 30.90
CA PHE C 161 -6.17 16.00 32.18
C PHE C 161 -7.00 14.72 32.11
N ASN C 162 -7.79 14.52 31.06
CA ASN C 162 -8.92 13.61 31.25
C ASN C 162 -8.60 12.16 30.88
N PHE C 163 -7.83 11.93 29.83
CA PHE C 163 -7.30 10.60 29.52
C PHE C 163 -5.79 10.73 29.57
N PRO C 164 -5.23 10.99 30.75
CA PRO C 164 -3.81 11.39 30.81
C PRO C 164 -2.86 10.25 30.45
N LEU C 165 -3.23 8.99 30.73
CA LEU C 165 -2.37 7.89 30.32
C LEU C 165 -2.44 7.64 28.84
N ASN C 166 -3.65 7.43 28.30
CA ASN C 166 -3.72 6.99 26.93
C ASN C 166 -3.37 8.10 25.95
N LEU C 167 -3.68 9.37 26.26
CA LEU C 167 -3.34 10.43 25.31
C LEU C 167 -1.86 10.75 25.35
N ALA C 168 -1.19 10.59 26.49
CA ALA C 168 0.26 10.63 26.48
C ALA C 168 0.82 9.48 25.65
N ALA C 169 0.23 8.29 25.78
CA ALA C 169 0.70 7.13 25.04
C ALA C 169 0.63 7.36 23.53
N HIS C 170 -0.42 8.03 23.06
CA HIS C 170 -0.55 8.24 21.62
C HIS C 170 0.50 9.20 21.05
N LYS C 171 1.29 9.86 21.89
CA LYS C 171 2.45 10.61 21.45
C LYS C 171 3.75 9.89 21.78
N VAL C 172 3.89 9.41 23.01
CA VAL C 172 5.14 8.79 23.46
C VAL C 172 5.44 7.52 22.68
N ALA C 173 4.44 6.65 22.52
CA ALA C 173 4.72 5.35 21.92
C ALA C 173 5.10 5.48 20.45
N PRO C 174 4.40 6.29 19.64
CA PRO C 174 4.88 6.48 18.25
C PRO C 174 6.23 7.17 18.18
N ALA C 175 6.53 8.10 19.10
CA ALA C 175 7.84 8.74 19.08
C ALA C 175 8.95 7.72 19.26
N LEU C 176 8.75 6.78 20.17
CA LEU C 176 9.74 5.72 20.39
C LEU C 176 9.83 4.81 19.17
N ALA C 177 8.70 4.47 18.57
CA ALA C 177 8.73 3.64 17.36
C ALA C 177 9.45 4.34 16.23
N ALA C 178 9.23 5.65 16.11
CA ALA C 178 9.82 6.41 15.01
C ALA C 178 11.26 6.81 15.25
N GLY C 179 11.74 6.76 16.49
CA GLY C 179 13.10 7.14 16.78
C GLY C 179 13.31 8.60 17.11
N CYS C 180 12.29 9.29 17.66
CA CYS C 180 12.39 10.70 18.05
C CYS C 180 12.63 10.88 19.53
N PRO C 181 13.60 11.67 19.94
CA PRO C 181 13.60 12.20 21.32
C PRO C 181 12.39 13.11 21.51
N PHE C 182 11.89 13.16 22.75
CA PHE C 182 10.71 13.97 23.02
C PHE C 182 10.77 14.54 24.44
N VAL C 183 10.03 15.64 24.62
CA VAL C 183 9.80 16.23 25.94
C VAL C 183 8.29 16.33 26.11
N LEU C 184 7.76 15.65 27.12
CA LEU C 184 6.32 15.60 27.37
C LEU C 184 5.97 16.47 28.58
N LYS C 185 4.99 17.35 28.40
CA LYS C 185 4.43 18.10 29.52
C LYS C 185 3.03 17.60 29.80
N PRO C 186 2.80 16.84 30.87
CA PRO C 186 1.45 16.42 31.21
C PRO C 186 0.64 17.56 31.81
N ALA C 187 -0.66 17.33 31.94
CA ALA C 187 -1.52 18.29 32.63
C ALA C 187 -1.14 18.37 34.11
N SER C 188 -1.04 19.61 34.63
CA SER C 188 -0.60 19.80 36.00
C SER C 188 -1.58 19.20 36.99
N ARG C 189 -2.85 19.10 36.62
CA ARG C 189 -3.84 18.48 37.49
C ARG C 189 -3.69 16.97 37.56
N THR C 190 -3.03 16.34 36.58
CA THR C 190 -2.93 14.88 36.49
C THR C 190 -1.56 14.47 35.95
N PRO C 191 -0.48 14.73 36.70
CA PRO C 191 0.86 14.40 36.20
C PRO C 191 1.40 13.03 36.61
N VAL C 192 0.78 12.35 37.56
CA VAL C 192 1.40 11.18 38.18
C VAL C 192 1.52 10.04 37.18
N GLY C 193 0.44 9.76 36.43
CA GLY C 193 0.49 8.70 35.44
C GLY C 193 1.63 8.86 34.45
N ALA C 194 1.81 10.07 33.94
CA ALA C 194 2.92 10.34 33.01
C ALA C 194 4.26 10.08 33.68
N LEU C 195 4.38 10.41 34.97
CA LEU C 195 5.63 10.19 35.69
C LEU C 195 5.87 8.70 35.99
N ILE C 196 4.81 7.91 36.06
CA ILE C 196 5.00 6.46 36.17
C ILE C 196 5.44 5.90 34.84
N ILE C 197 4.84 6.36 33.74
CA ILE C 197 5.33 6.02 32.41
C ILE C 197 6.81 6.36 32.29
N ALA C 198 7.19 7.55 32.79
CA ALA C 198 8.58 7.98 32.72
C ALA C 198 9.48 7.07 33.52
N GLU C 199 9.06 6.68 34.73
CA GLU C 199 9.85 5.77 35.56
C GLU C 199 10.12 4.47 34.84
N VAL C 200 9.10 3.95 34.15
CA VAL C 200 9.26 2.69 33.42
C VAL C 200 10.23 2.86 32.26
N LEU C 201 10.13 3.98 31.54
CA LEU C 201 11.07 4.25 30.44
C LEU C 201 12.50 4.43 30.96
N ALA C 202 12.65 5.02 32.15
CA ALA C 202 13.97 5.19 32.74
C ALA C 202 14.64 3.85 33.01
N GLU C 203 13.88 2.76 33.06
CA GLU C 203 14.48 1.43 33.25
C GLU C 203 15.15 0.91 31.99
N THR C 204 14.81 1.46 30.82
CA THR C 204 15.36 0.95 29.58
C THR C 204 16.73 1.59 29.30
N ASN C 205 17.45 0.99 28.35
CA ASN C 205 18.76 1.51 27.99
C ASN C 205 18.69 2.56 26.89
N LEU C 206 17.62 3.33 26.82
CA LEU C 206 17.54 4.40 25.83
C LEU C 206 18.70 5.38 26.01
N PRO C 207 19.19 5.98 24.92
CA PRO C 207 20.26 6.97 25.07
C PRO C 207 19.81 8.14 25.92
N LYS C 208 20.74 8.70 26.70
CA LYS C 208 20.40 9.83 27.56
C LYS C 208 19.93 11.01 26.73
N GLY C 209 18.81 11.61 27.12
CA GLY C 209 18.16 12.63 26.34
C GLY C 209 17.07 12.13 25.44
N ALA C 210 16.87 10.80 25.37
CA ALA C 210 15.75 10.28 24.59
C ALA C 210 14.42 10.82 25.08
N PHE C 211 14.28 11.03 26.38
CA PHE C 211 13.00 11.54 26.87
C PHE C 211 13.17 12.40 28.11
N SER C 212 12.27 13.36 28.25
CA SER C 212 12.04 14.09 29.50
C SER C 212 10.53 14.18 29.71
N VAL C 213 10.10 14.07 30.95
CA VAL C 213 8.70 14.26 31.31
C VAL C 213 8.69 15.30 32.43
N LEU C 214 8.15 16.48 32.14
CA LEU C 214 8.35 17.66 32.97
C LEU C 214 7.01 18.28 33.29
N PRO C 215 6.49 18.13 34.51
CA PRO C 215 5.29 18.89 34.87
C PRO C 215 5.60 20.38 34.87
N ALA C 216 4.69 21.16 34.30
CA ALA C 216 4.82 22.61 34.27
C ALA C 216 3.45 23.22 34.01
N HIS C 217 3.14 24.30 34.72
CA HIS C 217 1.88 24.99 34.46
C HIS C 217 1.91 25.70 33.11
N ARG C 218 0.73 25.90 32.53
CA ARG C 218 0.63 26.56 31.23
C ARG C 218 1.38 27.88 31.21
N ASP C 219 1.32 28.64 32.31
CA ASP C 219 2.01 29.93 32.40
CA ASP C 219 2.00 29.93 32.35
C ASP C 219 3.52 29.80 32.35
N GLY C 220 4.06 28.61 32.62
CA GLY C 220 5.50 28.40 32.58
C GLY C 220 5.95 27.53 31.43
N ALA C 221 5.10 27.36 30.41
CA ALA C 221 5.32 26.34 29.38
C ALA C 221 5.54 26.93 28.00
N ASP C 222 5.95 28.21 27.90
CA ASP C 222 6.08 28.84 26.58
C ASP C 222 7.04 28.07 25.68
N LEU C 223 8.15 27.56 26.24
CA LEU C 223 9.18 26.93 25.41
C LEU C 223 8.67 25.70 24.68
N PHE C 224 7.67 25.02 25.24
CA PHE C 224 7.09 23.86 24.55
C PHE C 224 6.49 24.24 23.21
N THR C 225 6.08 25.50 23.03
CA THR C 225 5.55 25.94 21.74
C THR C 225 6.58 26.69 20.91
N THR C 226 7.41 27.54 21.52
CA THR C 226 8.21 28.48 20.75
C THR C 226 9.64 28.02 20.47
N ASP C 227 10.21 27.10 21.24
CA ASP C 227 11.62 26.80 21.05
C ASP C 227 11.85 26.20 19.67
N GLU C 228 12.79 26.78 18.91
CA GLU C 228 12.98 26.33 17.54
C GLU C 228 13.74 25.01 17.42
N ARG C 229 14.28 24.47 18.53
CA ARG C 229 14.94 23.17 18.47
C ARG C 229 13.94 22.02 18.38
N PHE C 230 12.69 22.24 18.79
CA PHE C 230 11.63 21.27 18.54
C PHE C 230 11.22 21.35 17.07
N ARG C 231 11.10 20.19 16.42
CA ARG C 231 10.69 20.16 15.02
C ARG C 231 9.21 19.86 14.84
N LEU C 232 8.53 19.46 15.91
CA LEU C 232 7.11 19.11 15.93
C LEU C 232 6.55 19.51 17.28
N LEU C 233 5.40 20.18 17.28
CA LEU C 233 4.58 20.31 18.47
C LEU C 233 3.33 19.47 18.25
N SER C 234 3.07 18.51 19.13
CA SER C 234 1.84 17.73 19.06
C SER C 234 1.06 18.00 20.35
N PHE C 235 -0.08 18.67 20.20
CA PHE C 235 -0.86 19.17 21.33
C PHE C 235 -2.21 18.47 21.37
N THR C 236 -2.59 17.97 22.54
CA THR C 236 -3.93 17.46 22.78
C THR C 236 -4.53 18.24 23.94
N GLY C 237 -5.64 18.92 23.68
CA GLY C 237 -6.26 19.76 24.70
C GLY C 237 -7.36 20.59 24.07
N SER C 238 -7.69 21.70 24.74
CA SER C 238 -8.85 22.49 24.33
C SER C 238 -8.61 23.21 23.01
N PRO C 239 -9.65 23.38 22.20
CA PRO C 239 -9.51 24.18 20.96
C PRO C 239 -8.97 25.59 21.20
N ALA C 240 -9.42 26.27 22.26
CA ALA C 240 -8.99 27.65 22.49
C ALA C 240 -7.48 27.71 22.69
N VAL C 241 -6.90 26.73 23.39
CA VAL C 241 -5.45 26.70 23.57
C VAL C 241 -4.77 26.26 22.28
N GLY C 242 -5.26 25.18 21.67
CA GLY C 242 -4.54 24.60 20.54
C GLY C 242 -4.37 25.56 19.38
N TRP C 243 -5.45 26.26 19.01
CA TRP C 243 -5.34 27.19 17.89
C TRP C 243 -4.44 28.37 18.24
N ALA C 244 -4.42 28.76 19.52
CA ALA C 244 -3.53 29.84 19.95
C ALA C 244 -2.08 29.43 19.88
N LEU C 245 -1.77 28.18 20.25
CA LEU C 245 -0.39 27.71 20.18
C LEU C 245 0.09 27.58 18.74
N LYS C 246 -0.79 27.22 17.80
CA LYS C 246 -0.38 27.14 16.41
C LYS C 246 0.15 28.49 15.93
N GLU C 247 -0.49 29.58 16.37
CA GLU C 247 -0.06 30.92 15.95
C GLU C 247 1.35 31.23 16.44
N LYS C 248 1.76 30.66 17.56
CA LYS C 248 3.03 31.00 18.21
C LYS C 248 4.14 29.99 17.93
N ALA C 249 3.87 28.95 17.15
CA ALA C 249 4.78 27.82 17.09
C ALA C 249 6.03 28.09 16.26
N GLY C 250 6.01 29.10 15.38
CA GLY C 250 7.16 29.34 14.54
C GLY C 250 7.24 28.33 13.39
N LYS C 251 8.44 27.84 13.10
CA LYS C 251 8.62 27.02 11.91
C LYS C 251 8.20 25.57 12.08
N LYS C 252 8.14 25.06 13.31
CA LYS C 252 7.88 23.64 13.53
C LYS C 252 6.53 23.20 12.96
N LYS C 253 6.45 21.91 12.64
CA LYS C 253 5.17 21.27 12.31
C LYS C 253 4.27 21.27 13.55
N VAL C 254 2.97 21.46 13.33
CA VAL C 254 1.98 21.47 14.41
C VAL C 254 0.91 20.42 14.14
N VAL C 255 0.62 19.61 15.15
CA VAL C 255 -0.47 18.66 15.13
C VAL C 255 -1.39 18.99 16.30
N LEU C 256 -2.69 19.09 16.06
CA LEU C 256 -3.66 19.48 17.09
C LEU C 256 -4.75 18.42 17.23
N GLU C 257 -4.98 17.98 18.46
CA GLU C 257 -6.05 17.04 18.79
C GLU C 257 -6.94 17.77 19.78
N LEU C 258 -8.11 18.26 19.32
CA LEU C 258 -8.88 19.18 20.15
C LEU C 258 -10.25 18.61 20.51
N GLY C 259 -11.24 19.48 20.69
CA GLY C 259 -12.53 19.04 21.22
C GLY C 259 -13.72 19.27 20.31
N GLY C 260 -14.93 19.06 20.83
CA GLY C 260 -16.11 19.30 20.03
C GLY C 260 -17.39 19.05 20.82
N ASN C 261 -18.52 19.12 20.12
CA ASN C 261 -19.84 18.90 20.71
C ASN C 261 -20.53 17.76 19.96
N ALA C 262 -19.99 16.55 20.14
CA ALA C 262 -20.31 15.42 19.27
C ALA C 262 -21.79 15.05 19.32
N ALA C 263 -22.33 14.65 18.17
CA ALA C 263 -23.72 14.28 18.01
C ALA C 263 -23.87 12.80 17.68
N ALA C 264 -25.02 12.23 18.06
CA ALA C 264 -25.44 10.89 17.64
C ALA C 264 -26.82 10.98 17.01
N ILE C 265 -26.99 10.34 15.85
CA ILE C 265 -28.29 10.28 15.16
C ILE C 265 -28.90 8.90 15.39
N VAL C 266 -30.19 8.87 15.72
CA VAL C 266 -30.94 7.62 15.82
C VAL C 266 -31.97 7.61 14.70
N ASP C 267 -31.80 6.71 13.73
CA ASP C 267 -32.61 6.66 12.52
C ASP C 267 -33.94 5.96 12.80
N ALA C 268 -34.85 6.08 11.81
CA ALA C 268 -36.21 5.59 11.97
C ALA C 268 -36.31 4.08 12.09
N ASP C 269 -35.27 3.33 11.69
CA ASP C 269 -35.32 1.87 11.65
C ASP C 269 -34.82 1.20 12.93
N GLN C 270 -34.67 1.95 14.02
CA GLN C 270 -33.98 1.47 15.21
C GLN C 270 -34.90 0.96 16.32
N PHE C 271 -36.21 0.81 16.05
CA PHE C 271 -37.14 0.50 17.14
C PHE C 271 -36.72 -0.77 17.88
N GLU C 272 -36.40 -1.84 17.15
CA GLU C 272 -36.11 -3.11 17.81
C GLU C 272 -34.81 -3.08 18.59
N GLN C 273 -33.93 -2.10 18.36
CA GLN C 273 -32.72 -2.10 19.17
CA GLN C 273 -32.63 -1.94 18.98
C GLN C 273 -32.60 -0.84 20.03
N LEU C 274 -33.74 -0.30 20.45
CA LEU C 274 -33.72 0.92 21.25
C LEU C 274 -32.98 0.73 22.57
N ASP C 275 -33.10 -0.44 23.21
CA ASP C 275 -32.40 -0.64 24.47
C ASP C 275 -30.88 -0.63 24.28
N TYR C 276 -30.40 -1.23 23.19
CA TYR C 276 -28.98 -1.13 22.86
C TYR C 276 -28.59 0.32 22.59
N VAL C 277 -29.37 1.01 21.77
CA VAL C 277 -29.07 2.40 21.43
C VAL C 277 -29.02 3.26 22.69
N VAL C 278 -30.01 3.11 23.56
CA VAL C 278 -30.09 3.93 24.77
C VAL C 278 -28.89 3.65 25.68
N ASP C 279 -28.50 2.38 25.81
CA ASP C 279 -27.33 2.04 26.61
C ASP C 279 -26.08 2.73 26.08
N ARG C 280 -25.89 2.71 24.76
CA ARG C 280 -24.70 3.34 24.19
C ARG C 280 -24.79 4.87 24.29
N LEU C 281 -25.98 5.44 24.12
CA LEU C 281 -26.14 6.88 24.29
C LEU C 281 -25.80 7.30 25.71
N ALA C 282 -26.29 6.56 26.71
CA ALA C 282 -25.96 6.90 28.09
C ALA C 282 -24.47 6.75 28.33
N PHE C 283 -23.87 5.67 27.81
CA PHE C 283 -22.43 5.50 27.95
C PHE C 283 -21.70 6.70 27.36
N GLY C 284 -22.02 7.05 26.11
CA GLY C 284 -21.29 8.12 25.44
C GLY C 284 -21.50 9.48 26.08
N ALA C 285 -22.70 9.74 26.60
CA ALA C 285 -22.96 11.06 27.16
C ALA C 285 -22.36 11.22 28.54
N TYR C 286 -22.25 10.14 29.32
CA TYR C 286 -21.99 10.26 30.75
C TYR C 286 -20.75 9.53 31.22
N TYR C 287 -20.08 8.76 30.34
CA TYR C 287 -18.80 8.17 30.69
C TYR C 287 -17.83 9.25 31.16
N GLN C 288 -17.15 8.98 32.27
CA GLN C 288 -16.26 9.94 32.92
C GLN C 288 -16.95 11.30 33.08
N SER C 289 -18.25 11.23 33.38
CA SER C 289 -19.08 12.41 33.59
C SER C 289 -19.02 13.36 32.39
N GLY C 290 -18.96 12.78 31.18
CA GLY C 290 -18.94 13.58 29.97
C GLY C 290 -17.63 14.26 29.68
N GLN C 291 -16.58 13.99 30.46
CA GLN C 291 -15.29 14.65 30.28
C GLN C 291 -14.47 13.85 29.26
N SER C 292 -14.97 13.90 28.03
CA SER C 292 -14.41 13.18 26.91
C SER C 292 -14.48 14.06 25.68
N CYS C 293 -13.40 14.07 24.89
CA CYS C 293 -13.38 14.82 23.65
C CYS C 293 -14.35 14.28 22.61
N ILE C 294 -14.88 13.06 22.78
CA ILE C 294 -15.93 12.56 21.89
C ILE C 294 -17.15 12.16 22.70
N GLY C 295 -17.35 12.78 23.85
CA GLY C 295 -18.57 12.55 24.61
C GLY C 295 -19.80 12.95 23.81
N VAL C 296 -20.88 12.20 23.97
CA VAL C 296 -22.12 12.53 23.30
C VAL C 296 -22.73 13.77 23.97
N GLN C 297 -22.86 14.85 23.20
CA GLN C 297 -23.49 16.06 23.69
C GLN C 297 -24.86 16.34 23.08
N ARG C 298 -25.08 15.89 21.84
CA ARG C 298 -26.32 16.15 21.11
C ARG C 298 -26.85 14.82 20.58
N ILE C 299 -28.15 14.60 20.74
CA ILE C 299 -28.80 13.35 20.36
C ILE C 299 -29.98 13.71 19.48
N LEU C 300 -29.91 13.34 18.20
CA LEU C 300 -30.95 13.64 17.22
C LEU C 300 -31.70 12.35 16.93
N VAL C 301 -33.01 12.35 17.17
CA VAL C 301 -33.80 11.12 17.13
C VAL C 301 -34.98 11.31 16.18
N HIS C 302 -35.19 10.32 15.32
CA HIS C 302 -36.30 10.40 14.38
C HIS C 302 -37.63 10.48 15.11
N ALA C 303 -38.54 11.29 14.56
CA ALA C 303 -39.81 11.58 15.23
C ALA C 303 -40.60 10.31 15.53
N SER C 304 -40.52 9.30 14.66
CA SER C 304 -41.34 8.11 14.81
C SER C 304 -41.02 7.30 16.06
N LEU C 305 -39.80 7.44 16.60
CA LEU C 305 -39.52 6.71 17.84
CA LEU C 305 -39.33 6.72 17.77
C LEU C 305 -39.00 7.64 18.94
N TYR C 306 -39.20 8.96 18.79
CA TYR C 306 -38.71 9.91 19.78
C TYR C 306 -39.30 9.67 21.16
N ASP C 307 -40.62 9.49 21.25
CA ASP C 307 -41.24 9.36 22.57
C ASP C 307 -40.75 8.11 23.28
N THR C 308 -40.63 6.99 22.56
CA THR C 308 -40.20 5.77 23.22
C THR C 308 -38.74 5.85 23.64
N LEU C 309 -37.88 6.37 22.74
CA LEU C 309 -36.48 6.55 23.12
C LEU C 309 -36.35 7.50 24.31
N ARG C 310 -37.11 8.59 24.30
CA ARG C 310 -37.01 9.57 25.40
CA ARG C 310 -37.01 9.57 25.39
C ARG C 310 -37.33 8.92 26.73
N ASP C 311 -38.43 8.17 26.80
CA ASP C 311 -38.80 7.49 28.04
C ASP C 311 -37.69 6.55 28.50
N LYS C 312 -37.14 5.75 27.58
CA LYS C 312 -36.07 4.82 27.93
C LYS C 312 -34.80 5.56 28.34
N LEU C 313 -34.44 6.63 27.62
CA LEU C 313 -33.21 7.33 27.94
C LEU C 313 -33.34 8.11 29.25
N VAL C 314 -34.52 8.65 29.56
CA VAL C 314 -34.72 9.29 30.86
C VAL C 314 -34.51 8.27 31.97
N ALA C 315 -35.15 7.10 31.84
CA ALA C 315 -35.01 6.07 32.86
C ALA C 315 -33.56 5.61 33.01
N LYS C 316 -32.87 5.40 31.88
CA LYS C 316 -31.49 4.96 31.93
C LYS C 316 -30.60 6.02 32.56
N THR C 317 -30.80 7.29 32.20
CA THR C 317 -30.00 8.38 32.75
C THR C 317 -30.19 8.48 34.26
N ARG C 318 -31.44 8.41 34.72
CA ARG C 318 -31.72 8.48 36.15
C ARG C 318 -31.13 7.31 36.92
N SER C 319 -30.91 6.16 36.26
CA SER C 319 -30.39 4.98 36.93
C SER C 319 -28.90 5.03 37.17
N LEU C 320 -28.18 5.95 36.53
CA LEU C 320 -26.74 5.97 36.65
C LEU C 320 -26.33 6.40 38.06
N LYS C 321 -25.35 5.70 38.61
CA LYS C 321 -24.92 5.94 39.98
C LYS C 321 -23.82 7.02 40.01
N MET C 322 -24.02 8.02 40.85
CA MET C 322 -23.08 9.12 41.00
C MET C 322 -22.44 9.04 42.39
N GLY C 323 -21.16 9.38 42.46
CA GLY C 323 -20.54 9.44 43.77
C GLY C 323 -19.04 9.24 43.76
N ASP C 324 -18.55 8.57 44.79
CA ASP C 324 -17.13 8.35 45.00
C ASP C 324 -16.57 7.51 43.85
N PRO C 325 -15.59 8.01 43.09
CA PRO C 325 -15.05 7.21 41.98
C PRO C 325 -14.22 6.03 42.44
N LYS C 326 -13.85 5.95 43.73
CA LYS C 326 -13.18 4.75 44.23
C LYS C 326 -14.15 3.58 44.38
N ASP C 327 -15.45 3.84 44.35
CA ASP C 327 -16.46 2.78 44.42
C ASP C 327 -16.67 2.18 43.03
N PRO C 328 -16.54 0.86 42.88
CA PRO C 328 -16.67 0.26 41.54
C PRO C 328 -18.05 0.45 40.94
N SER C 329 -19.07 0.74 41.74
CA SER C 329 -20.41 0.94 41.22
C SER C 329 -20.64 2.37 40.71
N THR C 330 -19.71 3.28 40.94
CA THR C 330 -19.87 4.65 40.47
C THR C 330 -19.61 4.74 38.97
N PHE C 331 -20.55 5.37 38.26
CA PHE C 331 -20.35 5.73 36.85
C PHE C 331 -20.12 7.22 36.65
N VAL C 332 -20.80 8.07 37.42
CA VAL C 332 -20.68 9.52 37.30
C VAL C 332 -19.87 10.00 38.51
N GLY C 333 -18.57 10.23 38.31
CA GLY C 333 -17.75 10.78 39.36
C GLY C 333 -17.75 12.29 39.29
N PRO C 334 -16.90 12.94 40.09
CA PRO C 334 -16.85 14.41 40.10
C PRO C 334 -16.32 14.98 38.81
N MET C 335 -16.81 16.17 38.48
CA MET C 335 -16.14 16.95 37.45
C MET C 335 -14.80 17.43 37.99
N ILE C 336 -13.93 17.87 37.08
CA ILE C 336 -12.54 18.10 37.43
C ILE C 336 -12.38 19.25 38.43
N SER C 337 -13.33 20.18 38.47
CA SER C 337 -13.27 21.26 39.45
C SER C 337 -14.65 21.87 39.60
N GLU C 338 -14.85 22.58 40.73
CA GLU C 338 -16.08 23.33 40.92
C GLU C 338 -16.21 24.45 39.89
N SER C 339 -15.10 25.02 39.45
CA SER C 339 -15.15 26.07 38.44
CA SER C 339 -15.17 26.08 38.46
C SER C 339 -15.72 25.56 37.13
N GLU C 340 -15.32 24.34 36.74
CA GLU C 340 -15.85 23.76 35.50
C GLU C 340 -17.31 23.37 35.66
N SER C 341 -17.69 22.85 36.82
CA SER C 341 -19.10 22.59 37.09
CA SER C 341 -19.08 22.58 37.12
C SER C 341 -19.93 23.86 37.00
N ARG C 342 -19.42 24.96 37.56
CA ARG C 342 -20.14 26.23 37.51
C ARG C 342 -20.26 26.74 36.08
N ARG C 343 -19.21 26.59 35.26
CA ARG C 343 -19.29 26.95 33.85
C ARG C 343 -20.47 26.25 33.19
N LEU C 344 -20.52 24.92 33.31
CA LEU C 344 -21.54 24.15 32.61
C LEU C 344 -22.93 24.42 33.20
N SER C 345 -23.04 24.52 34.53
CA SER C 345 -24.35 24.81 35.12
CA SER C 345 -24.33 24.82 35.15
C SER C 345 -24.87 26.18 34.68
N GLY C 346 -23.97 27.13 34.44
CA GLY C 346 -24.39 28.42 33.93
C GLY C 346 -24.96 28.33 32.53
N TRP C 347 -24.30 27.58 31.65
CA TRP C 347 -24.85 27.32 30.32
C TRP C 347 -26.20 26.62 30.43
N MET C 348 -26.30 25.65 31.32
CA MET C 348 -27.57 24.94 31.50
C MET C 348 -28.67 25.88 31.95
N ASP C 349 -28.37 26.73 32.94
CA ASP C 349 -29.36 27.70 33.41
C ASP C 349 -29.82 28.62 32.28
N ALA C 350 -28.88 29.07 31.44
CA ALA C 350 -29.25 29.96 30.33
C ALA C 350 -30.15 29.25 29.34
N ALA C 351 -29.85 27.98 29.03
CA ALA C 351 -30.69 27.24 28.10
C ALA C 351 -32.11 27.11 28.62
N VAL C 352 -32.26 26.81 29.92
CA VAL C 352 -33.58 26.68 30.52
C VAL C 352 -34.31 28.02 30.51
N ALA C 353 -33.59 29.11 30.79
CA ALA C 353 -34.24 30.42 30.79
C ALA C 353 -34.73 30.80 29.39
N ALA C 354 -34.07 30.30 28.35
CA ALA C 354 -34.49 30.52 26.97
C ALA C 354 -35.53 29.51 26.50
N GLY C 355 -36.01 28.62 27.38
CA GLY C 355 -37.12 27.75 27.05
C GLY C 355 -36.81 26.25 27.07
N ALA C 356 -35.58 25.83 27.35
CA ALA C 356 -35.29 24.41 27.39
C ALA C 356 -35.90 23.78 28.65
N LYS C 357 -36.02 22.46 28.62
CA LYS C 357 -36.61 21.70 29.72
C LYS C 357 -35.63 20.62 30.16
N ILE C 358 -35.38 20.56 31.47
CA ILE C 358 -34.59 19.45 32.01
C ILE C 358 -35.53 18.27 32.23
N ILE C 359 -35.21 17.13 31.60
CA ILE C 359 -36.06 15.94 31.72
C ILE C 359 -35.41 14.82 32.51
N ALA C 360 -34.14 14.94 32.88
CA ALA C 360 -33.52 14.01 33.81
C ALA C 360 -32.37 14.71 34.50
N GLY C 361 -32.21 14.47 35.81
CA GLY C 361 -31.09 15.05 36.54
C GLY C 361 -31.25 16.54 36.73
N GLY C 362 -30.14 17.26 36.51
CA GLY C 362 -30.15 18.71 36.52
C GLY C 362 -29.63 19.38 37.76
N LYS C 363 -29.26 18.61 38.79
CA LYS C 363 -28.82 19.19 40.05
C LYS C 363 -27.30 19.06 40.20
N VAL C 364 -26.71 20.07 40.82
CA VAL C 364 -25.27 20.22 40.92
C VAL C 364 -24.92 20.54 42.36
N ASP C 365 -23.95 19.83 42.91
CA ASP C 365 -23.51 20.05 44.29
C ASP C 365 -21.98 20.06 44.27
N GLY C 366 -21.40 21.25 44.31
CA GLY C 366 -19.96 21.35 44.12
C GLY C 366 -19.56 20.84 42.74
N ALA C 367 -18.61 19.92 42.71
CA ALA C 367 -18.20 19.29 41.45
C ALA C 367 -19.01 18.05 41.11
N MET C 368 -19.98 17.67 41.95
CA MET C 368 -20.84 16.52 41.67
C MET C 368 -22.03 16.99 40.87
N PHE C 369 -21.96 16.77 39.55
CA PHE C 369 -22.96 17.18 38.58
C PHE C 369 -23.68 15.93 38.11
N GLU C 370 -24.99 15.85 38.35
CA GLU C 370 -25.78 14.70 37.94
C GLU C 370 -25.75 14.50 36.44
N ALA C 371 -25.84 13.25 36.01
CA ALA C 371 -26.16 12.96 34.62
C ALA C 371 -27.49 13.63 34.27
N THR C 372 -27.47 14.47 33.25
CA THR C 372 -28.53 15.44 32.99
C THR C 372 -28.90 15.40 31.51
N LEU C 373 -30.20 15.41 31.23
CA LEU C 373 -30.74 15.38 29.88
C LEU C 373 -31.72 16.52 29.72
N LEU C 374 -31.62 17.25 28.60
CA LEU C 374 -32.52 18.36 28.32
C LEU C 374 -33.16 18.20 26.95
N GLU C 375 -34.33 18.81 26.80
CA GLU C 375 -35.07 18.98 25.55
CA GLU C 375 -34.89 19.00 25.48
C GLU C 375 -35.23 20.46 25.27
N ASP C 376 -35.62 20.77 24.02
CA ASP C 376 -35.98 22.13 23.61
C ASP C 376 -34.84 23.13 23.80
N VAL C 377 -33.60 22.68 23.57
CA VAL C 377 -32.44 23.56 23.65
C VAL C 377 -32.27 24.24 22.30
N GLY C 378 -32.32 25.57 22.27
CA GLY C 378 -32.17 26.30 21.02
C GLY C 378 -30.76 26.14 20.46
N ARG C 379 -30.69 26.03 19.12
CA ARG C 379 -29.40 25.82 18.47
C ARG C 379 -28.43 26.98 18.68
N GLU C 380 -28.94 28.13 19.11
CA GLU C 380 -28.08 29.29 19.39
C GLU C 380 -27.40 29.21 20.76
N GLN C 381 -27.85 28.32 21.63
CA GLN C 381 -27.41 28.35 23.03
C GLN C 381 -25.97 27.87 23.19
N ASP C 382 -25.28 28.45 24.17
CA ASP C 382 -23.95 27.97 24.53
C ASP C 382 -23.97 26.48 24.85
N LEU C 383 -25.01 26.01 25.55
CA LEU C 383 -25.09 24.59 25.87
C LEU C 383 -25.12 23.73 24.63
N TYR C 384 -25.65 24.26 23.52
CA TYR C 384 -25.71 23.54 22.25
C TYR C 384 -24.38 23.64 21.50
N ARG C 385 -23.81 24.85 21.41
CA ARG C 385 -22.74 25.12 20.46
C ARG C 385 -21.34 24.99 21.03
N LYS C 386 -21.15 25.21 22.32
CA LYS C 386 -19.82 25.09 22.89
C LYS C 386 -19.61 23.67 23.42
N GLU C 387 -18.38 23.38 23.83
CA GLU C 387 -18.04 22.04 24.32
C GLU C 387 -18.47 21.91 25.77
N ALA C 388 -19.49 21.08 26.02
CA ALA C 388 -20.03 20.96 27.37
C ALA C 388 -18.98 20.44 28.33
N PHE C 389 -18.29 19.36 27.94
CA PHE C 389 -17.29 18.66 28.77
C PHE C 389 -17.81 18.42 30.19
N GLY C 390 -19.01 17.85 30.26
CA GLY C 390 -19.62 17.54 31.52
C GLY C 390 -20.80 16.63 31.25
N PRO C 391 -21.48 16.19 32.31
CA PRO C 391 -22.49 15.13 32.16
C PRO C 391 -23.85 15.69 31.75
N VAL C 392 -23.88 16.39 30.62
CA VAL C 392 -25.10 16.98 30.08
C VAL C 392 -25.22 16.55 28.62
N ALA C 393 -26.43 16.14 28.23
CA ALA C 393 -26.73 15.87 26.83
C ALA C 393 -28.06 16.50 26.46
N ILE C 394 -28.19 16.84 25.19
CA ILE C 394 -29.37 17.51 24.63
CA ILE C 394 -29.40 17.49 24.67
C ILE C 394 -30.07 16.54 23.70
N LEU C 395 -31.40 16.47 23.80
CA LEU C 395 -32.21 15.58 22.99
C LEU C 395 -33.04 16.43 22.03
N GLU C 396 -33.00 16.11 20.73
CA GLU C 396 -33.77 16.84 19.74
C GLU C 396 -34.32 15.86 18.71
N LYS C 397 -35.30 16.35 17.94
CA LYS C 397 -36.12 15.53 17.07
C LYS C 397 -35.90 15.94 15.62
N PHE C 398 -35.93 14.96 14.70
CA PHE C 398 -35.92 15.27 13.28
C PHE C 398 -36.89 14.38 12.56
N ASP C 399 -37.28 14.81 11.35
CA ASP C 399 -38.12 14.01 10.47
C ASP C 399 -37.40 13.50 9.24
N ARG C 400 -36.41 14.25 8.76
CA ARG C 400 -35.70 13.94 7.53
CA ARG C 400 -35.70 13.95 7.52
C ARG C 400 -34.23 13.73 7.81
N PHE C 401 -33.69 12.62 7.30
CA PHE C 401 -32.30 12.25 7.59
C PHE C 401 -31.33 13.37 7.18
N ASP C 402 -31.55 13.98 6.01
CA ASP C 402 -30.65 15.04 5.58
C ASP C 402 -30.67 16.22 6.55
N ASP C 403 -31.82 16.48 7.17
CA ASP C 403 -31.91 17.55 8.18
C ASP C 403 -31.08 17.21 9.41
N ALA C 404 -31.15 15.94 9.87
CA ALA C 404 -30.29 15.52 10.96
C ALA C 404 -28.82 15.72 10.62
N LEU C 405 -28.41 15.38 9.40
CA LEU C 405 -27.00 15.56 9.03
C LEU C 405 -26.62 17.04 9.04
N ALA C 406 -27.48 17.89 8.47
CA ALA C 406 -27.24 19.33 8.48
C ALA C 406 -27.07 19.85 9.90
N ARG C 407 -27.87 19.32 10.83
CA ARG C 407 -27.82 19.80 12.20
C ARG C 407 -26.58 19.27 12.95
N VAL C 408 -26.13 18.05 12.64
CA VAL C 408 -24.84 17.61 13.15
C VAL C 408 -23.75 18.58 12.70
N ASN C 409 -23.77 18.97 11.43
CA ASN C 409 -22.75 19.86 10.88
C ASN C 409 -22.90 21.30 11.36
N ASP C 410 -24.03 21.66 11.97
CA ASP C 410 -24.29 23.02 12.44
C ASP C 410 -23.49 23.25 13.71
N SER C 411 -22.18 23.47 13.53
CA SER C 411 -21.25 23.52 14.65
C SER C 411 -19.90 24.06 14.18
N ASP C 412 -19.16 24.68 15.11
CA ASP C 412 -17.76 25.00 14.85
C ASP C 412 -16.89 23.75 14.74
N PHE C 413 -17.38 22.60 15.20
CA PHE C 413 -16.53 21.45 15.47
C PHE C 413 -16.79 20.32 14.48
N GLY C 414 -15.97 19.28 14.57
CA GLY C 414 -16.06 18.17 13.65
C GLY C 414 -15.11 17.05 14.00
N LEU C 415 -15.26 16.48 15.20
CA LEU C 415 -14.36 15.42 15.60
C LEU C 415 -14.93 14.07 15.16
N GLN C 416 -15.98 13.58 15.84
CA GLN C 416 -16.68 12.37 15.40
C GLN C 416 -18.17 12.57 15.57
N ALA C 417 -18.94 11.82 14.77
CA ALA C 417 -20.39 11.74 14.85
C ALA C 417 -20.77 10.28 14.80
N GLY C 418 -21.91 9.93 15.37
CA GLY C 418 -22.42 8.57 15.33
C GLY C 418 -23.80 8.51 14.70
N VAL C 419 -24.07 7.40 14.01
CA VAL C 419 -25.37 7.19 13.36
C VAL C 419 -25.82 5.76 13.60
N PHE C 420 -26.95 5.60 14.30
CA PHE C 420 -27.58 4.29 14.49
C PHE C 420 -28.57 4.10 13.35
N THR C 421 -28.20 3.27 12.37
CA THR C 421 -29.02 3.01 11.19
C THR C 421 -28.67 1.62 10.67
N ASP C 422 -29.63 0.96 10.04
CA ASP C 422 -29.35 -0.24 9.24
C ASP C 422 -29.44 0.06 7.75
N SER C 423 -29.63 1.32 7.37
CA SER C 423 -29.78 1.67 5.97
C SER C 423 -28.42 1.93 5.33
N LEU C 424 -28.08 1.12 4.32
CA LEU C 424 -26.89 1.40 3.51
C LEU C 424 -26.94 2.80 2.94
N THR C 425 -28.09 3.18 2.36
CA THR C 425 -28.23 4.50 1.76
C THR C 425 -27.92 5.59 2.78
N HIS C 426 -28.46 5.46 4.00
CA HIS C 426 -28.21 6.50 4.99
C HIS C 426 -26.78 6.48 5.51
N ALA C 427 -26.18 5.30 5.72
CA ALA C 427 -24.80 5.25 6.17
C ALA C 427 -23.87 5.91 5.15
N GLN C 428 -24.11 5.66 3.86
CA GLN C 428 -23.29 6.24 2.80
CA GLN C 428 -23.25 6.24 2.84
C GLN C 428 -23.46 7.75 2.74
N ARG C 429 -24.71 8.22 2.87
CA ARG C 429 -24.96 9.66 2.85
C ARG C 429 -24.26 10.32 4.03
N ALA C 430 -24.28 9.68 5.20
CA ALA C 430 -23.61 10.26 6.36
C ALA C 430 -22.09 10.31 6.15
N TRP C 431 -21.51 9.25 5.57
CA TRP C 431 -20.08 9.28 5.27
C TRP C 431 -19.75 10.39 4.28
N ASP C 432 -20.62 10.59 3.27
CA ASP C 432 -20.44 11.66 2.30
C ASP C 432 -20.49 13.05 2.94
N GLU C 433 -21.43 13.27 3.85
CA GLU C 433 -21.85 14.63 4.18
C GLU C 433 -21.43 15.13 5.56
N LEU C 434 -21.13 14.26 6.51
CA LEU C 434 -20.77 14.71 7.84
C LEU C 434 -19.33 15.20 7.84
N GLU C 435 -19.12 16.48 8.15
CA GLU C 435 -17.78 17.08 8.13
CA GLU C 435 -17.79 17.09 8.14
C GLU C 435 -17.11 16.83 9.48
N VAL C 436 -16.64 15.60 9.64
CA VAL C 436 -16.01 15.12 10.86
C VAL C 436 -14.80 14.28 10.46
N GLY C 437 -13.91 14.06 11.43
CA GLY C 437 -12.81 13.14 11.18
C GLY C 437 -13.28 11.71 11.04
N GLY C 438 -14.24 11.31 11.88
CA GLY C 438 -14.70 9.94 11.89
C GLY C 438 -16.19 9.84 12.08
N VAL C 439 -16.83 9.00 11.27
CA VAL C 439 -18.26 8.69 11.36
C VAL C 439 -18.39 7.27 11.89
N VAL C 440 -19.15 7.10 12.97
CA VAL C 440 -19.36 5.78 13.57
C VAL C 440 -20.77 5.30 13.23
N ILE C 441 -20.86 4.11 12.64
CA ILE C 441 -22.15 3.53 12.27
C ILE C 441 -22.51 2.45 13.27
N ASN C 442 -23.69 2.60 13.90
CA ASN C 442 -24.23 1.63 14.86
CA ASN C 442 -24.26 1.67 14.88
C ASN C 442 -23.49 1.66 16.19
N ASP C 443 -22.82 2.77 16.50
CA ASP C 443 -22.35 3.06 17.84
C ASP C 443 -22.26 4.57 17.96
N VAL C 444 -22.05 5.05 19.19
CA VAL C 444 -21.91 6.48 19.46
C VAL C 444 -20.59 7.03 18.90
N PRO C 445 -20.49 8.35 18.74
CA PRO C 445 -19.20 8.96 18.36
C PRO C 445 -18.10 8.74 19.38
N SER C 446 -18.45 8.29 20.59
CA SER C 446 -17.49 8.13 21.68
C SER C 446 -16.58 6.92 21.52
N PHE C 447 -16.74 6.14 20.45
CA PHE C 447 -15.90 4.96 20.25
C PHE C 447 -14.56 5.30 19.61
N ARG C 448 -13.49 4.75 20.18
CA ARG C 448 -12.17 4.81 19.56
C ARG C 448 -11.42 3.52 19.88
N VAL C 449 -10.71 2.99 18.89
CA VAL C 449 -9.78 1.90 19.09
C VAL C 449 -8.40 2.40 18.66
N ASP C 450 -7.36 1.99 19.36
CA ASP C 450 -6.14 2.80 19.35
C ASP C 450 -5.30 2.69 18.08
N ASN C 451 -5.58 1.73 17.19
CA ASN C 451 -4.88 1.72 15.91
C ASN C 451 -5.55 2.60 14.84
N MET C 452 -6.80 3.05 15.07
CA MET C 452 -7.52 3.70 13.99
C MET C 452 -7.06 5.15 13.80
N PRO C 453 -7.15 5.69 12.59
CA PRO C 453 -6.90 7.12 12.41
C PRO C 453 -7.93 7.91 13.22
N TYR C 454 -7.44 8.92 13.95
CA TYR C 454 -8.32 9.62 14.90
C TYR C 454 -7.98 11.09 14.97
N GLY C 455 -8.98 11.94 14.80
CA GLY C 455 -8.75 13.36 14.94
C GLY C 455 -9.91 14.16 14.39
N GLY C 456 -9.73 15.47 14.39
CA GLY C 456 -10.81 16.34 14.00
C GLY C 456 -10.53 17.22 12.81
N VAL C 457 -11.60 17.68 12.18
CA VAL C 457 -11.54 18.77 11.20
C VAL C 457 -12.28 19.97 11.77
N LYS C 458 -12.43 21.03 10.98
CA LYS C 458 -12.98 22.30 11.45
C LYS C 458 -12.21 22.72 12.71
N ASP C 459 -12.91 23.17 13.76
CA ASP C 459 -12.16 23.63 14.94
C ASP C 459 -11.69 22.50 15.85
N SER C 460 -11.96 21.26 15.49
CA SER C 460 -11.68 20.12 16.36
C SER C 460 -10.28 19.54 16.20
N GLY C 461 -9.50 19.96 15.20
CA GLY C 461 -8.17 19.42 15.11
C GLY C 461 -7.49 19.74 13.80
N LEU C 462 -6.24 19.27 13.71
CA LEU C 462 -5.41 19.39 12.52
C LEU C 462 -4.44 18.21 12.52
N GLY C 463 -4.74 17.19 11.73
CA GLY C 463 -3.93 15.98 11.68
C GLY C 463 -4.64 14.81 12.34
N ARG C 464 -3.93 13.66 12.36
CA ARG C 464 -4.49 12.45 12.95
C ARG C 464 -3.49 11.78 13.86
N GLU C 465 -4.00 11.19 14.94
CA GLU C 465 -3.26 10.24 15.74
C GLU C 465 -3.80 8.84 15.48
N GLY C 466 -3.42 7.89 16.34
CA GLY C 466 -3.41 6.50 15.92
C GLY C 466 -2.01 6.20 15.43
N ILE C 467 -1.43 5.05 15.81
CA ILE C 467 0.02 4.87 15.79
C ILE C 467 0.60 5.15 14.40
N ARG C 468 0.05 4.51 13.36
CA ARG C 468 0.59 4.68 12.00
C ARG C 468 0.65 6.15 11.61
N TYR C 469 -0.40 6.90 11.95
CA TYR C 469 -0.55 8.29 11.49
C TYR C 469 0.34 9.22 12.29
N ALA C 470 0.53 8.94 13.58
CA ALA C 470 1.48 9.69 14.39
C ALA C 470 2.91 9.47 13.90
N ILE C 471 3.25 8.23 13.55
CA ILE C 471 4.58 7.96 13.00
C ILE C 471 4.82 8.80 11.76
N GLU C 472 3.81 8.91 10.89
CA GLU C 472 3.95 9.73 9.69
CA GLU C 472 3.95 9.73 9.69
C GLU C 472 4.29 11.17 10.05
N ASP C 473 3.61 11.74 11.05
CA ASP C 473 3.89 13.13 11.41
C ASP C 473 5.23 13.29 12.12
N MET C 474 5.70 12.24 12.79
CA MET C 474 6.96 12.30 13.52
C MET C 474 8.15 11.88 12.67
N THR C 475 7.96 11.76 11.36
CA THR C 475 9.04 11.45 10.44
C THR C 475 8.97 12.39 9.25
N GLU C 476 10.13 12.57 8.61
CA GLU C 476 10.24 13.21 7.31
C GLU C 476 10.57 12.15 6.28
N PRO C 477 9.90 12.12 5.14
CA PRO C 477 10.35 11.25 4.07
C PRO C 477 11.68 11.76 3.54
N ARG C 478 12.59 10.83 3.24
CA ARG C 478 13.83 11.21 2.59
C ARG C 478 13.98 10.33 1.35
N LEU C 479 13.89 10.97 0.19
CA LEU C 479 13.98 10.28 -1.09
C LEU C 479 15.44 10.11 -1.48
N MET C 480 15.80 8.92 -1.99
CA MET C 480 17.07 8.74 -2.67
C MET C 480 16.76 8.43 -4.14
N VAL C 481 17.23 9.30 -5.03
CA VAL C 481 17.13 9.10 -6.46
C VAL C 481 18.45 8.52 -6.94
N VAL C 482 18.41 7.37 -7.60
CA VAL C 482 19.62 6.75 -8.13
C VAL C 482 19.55 6.81 -9.64
N ARG C 483 20.57 7.40 -10.27
CA ARG C 483 20.66 7.43 -11.73
C ARG C 483 21.62 6.37 -12.22
N ARG C 484 21.14 5.54 -13.16
CA ARG C 484 21.98 4.62 -13.90
C ARG C 484 22.10 5.11 -15.33
N ARG C 485 23.32 5.09 -15.87
CA ARG C 485 23.52 5.55 -17.23
C ARG C 485 23.75 4.40 -18.21
N LEU D 10 2.98 37.44 -27.60
CA LEU D 10 2.08 37.78 -26.51
C LEU D 10 0.93 38.65 -27.00
N LYS D 11 -0.27 38.41 -26.48
CA LYS D 11 -1.38 39.32 -26.72
C LYS D 11 -1.07 40.67 -26.06
N ASP D 12 -1.73 41.72 -26.57
CA ASP D 12 -1.50 43.05 -26.03
C ASP D 12 -1.96 43.15 -24.57
N THR D 13 -3.06 42.46 -24.22
CA THR D 13 -3.59 42.46 -22.87
C THR D 13 -4.05 41.07 -22.49
N TYR D 14 -4.07 40.79 -21.19
CA TYR D 14 -4.63 39.57 -20.63
C TYR D 14 -5.62 39.92 -19.52
N PRO D 15 -6.73 39.18 -19.43
CA PRO D 15 -7.63 39.34 -18.29
C PRO D 15 -7.14 38.53 -17.11
N TYR D 16 -7.74 38.76 -15.95
CA TYR D 16 -7.63 37.76 -14.90
C TYR D 16 -8.88 36.88 -14.91
N TYR D 17 -8.84 35.80 -14.14
CA TYR D 17 -9.93 34.82 -14.16
C TYR D 17 -10.57 34.78 -12.78
N LEU D 18 -11.83 35.19 -12.71
CA LEU D 18 -12.58 35.29 -11.46
C LEU D 18 -13.75 34.32 -11.57
N ALA D 19 -13.73 33.29 -10.74
CA ALA D 19 -14.76 32.25 -10.73
C ALA D 19 -15.00 31.70 -12.14
N ASN D 20 -13.90 31.26 -12.75
CA ASN D 20 -13.80 30.56 -14.04
C ASN D 20 -13.89 31.50 -15.24
N GLU D 21 -14.08 32.80 -15.07
CA GLU D 21 -14.43 33.66 -16.19
C GLU D 21 -13.41 34.78 -16.39
N ALA D 22 -13.13 35.08 -17.65
CA ALA D 22 -12.20 36.16 -17.97
C ALA D 22 -12.80 37.51 -17.62
N VAL D 23 -12.03 38.34 -16.91
CA VAL D 23 -12.44 39.70 -16.55
C VAL D 23 -11.32 40.65 -16.97
N TYR D 24 -11.60 41.50 -17.96
CA TYR D 24 -10.62 42.51 -18.40
C TYR D 24 -10.78 43.76 -17.53
N ALA D 25 -10.43 43.60 -16.25
CA ALA D 25 -10.76 44.61 -15.25
C ALA D 25 -9.95 45.88 -15.45
N ASN D 26 -8.68 45.75 -15.83
CA ASN D 26 -7.77 46.88 -16.00
C ASN D 26 -6.55 46.36 -16.74
N THR D 27 -5.63 47.26 -17.07
CA THR D 27 -4.33 46.91 -17.62
C THR D 27 -3.20 47.41 -16.73
N ASP D 28 -3.37 47.26 -15.41
CA ASP D 28 -2.50 47.93 -14.47
C ASP D 28 -1.21 47.19 -14.18
N LEU D 29 -1.08 45.92 -14.56
CA LEU D 29 0.14 45.15 -14.30
C LEU D 29 0.92 45.02 -15.60
N GLU D 30 1.99 45.79 -15.73
CA GLU D 30 2.88 45.69 -16.88
C GLU D 30 3.86 44.54 -16.69
N VAL D 31 4.00 43.71 -17.72
CA VAL D 31 4.94 42.59 -17.73
C VAL D 31 6.01 42.89 -18.76
N THR D 32 7.27 42.92 -18.33
CA THR D 32 8.35 43.28 -19.24
C THR D 32 8.99 42.04 -19.86
N ASP D 33 9.51 42.22 -21.06
CA ASP D 33 10.48 41.29 -21.62
C ASP D 33 11.77 41.40 -20.82
N LYS D 34 12.17 40.29 -20.18
CA LYS D 34 13.27 40.38 -19.23
C LYS D 34 14.64 40.51 -19.89
N PHE D 35 14.73 40.40 -21.21
CA PHE D 35 15.99 40.65 -21.91
C PHE D 35 16.06 42.06 -22.48
N SER D 36 14.99 42.52 -23.16
CA SER D 36 15.00 43.85 -23.75
C SER D 36 14.62 44.94 -22.76
N GLY D 37 13.90 44.60 -21.69
CA GLY D 37 13.39 45.57 -20.74
C GLY D 37 12.11 46.27 -21.16
N LYS D 38 11.63 46.04 -22.38
CA LYS D 38 10.44 46.72 -22.87
C LYS D 38 9.18 46.01 -22.36
N VAL D 39 8.10 46.80 -22.21
CA VAL D 39 6.83 46.20 -21.84
C VAL D 39 6.36 45.27 -22.94
N ALA D 40 6.07 44.01 -22.58
CA ALA D 40 5.63 43.02 -23.54
C ALA D 40 4.12 42.82 -23.56
N THR D 41 3.45 42.98 -22.42
CA THR D 41 2.00 42.90 -22.36
C THR D 41 1.55 43.59 -21.07
N ARG D 42 0.25 43.77 -20.95
CA ARG D 42 -0.36 44.31 -19.74
C ARG D 42 -1.49 43.40 -19.33
N VAL D 43 -1.59 43.09 -18.03
CA VAL D 43 -2.60 42.17 -17.57
C VAL D 43 -3.40 42.82 -16.45
N ALA D 44 -4.61 42.29 -16.24
CA ALA D 44 -5.49 42.82 -15.21
C ALA D 44 -4.96 42.46 -13.83
N LEU D 45 -4.94 43.46 -12.95
CA LEU D 45 -4.47 43.31 -11.58
C LEU D 45 -5.68 43.25 -10.66
N ALA D 46 -5.75 42.22 -9.81
CA ALA D 46 -6.88 42.02 -8.91
C ALA D 46 -6.66 42.77 -7.61
N ASP D 47 -7.68 43.52 -7.18
CA ASP D 47 -7.63 44.20 -5.89
C ASP D 47 -8.28 43.32 -4.82
N ALA D 48 -8.33 43.83 -3.58
CA ALA D 48 -8.82 42.99 -2.48
C ALA D 48 -10.30 42.64 -2.66
N GLN D 49 -11.07 43.53 -3.29
CA GLN D 49 -12.48 43.21 -3.54
C GLN D 49 -12.60 42.01 -4.48
N ALA D 50 -11.75 41.95 -5.50
CA ALA D 50 -11.78 40.81 -6.42
C ALA D 50 -11.31 39.53 -5.73
N ILE D 51 -10.26 39.63 -4.91
CA ILE D 51 -9.78 38.46 -4.20
C ILE D 51 -10.85 37.93 -3.26
N ASP D 52 -11.49 38.84 -2.52
CA ASP D 52 -12.57 38.45 -1.62
CA ASP D 52 -12.55 38.42 -1.62
C ASP D 52 -13.69 37.74 -2.37
N ALA D 53 -14.08 38.30 -3.53
CA ALA D 53 -15.14 37.68 -4.33
C ALA D 53 -14.73 36.29 -4.80
N ALA D 54 -13.46 36.13 -5.18
CA ALA D 54 -12.99 34.82 -5.62
C ALA D 54 -13.08 33.80 -4.50
N ILE D 55 -12.73 34.21 -3.27
CA ILE D 55 -12.80 33.30 -2.15
C ILE D 55 -14.25 32.90 -1.89
N GLY D 56 -15.17 33.86 -1.93
CA GLY D 56 -16.58 33.54 -1.74
C GLY D 56 -17.10 32.59 -2.79
N ALA D 57 -16.68 32.78 -4.05
CA ALA D 57 -17.07 31.85 -5.11
C ALA D 57 -16.48 30.48 -4.89
N ALA D 58 -15.23 30.41 -4.41
CA ALA D 58 -14.63 29.11 -4.13
C ALA D 58 -15.42 28.37 -3.06
N VAL D 59 -15.86 29.08 -2.02
CA VAL D 59 -16.67 28.45 -0.98
C VAL D 59 -17.94 27.86 -1.59
N ASP D 60 -18.60 28.61 -2.47
CA ASP D 60 -19.82 28.13 -3.08
C ASP D 60 -19.59 26.94 -4.02
N ALA D 61 -18.37 26.77 -4.53
CA ALA D 61 -18.07 25.67 -5.42
C ALA D 61 -17.60 24.41 -4.69
N VAL D 62 -17.51 24.44 -3.36
CA VAL D 62 -16.97 23.29 -2.62
C VAL D 62 -17.81 22.04 -2.86
N LYS D 63 -19.15 22.17 -2.72
CA LYS D 63 -20.00 20.99 -2.87
C LYS D 63 -20.01 20.49 -4.32
N PRO D 64 -20.21 21.32 -5.34
CA PRO D 64 -20.18 20.78 -6.71
C PRO D 64 -18.83 20.20 -7.09
N MET D 65 -17.72 20.74 -6.60
CA MET D 65 -16.43 20.14 -6.89
C MET D 65 -16.30 18.79 -6.21
N ARG D 66 -16.78 18.69 -4.96
CA ARG D 66 -16.72 17.42 -4.23
CA ARG D 66 -16.71 17.42 -4.24
C ARG D 66 -17.56 16.34 -4.91
N GLU D 67 -18.66 16.73 -5.55
CA GLU D 67 -19.53 15.75 -6.18
C GLU D 67 -19.11 15.38 -7.60
N LEU D 68 -18.11 16.06 -8.15
CA LEU D 68 -17.61 15.73 -9.48
CA LEU D 68 -17.59 15.73 -9.48
C LEU D 68 -17.00 14.33 -9.46
N PRO D 69 -17.46 13.39 -10.29
CA PRO D 69 -16.88 12.05 -10.28
C PRO D 69 -15.42 12.05 -10.72
N ALA D 70 -14.68 11.02 -10.28
CA ALA D 70 -13.26 10.96 -10.56
C ALA D 70 -12.98 11.04 -12.05
N TYR D 71 -13.78 10.34 -12.88
CA TYR D 71 -13.49 10.33 -14.31
C TYR D 71 -13.78 11.69 -14.96
N ARG D 72 -14.66 12.50 -14.37
CA ARG D 72 -14.86 13.86 -14.87
C ARG D 72 -13.70 14.76 -14.49
N ARG D 73 -13.18 14.65 -13.27
CA ARG D 73 -11.97 15.38 -12.91
CA ARG D 73 -11.97 15.39 -12.92
C ARG D 73 -10.82 15.00 -13.83
N GLN D 74 -10.70 13.71 -14.15
CA GLN D 74 -9.68 13.26 -15.11
C GLN D 74 -9.88 13.91 -16.48
N ALA D 75 -11.14 13.96 -16.94
CA ALA D 75 -11.41 14.53 -18.26
C ALA D 75 -11.01 16.00 -18.32
N VAL D 76 -11.23 16.74 -17.23
CA VAL D 76 -10.80 18.14 -17.16
C VAL D 76 -9.28 18.23 -17.31
N LEU D 77 -8.56 17.37 -16.58
CA LEU D 77 -7.10 17.37 -16.68
C LEU D 77 -6.65 16.97 -18.07
N ASP D 78 -7.32 15.99 -18.69
CA ASP D 78 -6.97 15.56 -20.04
C ASP D 78 -7.18 16.67 -21.05
N HIS D 79 -8.23 17.47 -20.86
CA HIS D 79 -8.44 18.63 -21.74
C HIS D 79 -7.28 19.60 -21.64
N CYS D 80 -6.80 19.87 -20.42
CA CYS D 80 -5.64 20.73 -20.27
C CYS D 80 -4.43 20.16 -20.99
N VAL D 81 -4.18 18.86 -20.83
CA VAL D 81 -3.03 18.22 -21.48
C VAL D 81 -3.10 18.41 -22.98
N ALA D 82 -4.27 18.16 -23.56
CA ALA D 82 -4.40 18.27 -25.02
C ALA D 82 -4.21 19.70 -25.49
N ARG D 83 -4.73 20.67 -24.73
CA ARG D 83 -4.64 22.06 -25.16
C ARG D 83 -3.24 22.61 -24.94
N PHE D 84 -2.56 22.19 -23.86
CA PHE D 84 -1.16 22.59 -23.70
C PHE D 84 -0.30 22.05 -24.85
N ARG D 85 -0.62 20.85 -25.34
CA ARG D 85 0.11 20.32 -26.49
C ARG D 85 -0.11 21.18 -27.74
N GLU D 86 -1.35 21.54 -28.02
CA GLU D 86 -1.68 22.38 -29.19
CA GLU D 86 -1.54 22.33 -29.24
C GLU D 86 -1.10 23.77 -29.07
N ARG D 87 -0.99 24.28 -27.84
CA ARG D 87 -0.50 25.63 -27.59
C ARG D 87 0.93 25.62 -27.09
N PHE D 88 1.68 24.57 -27.41
CA PHE D 88 3.03 24.37 -26.89
C PHE D 88 3.93 25.56 -27.19
N ASP D 89 4.02 25.95 -28.47
CA ASP D 89 4.92 27.04 -28.85
C ASP D 89 4.49 28.35 -28.22
N GLU D 90 3.18 28.62 -28.16
CA GLU D 90 2.69 29.82 -27.50
C GLU D 90 3.14 29.87 -26.05
N LEU D 91 2.96 28.77 -25.33
CA LEU D 91 3.35 28.73 -23.92
C LEU D 91 4.86 28.92 -23.74
N ALA D 92 5.66 28.27 -24.59
CA ALA D 92 7.11 28.38 -24.47
C ALA D 92 7.58 29.79 -24.79
N GLU D 93 7.00 30.43 -25.81
CA GLU D 93 7.41 31.78 -26.15
C GLU D 93 7.02 32.76 -25.05
N ALA D 94 5.83 32.61 -24.48
CA ALA D 94 5.41 33.48 -23.39
C ALA D 94 6.36 33.36 -22.21
N LEU D 95 6.71 32.13 -21.85
CA LEU D 95 7.65 31.88 -20.77
C LEU D 95 9.02 32.48 -21.09
N CYS D 96 9.50 32.29 -22.32
CA CYS D 96 10.76 32.88 -22.74
C CYS D 96 10.77 34.39 -22.53
N ILE D 97 9.69 35.06 -22.92
CA ILE D 97 9.65 36.52 -22.82
C ILE D 97 9.55 36.96 -21.36
N GLU D 98 8.55 36.46 -20.63
CA GLU D 98 8.25 37.02 -19.31
C GLU D 98 9.22 36.57 -18.23
N ALA D 99 9.89 35.42 -18.41
CA ALA D 99 10.90 35.00 -17.45
C ALA D 99 12.33 35.22 -17.97
N GLY D 100 12.50 35.64 -19.22
CA GLY D 100 13.84 35.68 -19.80
C GLY D 100 14.49 34.31 -19.86
N LYS D 101 13.68 33.25 -19.95
CA LYS D 101 14.17 31.89 -19.87
C LYS D 101 14.58 31.42 -21.26
N PRO D 102 15.81 30.93 -21.44
CA PRO D 102 16.26 30.48 -22.77
C PRO D 102 15.25 29.54 -23.41
N ILE D 103 15.01 29.76 -24.71
CA ILE D 103 13.85 29.16 -25.37
C ILE D 103 13.90 27.64 -25.28
N ASN D 104 15.10 27.04 -25.34
CA ASN D 104 15.21 25.59 -25.18
C ASN D 104 14.71 25.14 -23.81
N ASP D 105 15.10 25.86 -22.76
CA ASP D 105 14.64 25.50 -21.42
C ASP D 105 13.17 25.85 -21.22
N SER D 106 12.69 26.89 -21.90
CA SER D 106 11.27 27.20 -21.84
C SER D 106 10.44 26.07 -22.43
N ARG D 107 10.85 25.56 -23.59
CA ARG D 107 10.17 24.39 -24.16
C ARG D 107 10.25 23.21 -23.21
N GLY D 108 11.39 23.03 -22.54
CA GLY D 108 11.50 21.96 -21.56
C GLY D 108 10.52 22.11 -20.40
N GLU D 109 10.28 23.34 -19.97
CA GLU D 109 9.31 23.53 -18.88
C GLU D 109 7.89 23.26 -19.36
N VAL D 110 7.56 23.62 -20.60
CA VAL D 110 6.22 23.31 -21.10
C VAL D 110 6.00 21.80 -21.14
N THR D 111 7.03 21.04 -21.54
CA THR D 111 6.93 19.59 -21.47
C THR D 111 6.65 19.11 -20.05
N ARG D 112 7.31 19.74 -19.06
CA ARG D 112 7.05 19.33 -17.69
CA ARG D 112 7.06 19.40 -17.67
C ARG D 112 5.65 19.75 -17.24
N LEU D 113 5.16 20.91 -17.70
CA LEU D 113 3.78 21.29 -17.40
C LEU D 113 2.82 20.22 -17.86
N ILE D 114 2.99 19.75 -19.10
CA ILE D 114 2.17 18.68 -19.64
C ILE D 114 2.33 17.41 -18.81
N ASP D 115 3.57 17.06 -18.45
CA ASP D 115 3.79 15.82 -17.71
C ASP D 115 3.19 15.89 -16.30
N THR D 116 3.26 17.06 -15.65
CA THR D 116 2.66 17.19 -14.32
C THR D 116 1.14 17.00 -14.40
N PHE D 117 0.50 17.60 -15.40
CA PHE D 117 -0.93 17.39 -15.57
C PHE D 117 -1.25 15.95 -15.94
N ARG D 118 -0.38 15.29 -16.71
CA ARG D 118 -0.63 13.89 -17.04
CA ARG D 118 -0.62 13.89 -17.04
C ARG D 118 -0.57 12.99 -15.81
N VAL D 119 0.42 13.21 -14.92
CA VAL D 119 0.45 12.43 -13.69
C VAL D 119 -0.84 12.65 -12.90
N ALA D 120 -1.29 13.91 -12.81
CA ALA D 120 -2.52 14.20 -12.08
C ALA D 120 -3.73 13.52 -12.70
N SER D 121 -3.80 13.50 -14.04
CA SER D 121 -4.88 12.78 -14.70
C SER D 121 -4.90 11.31 -14.29
N GLU D 122 -3.72 10.67 -14.23
CA GLU D 122 -3.67 9.28 -13.79
C GLU D 122 -4.09 9.13 -12.34
N GLU D 123 -3.58 9.99 -11.46
CA GLU D 123 -3.87 9.84 -10.04
C GLU D 123 -5.33 10.15 -9.71
N ALA D 124 -6.00 10.94 -10.56
CA ALA D 124 -7.37 11.37 -10.25
C ALA D 124 -8.32 10.17 -10.11
N VAL D 125 -8.02 9.06 -10.78
CA VAL D 125 -8.94 7.91 -10.75
C VAL D 125 -8.43 6.80 -9.83
N ARG D 126 -7.43 7.07 -8.98
CA ARG D 126 -6.96 6.03 -8.06
C ARG D 126 -6.72 6.60 -6.66
N ILE D 127 -7.57 7.53 -6.23
CA ILE D 127 -7.54 8.03 -4.85
C ILE D 127 -8.30 7.04 -3.98
N ASP D 128 -7.65 5.92 -3.66
CA ASP D 128 -8.27 4.81 -2.96
C ASP D 128 -8.23 5.03 -1.44
N GLY D 129 -8.97 4.20 -0.74
CA GLY D 129 -8.91 4.18 0.72
C GLY D 129 -8.58 2.79 1.21
N GLU D 130 -8.77 2.57 2.52
CA GLU D 130 -8.40 1.32 3.15
C GLU D 130 -9.58 0.73 3.91
N VAL D 131 -9.63 -0.61 3.93
CA VAL D 131 -10.52 -1.36 4.82
C VAL D 131 -9.64 -1.84 5.98
N LEU D 132 -9.85 -1.29 7.18
CA LEU D 132 -8.91 -1.49 8.28
C LEU D 132 -9.42 -2.53 9.26
N ASN D 133 -8.58 -3.52 9.58
CA ASN D 133 -8.92 -4.37 10.72
C ASN D 133 -8.87 -3.55 11.98
N LEU D 134 -9.99 -3.50 12.70
CA LEU D 134 -10.06 -2.84 14.00
C LEU D 134 -10.23 -3.82 15.14
N GLU D 135 -10.38 -5.11 14.84
CA GLU D 135 -10.58 -6.13 15.88
C GLU D 135 -9.22 -6.51 16.49
N ILE D 136 -8.67 -5.58 17.27
CA ILE D 136 -7.38 -5.80 17.91
C ILE D 136 -7.52 -6.14 19.39
N SER D 137 -8.75 -6.13 19.92
CA SER D 137 -9.06 -6.53 21.28
C SER D 137 -10.54 -6.92 21.34
N ALA D 138 -10.91 -7.60 22.43
CA ALA D 138 -12.29 -7.99 22.63
C ALA D 138 -13.24 -6.79 22.63
N ARG D 139 -12.79 -5.67 23.20
CA ARG D 139 -13.62 -4.46 23.23
C ARG D 139 -14.00 -4.01 21.84
N ALA D 140 -13.12 -4.21 20.86
CA ALA D 140 -13.35 -3.80 19.48
C ALA D 140 -13.86 -4.93 18.60
N GLN D 141 -14.35 -6.02 19.19
CA GLN D 141 -14.92 -7.09 18.38
C GLN D 141 -16.12 -6.57 17.61
N GLY D 142 -16.15 -6.89 16.31
CA GLY D 142 -17.26 -6.49 15.48
C GLY D 142 -17.15 -5.13 14.83
N TYR D 143 -16.06 -4.41 15.03
CA TYR D 143 -15.87 -3.11 14.39
C TYR D 143 -14.90 -3.24 13.22
N THR D 144 -15.19 -2.51 12.14
CA THR D 144 -14.33 -2.43 10.96
C THR D 144 -14.22 -0.98 10.53
N GLY D 145 -13.06 -0.59 10.02
CA GLY D 145 -12.83 0.76 9.54
C GLY D 145 -12.77 0.84 8.02
N TYR D 146 -13.28 1.95 7.48
CA TYR D 146 -13.27 2.23 6.04
C TYR D 146 -12.80 3.65 5.87
N THR D 147 -11.85 3.90 4.98
CA THR D 147 -11.37 5.27 4.81
C THR D 147 -11.59 5.78 3.38
N ARG D 148 -11.63 7.11 3.29
CA ARG D 148 -11.69 7.84 2.02
C ARG D 148 -10.97 9.16 2.22
N ARG D 149 -10.61 9.81 1.11
CA ARG D 149 -10.00 11.14 1.15
C ARG D 149 -11.03 12.13 0.61
N VAL D 150 -11.40 13.12 1.41
CA VAL D 150 -12.38 14.14 1.06
CA VAL D 150 -12.37 14.12 0.98
C VAL D 150 -11.62 15.41 0.69
N PRO D 151 -12.03 16.17 -0.32
CA PRO D 151 -11.33 17.44 -0.60
C PRO D 151 -11.32 18.33 0.64
N ILE D 152 -10.17 18.96 0.89
CA ILE D 152 -9.99 19.76 2.10
C ILE D 152 -10.85 21.02 2.07
N GLY D 153 -11.19 21.52 0.88
CA GLY D 153 -11.93 22.75 0.76
C GLY D 153 -11.19 23.74 -0.11
N PRO D 154 -11.55 25.03 -0.04
CA PRO D 154 -10.87 26.03 -0.87
C PRO D 154 -9.40 26.12 -0.53
N CYS D 155 -8.55 26.13 -1.57
CA CYS D 155 -7.11 26.17 -1.42
C CYS D 155 -6.56 27.50 -1.92
N SER D 156 -5.60 28.05 -1.18
CA SER D 156 -4.89 29.26 -1.59
C SER D 156 -3.52 28.85 -2.11
N PHE D 157 -3.20 29.25 -3.35
CA PHE D 157 -1.95 28.87 -4.01
C PHE D 157 -1.16 30.12 -4.39
N ILE D 158 0.13 30.13 -4.06
CA ILE D 158 1.03 31.23 -4.41
C ILE D 158 2.27 30.63 -5.07
N SER D 159 2.64 31.13 -6.24
CA SER D 159 3.73 30.55 -7.02
C SER D 159 4.78 31.59 -7.38
N PRO D 160 6.01 31.16 -7.76
CA PRO D 160 7.13 32.09 -7.96
C PRO D 160 7.43 32.40 -9.42
N PHE D 161 8.46 33.20 -9.67
CA PHE D 161 8.69 33.68 -11.03
C PHE D 161 9.41 32.67 -11.92
N ASN D 162 10.19 31.74 -11.36
CA ASN D 162 11.24 31.13 -12.18
C ASN D 162 10.77 29.90 -12.96
N PHE D 163 9.91 29.07 -12.39
CA PHE D 163 9.26 27.97 -13.11
C PHE D 163 7.76 28.22 -13.04
N PRO D 164 7.26 29.28 -13.67
CA PRO D 164 5.89 29.72 -13.39
C PRO D 164 4.83 28.75 -13.90
N LEU D 165 5.08 28.07 -15.02
CA LEU D 165 4.11 27.08 -15.48
C LEU D 165 4.11 25.85 -14.58
N ASN D 166 5.28 25.22 -14.42
CA ASN D 166 5.27 23.91 -13.77
C ASN D 166 5.01 23.99 -12.27
N LEU D 167 5.46 25.05 -11.60
CA LEU D 167 5.19 25.12 -10.16
C LEU D 167 3.75 25.50 -9.88
N ALA D 168 3.10 26.26 -10.77
CA ALA D 168 1.66 26.40 -10.68
C ALA D 168 0.97 25.06 -10.91
N ALA D 169 1.47 24.29 -11.88
CA ALA D 169 0.87 22.99 -12.20
C ALA D 169 0.89 22.05 -11.00
N HIS D 170 1.96 22.11 -10.20
CA HIS D 170 2.08 21.20 -9.05
C HIS D 170 1.10 21.53 -7.94
N LYS D 171 0.38 22.65 -8.05
CA LYS D 171 -0.73 22.96 -7.15
C LYS D 171 -2.08 22.80 -7.83
N VAL D 172 -2.21 23.36 -9.03
CA VAL D 172 -3.47 23.35 -9.77
C VAL D 172 -3.90 21.93 -10.13
N ALA D 173 -2.98 21.14 -10.70
CA ALA D 173 -3.39 19.81 -11.18
C ALA D 173 -3.81 18.90 -10.04
N PRO D 174 -3.07 18.80 -8.92
CA PRO D 174 -3.57 17.98 -7.81
C PRO D 174 -4.85 18.52 -7.22
N ALA D 175 -5.04 19.84 -7.19
CA ALA D 175 -6.28 20.40 -6.68
C ALA D 175 -7.48 19.90 -7.49
N LEU D 176 -7.33 19.89 -8.81
CA LEU D 176 -8.40 19.38 -9.67
C LEU D 176 -8.60 17.89 -9.47
N ALA D 177 -7.52 17.13 -9.34
CA ALA D 177 -7.64 15.70 -9.09
C ALA D 177 -8.32 15.42 -7.75
N ALA D 178 -8.03 16.24 -6.75
CA ALA D 178 -8.57 16.04 -5.41
C ALA D 178 -9.99 16.58 -5.22
N GLY D 179 -10.45 17.46 -6.11
CA GLY D 179 -11.78 18.02 -5.99
C GLY D 179 -11.86 19.30 -5.21
N CYS D 180 -10.77 20.09 -5.14
CA CYS D 180 -10.73 21.35 -4.38
C CYS D 180 -10.90 22.54 -5.30
N PRO D 181 -11.79 23.48 -4.98
CA PRO D 181 -11.71 24.82 -5.58
C PRO D 181 -10.42 25.49 -5.12
N PHE D 182 -9.87 26.37 -5.96
CA PHE D 182 -8.64 27.05 -5.58
C PHE D 182 -8.61 28.46 -6.14
N VAL D 183 -7.78 29.30 -5.51
CA VAL D 183 -7.47 30.64 -6.01
C VAL D 183 -5.95 30.73 -6.09
N LEU D 184 -5.43 30.98 -7.30
CA LEU D 184 -3.99 31.01 -7.54
C LEU D 184 -3.53 32.45 -7.73
N LYS D 185 -2.48 32.85 -7.02
CA LYS D 185 -1.81 34.12 -7.26
C LYS D 185 -0.44 33.83 -7.88
N PRO D 186 -0.25 34.08 -9.17
CA PRO D 186 1.06 33.89 -9.78
C PRO D 186 1.99 35.03 -9.39
N ALA D 187 3.27 34.87 -9.75
CA ALA D 187 4.22 35.97 -9.56
C ALA D 187 3.90 37.13 -10.50
N SER D 188 3.93 38.35 -9.97
CA SER D 188 3.57 39.52 -10.79
C SER D 188 4.56 39.72 -11.93
N ARG D 189 5.81 39.29 -11.74
CA ARG D 189 6.80 39.39 -12.81
C ARG D 189 6.52 38.43 -13.96
N THR D 190 5.82 37.31 -13.70
CA THR D 190 5.58 36.27 -14.71
C THR D 190 4.17 35.72 -14.58
N PRO D 191 3.14 36.53 -14.86
CA PRO D 191 1.76 36.06 -14.67
C PRO D 191 1.11 35.44 -15.91
N VAL D 192 1.70 35.57 -17.09
CA VAL D 192 0.98 35.25 -18.32
C VAL D 192 0.76 33.75 -18.45
N GLY D 193 1.79 32.95 -18.19
CA GLY D 193 1.63 31.50 -18.27
C GLY D 193 0.48 30.99 -17.44
N ALA D 194 0.35 31.49 -16.20
CA ALA D 194 -0.77 31.10 -15.36
C ALA D 194 -2.10 31.53 -15.95
N LEU D 195 -2.12 32.67 -16.64
CA LEU D 195 -3.36 33.14 -17.25
C LEU D 195 -3.71 32.35 -18.51
N ILE D 196 -2.71 31.77 -19.17
CA ILE D 196 -3.01 30.87 -20.29
C ILE D 196 -3.57 29.55 -19.74
N ILE D 197 -2.97 29.03 -18.67
CA ILE D 197 -3.54 27.87 -17.97
C ILE D 197 -4.98 28.15 -17.59
N ALA D 198 -5.24 29.34 -17.04
CA ALA D 198 -6.61 29.70 -16.64
C ALA D 198 -7.55 29.73 -17.84
N GLU D 199 -7.10 30.30 -18.96
CA GLU D 199 -7.93 30.34 -20.16
C GLU D 199 -8.32 28.94 -20.61
N VAL D 200 -7.37 28.00 -20.55
CA VAL D 200 -7.67 26.63 -20.93
C VAL D 200 -8.67 26.00 -19.95
N LEU D 201 -8.48 26.24 -18.65
CA LEU D 201 -9.44 25.73 -17.67
C LEU D 201 -10.83 26.31 -17.87
N ALA D 202 -10.92 27.57 -18.28
CA ALA D 202 -12.21 28.21 -18.51
C ALA D 202 -12.99 27.56 -19.64
N GLU D 203 -12.33 26.77 -20.50
CA GLU D 203 -13.00 26.04 -21.56
C GLU D 203 -13.72 24.79 -21.06
N THR D 204 -13.37 24.32 -19.87
CA THR D 204 -13.99 23.12 -19.32
C THR D 204 -15.31 23.47 -18.65
N ASN D 205 -16.08 22.44 -18.32
CA ASN D 205 -17.38 22.66 -17.68
C ASN D 205 -17.31 22.60 -16.17
N LEU D 206 -16.17 22.98 -15.59
CA LEU D 206 -16.05 23.00 -14.14
C LEU D 206 -17.14 23.89 -13.55
N PRO D 207 -17.63 23.58 -12.35
CA PRO D 207 -18.60 24.46 -11.69
CA PRO D 207 -18.61 24.47 -11.71
C PRO D 207 -18.00 25.85 -11.50
N LYS D 208 -18.85 26.86 -11.61
CA LYS D 208 -18.36 28.23 -11.42
C LYS D 208 -17.86 28.41 -9.99
N GLY D 209 -16.71 29.06 -9.86
CA GLY D 209 -16.01 29.14 -8.59
C GLY D 209 -14.98 28.07 -8.36
N ALA D 210 -14.89 27.08 -9.25
CA ALA D 210 -13.85 26.06 -9.13
C ALA D 210 -12.46 26.67 -9.15
N PHE D 211 -12.25 27.77 -9.87
CA PHE D 211 -10.93 28.35 -9.90
C PHE D 211 -11.00 29.86 -10.16
N SER D 212 -10.04 30.55 -9.58
CA SER D 212 -9.72 31.93 -9.95
C SER D 212 -8.20 32.01 -10.08
N VAL D 213 -7.73 32.80 -11.03
CA VAL D 213 -6.30 33.07 -11.17
C VAL D 213 -6.16 34.58 -11.20
N LEU D 214 -5.54 35.13 -10.17
CA LEU D 214 -5.59 36.56 -9.87
C LEU D 214 -4.19 37.12 -9.68
N PRO D 215 -3.66 37.85 -10.66
CA PRO D 215 -2.41 38.59 -10.43
C PRO D 215 -2.61 39.64 -9.35
N ALA D 216 -1.67 39.72 -8.43
CA ALA D 216 -1.68 40.71 -7.36
C ALA D 216 -0.27 40.82 -6.79
N HIS D 217 0.14 42.04 -6.46
CA HIS D 217 1.44 42.23 -5.83
C HIS D 217 1.40 41.75 -4.38
N ARG D 218 2.58 41.39 -3.87
CA ARG D 218 2.67 40.90 -2.50
C ARG D 218 2.01 41.83 -1.49
N ASP D 219 2.15 43.15 -1.68
CA ASP D 219 1.55 44.07 -0.71
C ASP D 219 0.04 44.18 -0.83
N GLY D 220 -0.57 43.60 -1.87
CA GLY D 220 -2.02 43.54 -1.97
C GLY D 220 -2.56 42.13 -1.81
N ALA D 221 -1.76 41.22 -1.25
CA ALA D 221 -2.08 39.79 -1.27
C ALA D 221 -2.33 39.19 0.11
N ASP D 222 -2.63 40.02 1.12
CA ASP D 222 -2.76 39.51 2.48
C ASP D 222 -3.85 38.43 2.59
N LEU D 223 -4.95 38.57 1.84
CA LEU D 223 -6.06 37.64 1.97
C LEU D 223 -5.69 36.20 1.59
N PHE D 224 -4.70 36.04 0.70
CA PHE D 224 -4.25 34.71 0.32
C PHE D 224 -3.69 33.93 1.51
N THR D 225 -3.19 34.64 2.53
CA THR D 225 -2.66 33.99 3.71
C THR D 225 -3.65 33.95 4.87
N THR D 226 -4.38 35.04 5.09
CA THR D 226 -5.11 35.18 6.34
C THR D 226 -6.58 34.79 6.26
N ASP D 227 -7.20 34.77 5.07
CA ASP D 227 -8.64 34.54 5.04
C ASP D 227 -8.96 33.14 5.57
N GLU D 228 -9.89 33.08 6.54
CA GLU D 228 -10.16 31.81 7.19
C GLU D 228 -11.00 30.87 6.34
N ARG D 229 -11.51 31.32 5.20
CA ARG D 229 -12.29 30.44 4.34
C ARG D 229 -11.41 29.51 3.52
N PHE D 230 -10.13 29.85 3.33
CA PHE D 230 -9.18 28.89 2.80
C PHE D 230 -8.84 27.86 3.87
N ARG D 231 -8.80 26.58 3.48
CA ARG D 231 -8.43 25.51 4.42
C ARG D 231 -6.99 25.08 4.26
N LEU D 232 -6.31 25.52 3.21
CA LEU D 232 -4.91 25.18 2.93
C LEU D 232 -4.27 26.38 2.27
N LEU D 233 -3.08 26.76 2.72
CA LEU D 233 -2.20 27.65 1.98
C LEU D 233 -1.03 26.82 1.49
N SER D 234 -0.79 26.81 0.17
CA SER D 234 0.37 26.13 -0.38
C SER D 234 1.21 27.15 -1.13
N PHE D 235 2.40 27.41 -0.61
CA PHE D 235 3.25 28.52 -1.04
C PHE D 235 4.54 27.94 -1.60
N THR D 236 4.88 28.36 -2.82
CA THR D 236 6.21 28.10 -3.40
C THR D 236 6.89 29.44 -3.64
N GLY D 237 8.07 29.63 -3.03
CA GLY D 237 8.75 30.91 -3.11
C GLY D 237 9.90 30.96 -2.13
N SER D 238 10.32 32.19 -1.80
CA SER D 238 11.53 32.37 -0.99
C SER D 238 11.29 31.96 0.47
N PRO D 239 12.32 31.43 1.13
CA PRO D 239 12.16 31.09 2.55
C PRO D 239 11.79 32.28 3.42
N ALA D 240 12.34 33.46 3.16
CA ALA D 240 12.01 34.63 3.98
C ALA D 240 10.51 34.91 3.97
N VAL D 241 9.88 34.76 2.81
CA VAL D 241 8.45 34.99 2.70
C VAL D 241 7.67 33.83 3.28
N GLY D 242 8.04 32.60 2.90
CA GLY D 242 7.23 31.43 3.28
C GLY D 242 7.11 31.28 4.78
N TRP D 243 8.22 31.39 5.50
CA TRP D 243 8.16 31.25 6.95
C TRP D 243 7.37 32.38 7.59
N ALA D 244 7.40 33.57 6.99
CA ALA D 244 6.61 34.67 7.53
C ALA D 244 5.12 34.45 7.29
N LEU D 245 4.74 33.86 6.15
CA LEU D 245 3.33 33.60 5.90
C LEU D 245 2.78 32.52 6.83
N LYS D 246 3.59 31.50 7.13
CA LYS D 246 3.16 30.48 8.09
C LYS D 246 2.72 31.11 9.40
N GLU D 247 3.46 32.14 9.85
CA GLU D 247 3.13 32.79 11.13
C GLU D 247 1.79 33.50 11.09
N LYS D 248 1.37 33.95 9.92
CA LYS D 248 0.14 34.73 9.76
C LYS D 248 -1.05 33.92 9.26
N ALA D 249 -0.88 32.62 9.02
CA ALA D 249 -1.89 31.86 8.29
C ALA D 249 -3.15 31.55 9.10
N GLY D 250 -3.08 31.61 10.44
CA GLY D 250 -4.23 31.24 11.24
C GLY D 250 -4.41 29.73 11.30
N LYS D 251 -5.66 29.26 11.20
CA LYS D 251 -5.95 27.85 11.45
C LYS D 251 -5.62 26.92 10.27
N LYS D 252 -5.57 27.45 9.05
CA LYS D 252 -5.39 26.61 7.87
C LYS D 252 -4.10 25.81 7.90
N LYS D 253 -4.13 24.67 7.22
CA LYS D 253 -2.92 23.92 6.95
C LYS D 253 -1.99 24.74 6.06
N VAL D 254 -0.68 24.60 6.28
CA VAL D 254 0.33 25.34 5.53
C VAL D 254 1.32 24.34 4.92
N VAL D 255 1.56 24.47 3.62
CA VAL D 255 2.58 23.72 2.91
C VAL D 255 3.55 24.72 2.31
N LEU D 256 4.85 24.49 2.50
CA LEU D 256 5.89 25.43 2.05
C LEU D 256 6.91 24.73 1.17
N GLU D 257 7.16 25.30 0.00
CA GLU D 257 8.16 24.82 -0.95
C GLU D 257 9.16 25.95 -1.14
N LEU D 258 10.33 25.86 -0.49
CA LEU D 258 11.18 27.05 -0.43
C LEU D 258 12.49 26.84 -1.15
N GLY D 259 13.57 27.46 -0.68
CA GLY D 259 14.84 27.45 -1.39
C GLY D 259 16.02 26.90 -0.62
N GLY D 260 17.23 27.02 -1.17
CA GLY D 260 18.40 26.49 -0.49
C GLY D 260 19.66 26.79 -1.26
N ASN D 261 20.79 26.28 -0.75
CA ASN D 261 22.11 26.46 -1.37
C ASN D 261 22.68 25.07 -1.70
N ALA D 262 22.08 24.42 -2.69
CA ALA D 262 22.28 22.98 -2.90
C ALA D 262 23.73 22.64 -3.21
N ALA D 263 24.17 21.49 -2.70
CA ALA D 263 25.54 21.01 -2.86
C ALA D 263 25.58 19.71 -3.67
N ALA D 264 26.68 19.53 -4.39
CA ALA D 264 27.01 18.27 -5.07
C ALA D 264 28.37 17.80 -4.57
N ILE D 265 28.46 16.53 -4.20
CA ILE D 265 29.73 15.90 -3.80
C ILE D 265 30.24 15.07 -4.95
N VAL D 266 31.54 15.19 -5.26
CA VAL D 266 32.21 14.32 -6.22
C VAL D 266 33.18 13.43 -5.46
N ASP D 267 32.87 12.13 -5.41
CA ASP D 267 33.61 11.17 -4.61
C ASP D 267 34.92 10.77 -5.28
N ALA D 268 35.75 10.08 -4.51
CA ALA D 268 37.11 9.72 -4.92
C ALA D 268 37.15 8.72 -6.08
N ASP D 269 36.04 8.07 -6.41
CA ASP D 269 36.01 7.01 -7.42
C ASP D 269 35.57 7.50 -8.79
N GLN D 270 35.53 8.82 -9.02
CA GLN D 270 34.86 9.38 -10.19
C GLN D 270 35.80 9.74 -11.34
N PHE D 271 37.09 9.39 -11.26
CA PHE D 271 38.04 9.87 -12.27
C PHE D 271 37.59 9.53 -13.69
N GLU D 272 37.15 8.29 -13.91
CA GLU D 272 36.81 7.86 -15.26
C GLU D 272 35.53 8.50 -15.79
N GLN D 273 34.70 9.11 -14.93
CA GLN D 273 33.52 9.75 -15.52
CA GLN D 273 33.44 9.73 -15.28
C GLN D 273 33.48 11.25 -15.24
N LEU D 274 34.67 11.86 -15.11
CA LEU D 274 34.72 13.30 -14.84
C LEU D 274 34.05 14.14 -15.94
N ASP D 275 34.14 13.74 -17.21
CA ASP D 275 33.48 14.54 -18.23
C ASP D 275 31.96 14.53 -18.06
N TYR D 276 31.38 13.38 -17.71
CA TYR D 276 29.97 13.32 -17.35
C TYR D 276 29.68 14.19 -16.13
N VAL D 277 30.47 14.03 -15.07
CA VAL D 277 30.25 14.80 -13.85
C VAL D 277 30.28 16.29 -14.13
N VAL D 278 31.29 16.73 -14.89
CA VAL D 278 31.45 18.15 -15.16
C VAL D 278 30.28 18.68 -15.98
N ASP D 279 29.82 17.89 -16.95
CA ASP D 279 28.67 18.32 -17.74
C ASP D 279 27.44 18.51 -16.87
N ARG D 280 27.21 17.60 -15.92
CA ARG D 280 26.03 17.72 -15.06
C ARG D 280 26.20 18.85 -14.05
N LEU D 281 27.43 19.05 -13.53
CA LEU D 281 27.68 20.17 -12.64
C LEU D 281 27.40 21.50 -13.34
N ALA D 282 27.87 21.65 -14.57
CA ALA D 282 27.61 22.90 -15.30
C ALA D 282 26.12 23.07 -15.55
N PHE D 283 25.42 21.99 -15.90
CA PHE D 283 23.97 22.09 -16.08
C PHE D 283 23.29 22.52 -14.79
N GLY D 284 23.61 21.86 -13.68
CA GLY D 284 22.94 22.18 -12.44
C GLY D 284 23.25 23.57 -11.92
N ALA D 285 24.49 24.04 -12.12
CA ALA D 285 24.88 25.34 -11.61
C ALA D 285 24.32 26.48 -12.46
N TYR D 286 24.19 26.27 -13.77
CA TYR D 286 23.98 27.39 -14.67
C TYR D 286 22.72 27.30 -15.54
N TYR D 287 21.98 26.20 -15.50
CA TYR D 287 20.76 26.21 -16.29
CA TYR D 287 20.68 26.12 -16.19
C TYR D 287 19.79 27.24 -15.70
N GLN D 288 19.09 27.91 -16.62
CA GLN D 288 18.28 29.08 -16.32
C GLN D 288 19.07 30.10 -15.49
N SER D 289 20.38 30.19 -15.78
CA SER D 289 21.30 31.09 -15.09
C SER D 289 21.24 30.91 -13.57
N GLY D 290 21.11 29.66 -13.13
CA GLY D 290 21.13 29.37 -11.71
C GLY D 290 19.85 29.71 -10.98
N GLN D 291 18.82 30.14 -11.70
CA GLN D 291 17.55 30.55 -11.09
C GLN D 291 16.65 29.33 -10.91
N SER D 292 17.12 28.44 -10.03
CA SER D 292 16.44 27.19 -9.70
C SER D 292 16.57 26.95 -8.20
N CYS D 293 15.47 26.51 -7.59
CA CYS D 293 15.48 26.16 -6.17
C CYS D 293 16.35 24.97 -5.85
N ILE D 294 16.81 24.22 -6.84
CA ILE D 294 17.77 23.14 -6.57
C ILE D 294 19.00 23.33 -7.46
N GLY D 295 19.28 24.57 -7.86
CA GLY D 295 20.50 24.83 -8.60
C GLY D 295 21.73 24.48 -7.78
N VAL D 296 22.76 23.98 -8.46
CA VAL D 296 24.03 23.68 -7.80
C VAL D 296 24.71 24.99 -7.42
N GLN D 297 24.91 25.20 -6.12
CA GLN D 297 25.64 26.36 -5.63
C GLN D 297 27.00 26.00 -5.05
N ARG D 298 27.14 24.80 -4.49
CA ARG D 298 28.36 24.38 -3.82
C ARG D 298 28.79 23.02 -4.37
N ILE D 299 30.08 22.87 -4.67
CA ILE D 299 30.62 21.67 -5.30
C ILE D 299 31.79 21.21 -4.44
N LEU D 300 31.65 20.05 -3.81
CA LEU D 300 32.69 19.51 -2.94
C LEU D 300 33.35 18.34 -3.67
N VAL D 301 34.65 18.44 -3.91
CA VAL D 301 35.36 17.47 -4.75
C VAL D 301 36.47 16.82 -3.94
N HIS D 302 36.59 15.50 -4.04
CA HIS D 302 37.66 14.81 -3.34
C HIS D 302 39.02 15.31 -3.81
N ALA D 303 39.93 15.48 -2.85
CA ALA D 303 41.22 16.13 -3.13
C ALA D 303 41.97 15.44 -4.26
N SER D 304 41.87 14.12 -4.35
CA SER D 304 42.64 13.39 -5.36
C SER D 304 42.23 13.74 -6.79
N LEU D 305 41.00 14.21 -7.02
CA LEU D 305 40.46 14.56 -8.31
CA LEU D 305 40.63 14.59 -8.38
C LEU D 305 40.28 16.05 -8.51
N TYR D 306 40.54 16.86 -7.48
CA TYR D 306 40.14 18.28 -7.50
C TYR D 306 40.75 19.02 -8.69
N ASP D 307 42.06 18.89 -8.90
CA ASP D 307 42.71 19.66 -9.95
C ASP D 307 42.20 19.27 -11.34
N THR D 308 42.00 17.98 -11.58
CA THR D 308 41.50 17.55 -12.88
C THR D 308 40.08 18.06 -13.12
N LEU D 309 39.21 17.90 -12.11
CA LEU D 309 37.84 18.39 -12.25
C LEU D 309 37.82 19.90 -12.42
N ARG D 310 38.65 20.61 -11.66
CA ARG D 310 38.67 22.07 -11.75
CA ARG D 310 38.67 22.07 -11.75
C ARG D 310 38.99 22.52 -13.17
N ASP D 311 40.05 21.97 -13.77
CA ASP D 311 40.41 22.36 -15.13
C ASP D 311 39.27 22.10 -16.10
N LYS D 312 38.65 20.92 -16.01
CA LYS D 312 37.55 20.60 -16.91
C LYS D 312 36.34 21.50 -16.67
N LEU D 313 36.04 21.78 -15.39
CA LEU D 313 34.85 22.59 -15.09
C LEU D 313 35.07 24.06 -15.48
N VAL D 314 36.29 24.57 -15.32
CA VAL D 314 36.59 25.93 -15.78
C VAL D 314 36.37 26.03 -17.28
N ALA D 315 36.89 25.05 -18.03
CA ALA D 315 36.73 25.07 -19.48
C ALA D 315 35.26 24.94 -19.88
N LYS D 316 34.52 24.07 -19.19
CA LYS D 316 33.11 23.88 -19.50
C LYS D 316 32.33 25.16 -19.20
N THR D 317 32.59 25.77 -18.03
CA THR D 317 31.88 26.99 -17.65
C THR D 317 32.14 28.11 -18.64
N ARG D 318 33.40 28.26 -19.06
CA ARG D 318 33.75 29.31 -20.02
C ARG D 318 33.07 29.08 -21.37
N SER D 319 32.75 27.84 -21.71
CA SER D 319 32.15 27.52 -23.00
C SER D 319 30.67 27.85 -23.09
N LEU D 320 30.00 28.15 -21.97
CA LEU D 320 28.57 28.35 -22.00
C LEU D 320 28.22 29.70 -22.62
N LYS D 321 27.29 29.68 -23.58
CA LYS D 321 26.93 30.89 -24.30
C LYS D 321 25.92 31.71 -23.50
N MET D 322 26.23 32.99 -23.31
CA MET D 322 25.35 33.94 -22.66
C MET D 322 24.75 34.87 -23.70
N GLY D 323 23.47 35.21 -23.54
CA GLY D 323 22.93 36.22 -24.44
C GLY D 323 21.41 36.19 -24.48
N ASP D 324 20.88 36.49 -25.65
CA ASP D 324 19.44 36.61 -25.89
C ASP D 324 18.74 35.27 -25.68
N PRO D 325 17.78 35.16 -24.77
CA PRO D 325 17.14 33.86 -24.53
C PRO D 325 16.25 33.40 -25.68
N LYS D 326 15.92 34.27 -26.64
CA LYS D 326 15.20 33.84 -27.82
C LYS D 326 16.09 33.08 -28.79
N ASP D 327 17.41 33.19 -28.64
CA ASP D 327 18.36 32.44 -29.45
C ASP D 327 18.47 31.03 -28.89
N PRO D 328 18.19 29.99 -29.68
CA PRO D 328 18.24 28.61 -29.13
C PRO D 328 19.63 28.16 -28.72
N SER D 329 20.69 28.88 -29.10
CA SER D 329 22.03 28.53 -28.64
C SER D 329 22.39 29.20 -27.31
N THR D 330 21.53 30.05 -26.78
CA THR D 330 21.80 30.66 -25.48
C THR D 330 21.55 29.65 -24.36
N PHE D 331 22.54 29.49 -23.47
CA PHE D 331 22.33 28.72 -22.25
C PHE D 331 22.14 29.62 -21.04
N VAL D 332 22.89 30.73 -20.97
CA VAL D 332 22.85 31.65 -19.83
C VAL D 332 22.10 32.90 -20.31
N GLY D 333 20.82 33.01 -19.93
CA GLY D 333 20.07 34.20 -20.23
C GLY D 333 20.21 35.23 -19.11
N PRO D 334 19.44 36.30 -19.20
CA PRO D 334 19.49 37.33 -18.14
C PRO D 334 18.94 36.82 -16.82
N MET D 335 19.49 37.36 -15.73
CA MET D 335 18.82 37.23 -14.46
C MET D 335 17.51 38.03 -14.47
N ILE D 336 16.66 37.77 -13.48
CA ILE D 336 15.28 38.25 -13.54
C ILE D 336 15.20 39.79 -13.44
N SER D 337 16.22 40.43 -12.88
CA SER D 337 16.23 41.88 -12.78
C SER D 337 17.66 42.33 -12.51
N GLU D 338 17.93 43.59 -12.81
CA GLU D 338 19.21 44.17 -12.44
C GLU D 338 19.42 44.15 -10.93
N SER D 339 18.36 44.35 -10.15
CA SER D 339 18.50 44.39 -8.70
C SER D 339 18.93 43.04 -8.14
N GLU D 340 18.44 41.95 -8.71
CA GLU D 340 18.86 40.63 -8.27
C GLU D 340 20.29 40.34 -8.71
N SER D 341 20.66 40.79 -9.90
CA SER D 341 22.05 40.69 -10.31
C SER D 341 22.97 41.46 -9.36
N ARG D 342 22.54 42.67 -8.95
CA ARG D 342 23.30 43.47 -8.00
C ARG D 342 23.45 42.76 -6.65
N ARG D 343 22.38 42.13 -6.18
CA ARG D 343 22.47 41.39 -4.92
C ARG D 343 23.57 40.35 -4.99
N LEU D 344 23.55 39.52 -6.04
CA LEU D 344 24.51 38.43 -6.14
C LEU D 344 25.92 38.96 -6.41
N SER D 345 26.05 40.00 -7.24
CA SER D 345 27.36 40.59 -7.51
CA SER D 345 27.38 40.54 -7.50
C SER D 345 27.98 41.12 -6.22
N GLY D 346 27.15 41.72 -5.35
CA GLY D 346 27.65 42.20 -4.08
C GLY D 346 28.20 41.08 -3.20
N TRP D 347 27.47 39.96 -3.13
CA TRP D 347 27.98 38.82 -2.37
C TRP D 347 29.26 38.30 -2.98
N MET D 348 29.33 38.24 -4.31
CA MET D 348 30.56 37.80 -4.98
C MET D 348 31.72 38.72 -4.64
N ASP D 349 31.50 40.04 -4.72
CA ASP D 349 32.56 40.98 -4.37
C ASP D 349 33.06 40.75 -2.96
N ALA D 350 32.14 40.53 -2.01
CA ALA D 350 32.52 40.37 -0.61
C ALA D 350 33.36 39.11 -0.41
N ALA D 351 33.00 38.03 -1.12
CA ALA D 351 33.77 36.79 -1.00
C ALA D 351 35.18 36.98 -1.54
N VAL D 352 35.32 37.67 -2.66
CA VAL D 352 36.64 37.94 -3.23
C VAL D 352 37.45 38.82 -2.29
N ALA D 353 36.82 39.85 -1.71
CA ALA D 353 37.54 40.70 -0.77
C ALA D 353 38.05 39.91 0.42
N ALA D 354 37.32 38.86 0.83
CA ALA D 354 37.70 38.01 1.94
C ALA D 354 38.63 36.87 1.54
N GLY D 355 39.09 36.84 0.29
CA GLY D 355 40.11 35.90 -0.14
C GLY D 355 39.70 34.93 -1.22
N ALA D 356 38.44 34.92 -1.66
CA ALA D 356 38.03 33.99 -2.70
C ALA D 356 38.61 34.41 -4.04
N LYS D 357 38.64 33.47 -4.99
CA LYS D 357 39.23 33.68 -6.30
C LYS D 357 38.24 33.29 -7.38
N ILE D 358 37.97 34.20 -8.31
CA ILE D 358 37.15 33.88 -9.48
C ILE D 358 38.02 33.11 -10.46
N ILE D 359 37.61 31.89 -10.80
CA ILE D 359 38.39 31.06 -11.71
C ILE D 359 37.71 30.82 -13.05
N ALA D 360 36.46 31.25 -13.21
CA ALA D 360 35.80 31.29 -14.52
C ALA D 360 34.71 32.33 -14.47
N GLY D 361 34.56 33.07 -15.57
CA GLY D 361 33.49 34.06 -15.63
C GLY D 361 33.79 35.27 -14.79
N GLY D 362 32.75 35.79 -14.13
CA GLY D 362 32.88 36.91 -13.22
C GLY D 362 32.37 38.24 -13.75
N LYS D 363 32.15 38.39 -15.05
CA LYS D 363 31.71 39.66 -15.59
C LYS D 363 30.20 39.83 -15.43
N VAL D 364 29.77 41.00 -14.97
CA VAL D 364 28.37 41.31 -14.76
C VAL D 364 28.06 42.61 -15.48
N ASP D 365 27.00 42.62 -16.28
CA ASP D 365 26.61 43.81 -17.04
C ASP D 365 25.08 43.89 -16.99
N GLY D 366 24.57 44.72 -16.08
CA GLY D 366 23.13 44.75 -15.87
C GLY D 366 22.66 43.41 -15.35
N ALA D 367 21.58 42.90 -15.93
CA ALA D 367 21.09 41.57 -15.57
C ALA D 367 21.82 40.44 -16.28
N MET D 368 22.82 40.75 -17.11
CA MET D 368 23.61 39.72 -17.79
C MET D 368 24.80 39.37 -16.90
N PHE D 369 24.69 38.25 -16.20
CA PHE D 369 25.68 37.75 -15.25
C PHE D 369 26.26 36.48 -15.87
N GLU D 370 27.55 36.49 -16.21
CA GLU D 370 28.23 35.34 -16.83
CA GLU D 370 28.03 35.30 -16.89
C GLU D 370 28.18 34.14 -15.90
N ALA D 371 28.20 32.94 -16.48
CA ALA D 371 28.43 31.74 -15.68
C ALA D 371 29.78 31.87 -14.98
N THR D 372 29.76 31.72 -13.66
CA THR D 372 30.90 32.11 -12.83
C THR D 372 31.21 31.04 -11.80
N LEU D 373 32.50 30.78 -11.59
CA LEU D 373 32.99 29.75 -10.69
C LEU D 373 34.07 30.35 -9.79
N LEU D 374 33.94 30.15 -8.47
CA LEU D 374 34.93 30.64 -7.52
C LEU D 374 35.49 29.49 -6.71
N GLU D 375 36.72 29.67 -6.21
CA GLU D 375 37.22 28.79 -5.16
C GLU D 375 37.70 29.65 -4.00
N ASP D 376 38.06 28.96 -2.90
CA ASP D 376 38.52 29.61 -1.67
C ASP D 376 37.46 30.53 -1.07
N VAL D 377 36.19 30.14 -1.17
CA VAL D 377 35.11 30.90 -0.56
C VAL D 377 34.94 30.43 0.88
N GLY D 378 35.10 31.35 1.83
CA GLY D 378 34.95 30.98 3.23
C GLY D 378 33.52 30.59 3.54
N ARG D 379 33.37 29.60 4.43
CA ARG D 379 32.05 29.08 4.77
C ARG D 379 31.18 30.09 5.48
N GLU D 380 31.76 31.20 5.97
CA GLU D 380 30.97 32.25 6.61
C GLU D 380 30.33 33.21 5.60
N GLN D 381 30.79 33.20 4.35
CA GLN D 381 30.37 34.21 3.37
C GLN D 381 28.91 34.07 2.98
N ASP D 382 28.28 35.21 2.71
CA ASP D 382 26.93 35.21 2.15
C ASP D 382 26.85 34.38 0.88
N LEU D 383 27.87 34.49 0.02
CA LEU D 383 27.88 33.69 -1.20
C LEU D 383 27.82 32.20 -0.90
N TYR D 384 28.37 31.77 0.24
CA TYR D 384 28.32 30.36 0.63
C TYR D 384 26.98 29.99 1.24
N ARG D 385 26.49 30.80 2.18
CA ARG D 385 25.41 30.40 3.09
C ARG D 385 24.01 30.83 2.65
N LYS D 386 23.89 31.91 1.90
CA LYS D 386 22.59 32.36 1.44
C LYS D 386 22.30 31.76 0.05
N GLU D 387 21.06 31.95 -0.41
CA GLU D 387 20.65 31.36 -1.68
C GLU D 387 21.09 32.26 -2.83
N ALA D 388 22.08 31.79 -3.60
CA ALA D 388 22.65 32.63 -4.66
C ALA D 388 21.61 32.98 -5.72
N PHE D 389 20.85 31.99 -6.18
CA PHE D 389 19.82 32.16 -7.21
C PHE D 389 20.34 32.96 -8.41
N GLY D 390 21.48 32.53 -8.92
CA GLY D 390 22.11 33.15 -10.05
C GLY D 390 23.25 32.28 -10.52
N PRO D 391 23.94 32.69 -11.56
CA PRO D 391 24.87 31.78 -12.26
C PRO D 391 26.27 31.77 -11.64
N VAL D 392 26.31 31.43 -10.34
CA VAL D 392 27.54 31.38 -9.57
C VAL D 392 27.57 30.05 -8.84
N ALA D 393 28.73 29.39 -8.86
CA ALA D 393 28.95 28.19 -8.06
C ALA D 393 30.31 28.30 -7.39
N ILE D 394 30.44 27.64 -6.25
CA ILE D 394 31.68 27.64 -5.49
C ILE D 394 32.23 26.22 -5.46
N LEU D 395 33.54 26.12 -5.59
CA LEU D 395 34.26 24.85 -5.65
C LEU D 395 35.12 24.73 -4.39
N GLU D 396 35.01 23.59 -3.70
CA GLU D 396 35.80 23.35 -2.51
C GLU D 396 36.23 21.88 -2.47
N LYS D 397 37.15 21.58 -1.55
CA LYS D 397 37.90 20.34 -1.55
C LYS D 397 37.71 19.60 -0.22
N PHE D 398 37.73 18.27 -0.27
CA PHE D 398 37.64 17.47 0.95
C PHE D 398 38.50 16.23 0.82
N ASP D 399 38.87 15.68 1.98
CA ASP D 399 39.60 14.40 2.06
C ASP D 399 38.72 13.25 2.55
N ARG D 400 37.94 13.47 3.61
CA ARG D 400 37.13 12.43 4.23
C ARG D 400 35.68 12.59 3.80
N PHE D 401 35.06 11.48 3.37
CA PHE D 401 33.67 11.56 2.92
C PHE D 401 32.75 12.13 3.99
N ASP D 402 32.95 11.75 5.25
CA ASP D 402 32.09 12.29 6.32
C ASP D 402 32.23 13.81 6.46
N ASP D 403 33.43 14.35 6.20
CA ASP D 403 33.63 15.80 6.20
C ASP D 403 32.81 16.45 5.08
N ALA D 404 32.77 15.83 3.90
CA ALA D 404 31.94 16.34 2.82
C ALA D 404 30.47 16.38 3.24
N LEU D 405 30.00 15.30 3.90
CA LEU D 405 28.60 15.26 4.32
C LEU D 405 28.31 16.36 5.33
N ALA D 406 29.21 16.53 6.30
CA ALA D 406 29.02 17.56 7.31
C ALA D 406 29.00 18.95 6.67
N ARG D 407 29.82 19.16 5.65
CA ARG D 407 29.84 20.46 5.02
C ARG D 407 28.60 20.70 4.15
N VAL D 408 28.06 19.66 3.51
CA VAL D 408 26.75 19.81 2.87
C VAL D 408 25.71 20.27 3.90
N ASN D 409 25.71 19.62 5.07
CA ASN D 409 24.74 19.94 6.12
C ASN D 409 25.02 21.28 6.81
N ASP D 410 26.17 21.91 6.56
CA ASP D 410 26.55 23.16 7.23
C ASP D 410 25.81 24.31 6.54
N SER D 411 24.52 24.41 6.85
CA SER D 411 23.62 25.26 6.10
C SER D 411 22.31 25.40 6.85
N ASP D 412 21.64 26.54 6.66
CA ASP D 412 20.27 26.67 7.13
C ASP D 412 19.31 25.79 6.37
N PHE D 413 19.71 25.29 5.21
CA PHE D 413 18.81 24.73 4.21
C PHE D 413 18.95 23.21 4.09
N GLY D 414 18.06 22.62 3.31
CA GLY D 414 18.06 21.17 3.14
C GLY D 414 17.04 20.70 2.13
N LEU D 415 17.17 21.17 0.89
CA LEU D 415 16.20 20.78 -0.15
C LEU D 415 16.67 19.49 -0.81
N GLN D 416 17.69 19.56 -1.67
CA GLN D 416 18.29 18.34 -2.22
C GLN D 416 19.81 18.49 -2.23
N ALA D 417 20.48 17.33 -2.25
CA ALA D 417 21.93 17.25 -2.41
C ALA D 417 22.23 16.14 -3.41
N GLY D 418 23.34 16.26 -4.12
CA GLY D 418 23.77 15.24 -5.06
C GLY D 418 25.11 14.64 -4.66
N VAL D 419 25.29 13.34 -4.94
CA VAL D 419 26.55 12.65 -4.67
C VAL D 419 26.92 11.80 -5.89
N PHE D 420 28.04 12.12 -6.52
CA PHE D 420 28.58 11.29 -7.61
C PHE D 420 29.49 10.25 -6.97
N THR D 421 29.01 9.01 -6.90
CA THR D 421 29.76 7.93 -6.28
C THR D 421 29.28 6.62 -6.87
N ASP D 422 30.18 5.63 -6.92
CA ASP D 422 29.78 4.26 -7.22
C ASP D 422 29.84 3.38 -5.97
N SER D 423 30.16 3.95 -4.81
CA SER D 423 30.28 3.17 -3.59
C SER D 423 28.91 3.01 -2.94
N LEU D 424 28.47 1.76 -2.78
CA LEU D 424 27.28 1.47 -1.98
C LEU D 424 27.40 2.04 -0.57
N THR D 425 28.57 1.84 0.04
CA THR D 425 28.77 2.31 1.41
C THR D 425 28.59 3.81 1.51
N HIS D 426 29.15 4.56 0.56
CA HIS D 426 29.03 6.01 0.62
C HIS D 426 27.62 6.48 0.27
N ALA D 427 26.97 5.83 -0.71
CA ALA D 427 25.60 6.20 -1.04
C ALA D 427 24.68 5.99 0.16
N GLN D 428 24.84 4.87 0.87
CA GLN D 428 24.04 4.57 2.04
CA GLN D 428 24.01 4.60 2.02
C GLN D 428 24.31 5.58 3.15
N ARG D 429 25.58 5.90 3.37
CA ARG D 429 25.94 6.88 4.39
C ARG D 429 25.34 8.23 4.07
N ALA D 430 25.37 8.65 2.81
CA ALA D 430 24.76 9.92 2.42
C ALA D 430 23.25 9.92 2.65
N TRP D 431 22.59 8.81 2.33
CA TRP D 431 21.14 8.72 2.58
C TRP D 431 20.85 8.83 4.08
N ASP D 432 21.69 8.21 4.91
CA ASP D 432 21.53 8.28 6.35
C ASP D 432 21.70 9.69 6.89
N GLU D 433 22.69 10.43 6.39
CA GLU D 433 23.23 11.57 7.10
C GLU D 433 22.89 12.93 6.50
N LEU D 434 22.59 13.00 5.21
CA LEU D 434 22.29 14.30 4.60
C LEU D 434 20.89 14.73 5.00
N GLU D 435 20.80 15.87 5.69
CA GLU D 435 19.52 16.37 6.17
CA GLU D 435 19.52 16.38 6.18
C GLU D 435 18.88 17.21 5.07
N VAL D 436 18.31 16.49 4.10
CA VAL D 436 17.67 17.08 2.94
C VAL D 436 16.39 16.30 2.65
N GLY D 437 15.52 16.93 1.85
CA GLY D 437 14.35 16.22 1.35
C GLY D 437 14.72 15.06 0.44
N GLY D 438 15.68 15.29 -0.46
CA GLY D 438 16.06 14.28 -1.44
C GLY D 438 17.54 14.24 -1.70
N VAL D 439 18.10 13.03 -1.75
CA VAL D 439 19.51 12.78 -2.08
C VAL D 439 19.54 12.17 -3.48
N VAL D 440 20.28 12.79 -4.40
CA VAL D 440 20.42 12.28 -5.77
C VAL D 440 21.79 11.62 -5.89
N ILE D 441 21.81 10.36 -6.33
CA ILE D 441 23.04 9.60 -6.49
C ILE D 441 23.37 9.51 -7.97
N ASN D 442 24.59 9.95 -8.32
CA ASN D 442 25.11 9.93 -9.68
CA ASN D 442 25.14 9.95 -9.67
C ASN D 442 24.44 10.96 -10.58
N ASP D 443 23.86 12.00 -9.99
CA ASP D 443 23.44 13.19 -10.72
C ASP D 443 23.45 14.34 -9.74
N VAL D 444 23.27 15.55 -10.26
CA VAL D 444 23.27 16.77 -9.45
C VAL D 444 21.99 16.85 -8.61
N PRO D 445 21.98 17.66 -7.55
CA PRO D 445 20.72 17.89 -6.83
C PRO D 445 19.65 18.53 -7.69
N SER D 446 20.00 19.04 -8.86
CA SER D 446 19.07 19.80 -9.67
C SER D 446 18.05 18.95 -10.41
N PHE D 447 18.05 17.62 -10.20
CA PHE D 447 17.14 16.73 -10.91
C PHE D 447 15.81 16.63 -10.18
N ARG D 448 14.71 16.73 -10.94
CA ARG D 448 13.39 16.42 -10.42
C ARG D 448 12.56 15.82 -11.55
N VAL D 449 11.77 14.80 -11.24
CA VAL D 449 10.77 14.26 -12.15
C VAL D 449 9.42 14.42 -11.45
N ASP D 450 8.38 14.74 -12.21
CA ASP D 450 7.24 15.40 -11.57
C ASP D 450 6.33 14.48 -10.76
N ASN D 451 6.50 13.16 -10.82
CA ASN D 451 5.75 12.32 -9.89
C ASN D 451 6.44 12.11 -8.55
N MET D 452 7.73 12.47 -8.42
CA MET D 452 8.46 12.05 -7.22
C MET D 452 8.10 12.95 -6.03
N PRO D 453 8.18 12.43 -4.80
CA PRO D 453 8.03 13.31 -3.64
C PRO D 453 9.14 14.36 -3.66
N TYR D 454 8.78 15.63 -3.45
CA TYR D 454 9.73 16.71 -3.64
C TYR D 454 9.51 17.82 -2.62
N GLY D 455 10.56 18.18 -1.90
CA GLY D 455 10.43 19.29 -0.98
C GLY D 455 11.64 19.37 -0.08
N GLY D 456 11.57 20.31 0.86
CA GLY D 456 12.71 20.58 1.73
C GLY D 456 12.43 20.34 3.20
N VAL D 457 13.50 20.14 3.96
CA VAL D 457 13.49 20.18 5.42
C VAL D 457 14.33 21.38 5.86
N LYS D 458 14.53 21.55 7.17
CA LYS D 458 15.21 22.72 7.71
C LYS D 458 14.53 23.98 7.16
N ASP D 459 15.28 25.00 6.74
CA ASP D 459 14.62 26.22 6.25
C ASP D 459 14.10 26.10 4.81
N SER D 460 14.25 24.95 4.17
CA SER D 460 13.89 24.80 2.76
C SER D 460 12.45 24.36 2.51
N GLY D 461 11.68 24.02 3.52
CA GLY D 461 10.30 23.68 3.24
C GLY D 461 9.60 23.02 4.41
N LEU D 462 8.31 22.75 4.18
CA LEU D 462 7.46 22.03 5.12
C LEU D 462 6.44 21.28 4.28
N GLY D 463 6.63 19.96 4.13
CA GLY D 463 5.73 19.16 3.30
C GLY D 463 6.35 18.78 1.96
N ARG D 464 5.56 18.06 1.15
CA ARG D 464 6.03 17.57 -0.14
C ARG D 464 5.02 17.85 -1.24
N GLU D 465 5.54 18.19 -2.42
CA GLU D 465 4.76 18.16 -3.66
C GLU D 465 5.21 16.96 -4.50
N GLY D 466 4.76 16.92 -5.74
CA GLY D 466 4.64 15.66 -6.45
C GLY D 466 3.20 15.22 -6.27
N ILE D 467 2.55 14.74 -7.35
CA ILE D 467 1.09 14.73 -7.39
C ILE D 467 0.48 13.97 -6.22
N ARG D 468 0.94 12.72 -5.97
CA ARG D 468 0.38 11.92 -4.88
C ARG D 468 0.42 12.66 -3.56
N TYR D 469 1.50 13.39 -3.30
CA TYR D 469 1.74 13.98 -2.00
C TYR D 469 0.97 15.27 -1.85
N ALA D 470 0.80 15.99 -2.95
CA ALA D 470 -0.07 17.16 -2.95
C ALA D 470 -1.53 16.77 -2.74
N ILE D 471 -1.96 15.66 -3.35
CA ILE D 471 -3.33 15.17 -3.13
C ILE D 471 -3.55 14.85 -1.66
N GLU D 472 -2.55 14.26 -0.99
CA GLU D 472 -2.68 13.98 0.43
CA GLU D 472 -2.68 13.98 0.43
C GLU D 472 -2.89 15.27 1.22
N ASP D 473 -2.14 16.32 0.91
CA ASP D 473 -2.30 17.57 1.65
C ASP D 473 -3.61 18.27 1.31
N MET D 474 -4.15 18.05 0.11
CA MET D 474 -5.38 18.70 -0.32
C MET D 474 -6.62 17.89 0.01
N THR D 475 -6.49 16.90 0.89
CA THR D 475 -7.63 16.10 1.30
C THR D 475 -7.55 15.86 2.79
N GLU D 476 -8.72 15.61 3.39
CA GLU D 476 -8.80 15.11 4.76
C GLU D 476 -9.22 13.66 4.72
N PRO D 477 -8.57 12.78 5.47
CA PRO D 477 -9.11 11.43 5.62
C PRO D 477 -10.42 11.49 6.39
N ARG D 478 -11.39 10.67 5.96
CA ARG D 478 -12.64 10.54 6.72
C ARG D 478 -12.87 9.06 6.95
N LEU D 479 -12.80 8.67 8.22
CA LEU D 479 -12.97 7.29 8.65
C LEU D 479 -14.44 7.01 8.85
N MET D 480 -14.88 5.84 8.38
CA MET D 480 -16.18 5.30 8.75
C MET D 480 -15.94 4.02 9.54
N VAL D 481 -16.35 4.01 10.81
CA VAL D 481 -16.31 2.82 11.64
C VAL D 481 -17.68 2.18 11.61
N VAL D 482 -17.76 0.89 11.26
CA VAL D 482 -19.04 0.19 11.24
C VAL D 482 -19.01 -0.88 12.31
N ARG D 483 -19.98 -0.85 13.23
CA ARG D 483 -20.11 -1.86 14.27
C ARG D 483 -21.18 -2.87 13.89
N ARG D 484 -20.80 -4.15 13.89
CA ARG D 484 -21.73 -5.27 13.76
C ARG D 484 -21.87 -5.93 15.12
N ARG D 485 -23.08 -6.26 15.51
CA ARG D 485 -23.28 -6.92 16.79
C ARG D 485 -24.37 -7.97 16.71
PA NDP E . 12.01 -34.48 0.07
O1A NDP E . 11.48 -33.94 -1.23
O2A NDP E . 12.71 -35.83 -0.10
O5B NDP E . 10.86 -34.62 1.16
C5B NDP E . 10.19 -33.40 1.58
C4B NDP E . 8.83 -33.77 2.12
O4B NDP E . 8.00 -34.25 1.05
C3B NDP E . 8.85 -34.88 3.19
O3B NDP E . 7.82 -34.65 4.15
C2B NDP E . 8.51 -36.11 2.34
O2B NDP E . 7.91 -37.19 3.08
C1B NDP E . 7.46 -35.50 1.43
N9A NDP E . 7.18 -36.28 0.24
C8A NDP E . 8.06 -36.83 -0.66
N7A NDP E . 7.48 -37.41 -1.68
C5A NDP E . 6.12 -37.26 -1.43
C6A NDP E . 4.97 -37.66 -2.14
N6A NDP E . 5.00 -38.35 -3.29
N1A NDP E . 3.77 -37.31 -1.62
C2A NDP E . 3.72 -36.64 -0.47
N3A NDP E . 4.74 -36.21 0.29
C4A NDP E . 5.92 -36.55 -0.25
O3 NDP E . 13.02 -33.42 0.68
PN NDP E . 13.96 -33.45 1.97
O1N NDP E . 13.16 -33.72 3.18
O2N NDP E . 15.08 -34.42 1.67
O5D NDP E . 14.53 -31.98 2.07
C5D NDP E . 15.60 -31.45 1.25
C4D NDP E . 15.01 -30.69 0.09
O4D NDP E . 14.16 -29.63 0.59
C3D NDP E . 16.07 -30.04 -0.79
O3D NDP E . 15.80 -30.16 -2.18
C2D NDP E . 16.02 -28.58 -0.31
O2D NDP E . 16.52 -27.61 -1.23
C1D NDP E . 14.54 -28.41 -0.04
N1N NDP E . 14.35 -27.27 0.84
C2N NDP E . 13.67 -26.16 0.45
C3N NDP E . 13.62 -25.03 1.18
C7N NDP E . 12.81 -23.85 0.79
O7N NDP E . 12.31 -23.16 1.70
N7N NDP E . 12.70 -23.53 -0.50
C4N NDP E . 14.43 -24.92 2.43
C5N NDP E . 14.85 -26.27 2.91
C6N NDP E . 14.85 -27.32 2.12
P2B NDP E . 8.83 -38.33 3.83
O1X NDP E . 10.25 -37.88 3.75
O2X NDP E . 8.23 -38.42 5.19
O3X NDP E . 8.60 -39.62 3.09
MG MG F . 19.13 -35.12 26.42
C1 MRD G . -6.67 -21.77 26.02
C2 MRD G . -5.61 -20.70 26.22
O2 MRD G . -4.58 -21.25 27.05
CM MRD G . -6.19 -19.47 26.91
C3 MRD G . -4.96 -20.34 24.88
C4 MRD G . -5.83 -19.45 24.00
O4 MRD G . -6.59 -20.26 23.11
C5 MRD G . -4.97 -18.52 23.14
C ACT H . 15.99 -20.79 5.49
O ACT H . 16.88 -20.33 6.27
OXT ACT H . 14.82 -20.85 5.92
CH3 ACT H . 16.29 -21.24 4.10
C1 MPD I . 30.80 -20.34 13.48
C2 MPD I . 32.22 -20.89 13.31
O2 MPD I . 32.27 -22.20 13.93
CM MPD I . 33.24 -20.00 14.02
C3 MPD I . 32.55 -21.06 11.84
C4 MPD I . 32.18 -19.84 11.00
O4 MPD I . 33.15 -18.83 11.17
C5 MPD I . 32.11 -20.22 9.53
C1 MPD J . 11.69 -25.18 -18.12
C2 MPD J . 11.99 -23.74 -17.78
O2 MPD J . 13.38 -23.59 -17.40
CM MPD J . 11.73 -22.86 -19.01
C3 MPD J . 11.11 -23.28 -16.61
C4 MPD J . 11.27 -24.19 -15.39
O4 MPD J . 12.58 -24.08 -14.88
C5 MPD J . 10.28 -23.79 -14.29
C1 MPD K . -15.15 -6.76 6.49
C2 MPD K . -13.92 -7.23 7.26
O2 MPD K . -14.10 -6.84 8.64
CM MPD K . -13.84 -8.75 7.21
C3 MPD K . -12.66 -6.62 6.68
C4 MPD K . -11.40 -6.96 7.48
O4 MPD K . -10.88 -8.19 6.99
C5 MPD K . -10.32 -5.88 7.37
PA NDP L . -14.37 -22.83 -24.51
O1A NDP L . -13.86 -23.44 -23.27
O2A NDP L . -15.19 -23.77 -25.39
O5B NDP L . -13.19 -22.26 -25.40
C5B NDP L . -12.43 -21.14 -24.88
C4B NDP L . -11.10 -21.11 -25.59
O4B NDP L . -10.34 -22.28 -25.22
C3B NDP L . -11.14 -21.10 -27.12
O3B NDP L . -10.07 -20.32 -27.62
C2B NDP L . -10.95 -22.58 -27.44
O2B NDP L . -10.44 -22.86 -28.76
C1B NDP L . -9.89 -22.91 -26.40
N9A NDP L . -9.73 -24.33 -26.13
C8A NDP L . -10.68 -25.28 -25.89
N7A NDP L . -10.18 -26.47 -25.63
C5A NDP L . -8.82 -26.29 -25.73
C6A NDP L . -7.72 -27.16 -25.53
N6A NDP L . -7.84 -28.46 -25.28
N1A NDP L . -6.48 -26.64 -25.64
C2A NDP L . -6.35 -25.34 -25.94
N3A NDP L . -7.30 -24.43 -26.18
C4A NDP L . -8.52 -24.97 -26.04
O3 NDP L . -15.29 -21.59 -24.13
PN NDP L . -16.19 -20.61 -25.00
O1N NDP L . -15.37 -19.99 -26.07
O2N NDP L . -17.42 -21.39 -25.45
O5D NDP L . -16.64 -19.50 -23.96
C5D NDP L . -17.69 -19.68 -23.00
C4D NDP L . -17.08 -20.01 -21.66
O4D NDP L . -16.14 -18.97 -21.30
C3D NDP L . -18.11 -20.11 -20.54
O3D NDP L . -17.87 -21.22 -19.68
C2D NDP L . -17.93 -18.77 -19.83
O2D NDP L . -18.37 -18.71 -18.48
C1D NDP L . -16.43 -18.57 -19.97
N1N NDP L . -16.13 -17.16 -19.75
C2N NDP L . -15.35 -16.73 -18.71
C3N NDP L . -15.19 -15.43 -18.39
C7N NDP L . -14.29 -14.96 -17.30
O7N NDP L . -13.75 -13.85 -17.45
N7N NDP L . -14.19 -15.68 -16.19
C4N NDP L . -15.98 -14.39 -19.12
C5N NDP L . -16.51 -14.93 -20.40
C6N NDP L . -16.62 -16.23 -20.62
P2B NDP L . -11.43 -22.98 -30.04
O1X NDP L . -12.81 -22.61 -29.64
O2X NDP L . -10.81 -22.08 -31.11
O3X NDP L . -11.33 -24.47 -30.46
C ACT M . 8.36 1.63 -28.35
O ACT M . 9.26 2.22 -27.73
OXT ACT M . 7.68 2.33 -29.15
CH3 ACT M . 8.09 0.17 -28.18
C1 MRD N . 5.00 5.88 -32.85
C2 MRD N . 4.56 4.47 -33.19
O2 MRD N . 3.49 4.54 -34.14
CM MRD N . 5.70 3.66 -33.81
C3 MRD N . 4.02 3.78 -31.93
C4 MRD N . 5.06 3.61 -30.83
O4 MRD N . 5.75 2.35 -30.91
C5 MRD N . 4.37 3.71 -29.48
C1 MPD O . 17.35 2.41 4.33
C2 MPD O . 16.55 1.91 5.53
O2 MPD O . 17.12 0.63 5.93
CM MPD O . 16.70 2.88 6.70
C3 MPD O . 15.09 1.73 5.12
C4 MPD O . 14.21 1.23 6.25
O4 MPD O . 13.75 2.36 6.96
C5 MPD O . 12.99 0.46 5.73
C ACT P . -17.10 -9.41 -18.18
O ACT P . -15.95 -9.03 -18.50
OXT ACT P . -18.08 -8.63 -18.40
CH3 ACT P . -17.29 -10.75 -17.57
C1 MPD Q . -32.95 -2.47 -24.33
C2 MPD Q . -33.56 -2.28 -22.94
O2 MPD Q . -35.00 -2.27 -23.09
CM MPD Q . -33.09 -0.93 -22.42
C3 MPD Q . -33.21 -3.46 -22.03
C4 MPD Q . -33.09 -3.12 -20.54
O4 MPD Q . -34.24 -2.44 -20.10
C5 MPD Q . -32.93 -4.40 -19.73
C1 MPD R . -14.39 -29.46 -5.09
C2 MPD R . -14.15 -28.13 -4.38
O2 MPD R . -15.35 -27.33 -4.46
CM MPD R . -13.80 -28.38 -2.91
C3 MPD R . -13.00 -27.37 -5.05
C4 MPD R . -13.33 -26.96 -6.47
O4 MPD R . -14.58 -26.30 -6.51
C5 MPD R . -12.26 -26.02 -7.01
C1 MPD S . -45.81 -6.53 1.86
C2 MPD S . -44.78 -5.51 1.37
O2 MPD S . -44.34 -4.72 2.51
CM MPD S . -43.57 -6.22 0.78
C3 MPD S . -45.38 -4.59 0.31
C4 MPD S . -46.43 -3.61 0.83
O4 MPD S . -45.90 -2.82 1.88
C5 MPD S . -46.89 -2.70 -0.28
C1 MPD T . 15.16 -1.12 -9.81
C2 MPD T . 13.90 -0.79 -10.59
O2 MPD T . 14.09 0.51 -11.20
CM MPD T . 13.68 -1.79 -11.71
C3 MPD T . 12.68 -0.75 -9.68
C4 MPD T . 11.44 -0.35 -10.48
O4 MPD T . 10.78 -1.53 -10.90
C5 MPD T . 10.49 0.51 -9.66
PA NDP U . -6.43 22.39 28.28
O1A NDP U . -6.46 23.04 26.94
O2A NDP U . -6.97 23.34 29.37
O5B NDP U . -4.99 21.89 28.72
C5B NDP U . -4.38 20.80 27.99
C4B NDP U . -2.89 20.87 28.16
O4B NDP U . -2.41 22.10 27.56
C3B NDP U . -2.40 20.90 29.62
O3B NDP U . -1.16 20.20 29.75
C2B NDP U . -2.19 22.40 29.85
O2B NDP U . -1.27 22.70 30.91
C1B NDP U . -1.58 22.76 28.51
N9A NDP U . -1.61 24.18 28.20
C8A NDP U . -2.65 25.06 28.30
N7A NDP U . -2.36 26.28 27.88
C5A NDP U . -1.02 26.18 27.49
C6A NDP U . -0.13 27.12 26.97
N6A NDP U . -0.42 28.40 26.75
N1A NDP U . 1.12 26.69 26.66
C2A NDP U . 1.43 25.41 26.88
N3A NDP U . 0.67 24.43 27.39
C4A NDP U . -0.56 24.89 27.68
O3 NDP U . -7.36 21.11 28.26
PN NDP U . -7.82 20.08 29.37
O1N NDP U . -6.67 19.52 30.10
O2N NDP U . -8.87 20.76 30.25
O5D NDP U . -8.50 18.91 28.53
C5D NDP U . -9.82 18.99 27.98
C4D NDP U . -9.73 19.36 26.52
O4D NDP U . -8.93 18.37 25.81
C3D NDP U . -11.10 19.39 25.84
O3D NDP U . -11.24 20.48 24.93
C2D NDP U . -11.12 18.05 25.10
O2D NDP U . -12.03 17.96 24.01
C1D NDP U . -9.66 17.93 24.68
N1N NDP U . -9.36 16.54 24.37
C2N NDP U . -8.99 16.14 23.12
C3N NDP U . -8.85 14.85 22.77
C7N NDP U . -8.36 14.42 21.45
O7N NDP U . -7.72 13.36 21.40
N7N NDP U . -8.68 15.15 20.38
C4N NDP U . -9.22 13.77 23.72
C5N NDP U . -9.30 14.31 25.12
C6N NDP U . -9.43 15.59 25.35
P2B NDP U . -1.75 22.80 32.48
O1X NDP U . -3.15 22.29 32.57
O2X NDP U . -0.73 22.00 33.25
O3X NDP U . -1.63 24.29 32.82
C ACT V . 17.79 -0.52 24.05
O ACT V . 18.41 -0.95 23.05
OXT ACT V . 17.45 -1.37 24.91
CH3 ACT V . 17.47 0.94 24.22
C1 MRD W . 16.43 -4.98 29.37
C2 MRD W . 16.18 -3.55 29.80
O2 MRD W . 15.63 -3.56 31.13
CM MRD W . 17.47 -2.75 29.83
C3 MRD W . 15.12 -2.91 28.89
C4 MRD W . 15.63 -2.71 27.47
O4 MRD W . 16.24 -1.43 27.35
C5 MRD W . 14.48 -2.81 26.48
C ACT X . -10.13 8.43 23.20
O ACT X . -8.90 8.28 23.31
OXT ACT X . -10.87 7.50 23.62
CH3 ACT X . -10.67 9.70 22.61
C1 MPD Y . -21.60 0.77 32.62
C2 MPD Y . -22.91 1.16 33.30
O2 MPD Y . -22.61 1.67 34.62
CM MPD Y . -23.81 -0.06 33.48
C3 MPD Y . -23.60 2.29 32.53
C4 MPD Y . -23.80 2.00 31.05
O4 MPD Y . -24.83 1.06 30.89
C5 MPD Y . -24.22 3.27 30.32
C1 MPD Z . -13.04 28.79 9.86
C2 MPD Z . -13.48 27.48 9.21
O2 MPD Z . -14.76 27.07 9.76
CM MPD Z . -13.62 27.67 7.71
C3 MPD Z . -12.46 26.38 9.49
C4 MPD Z . -11.99 26.36 10.94
O4 MPD Z . -12.99 25.78 11.74
C5 MPD Z . -10.70 25.57 11.09
C1 MPD AA . -16.94 5.99 -0.72
C2 MPD AA . -16.07 6.49 -1.86
O2 MPD AA . -16.62 5.99 -3.10
CM MPD AA . -16.11 8.01 -1.93
C3 MPD AA . -14.64 5.99 -1.68
C4 MPD AA . -13.76 6.44 -2.84
O4 MPD AA . -13.20 7.71 -2.52
C5 MPD AA . -12.63 5.45 -3.13
C1 MPD BA . -18.67 -0.58 3.47
C2 MPD BA . -20.17 -0.60 3.67
O2 MPD BA . -20.58 0.70 4.15
CM MPD BA . -20.86 -0.81 2.32
C3 MPD BA . -20.61 -1.64 4.70
C4 MPD BA . -20.54 -3.08 4.21
O4 MPD BA . -19.89 -3.90 5.14
C5 MPD BA . -21.92 -3.66 3.92
PA NDP CA . 9.28 35.31 -3.74
O1A NDP CA . 9.24 34.77 -2.35
O2A NDP CA . 9.90 36.70 -3.86
O5B NDP CA . 7.84 35.37 -4.39
C5B NDP CA . 7.09 34.14 -4.56
C4B NDP CA . 5.62 34.46 -4.61
O4B NDP CA . 5.19 34.92 -3.31
C3B NDP CA . 5.22 35.57 -5.59
O3B NDP CA . 3.93 35.29 -6.15
C2B NDP CA . 5.13 36.79 -4.68
O2B NDP CA . 4.27 37.83 -5.18
C1B NDP CA . 4.50 36.13 -3.46
N9A NDP CA . 4.62 36.90 -2.23
C8A NDP CA . 5.72 37.49 -1.69
N7A NDP CA . 5.51 38.06 -0.52
C5A NDP CA . 4.17 37.81 -0.28
C6A NDP CA . 3.32 38.16 0.79
N6A NDP CA . 3.71 38.88 1.84
N1A NDP CA . 2.04 37.75 0.73
C2A NDP CA . 1.62 37.07 -0.35
N3A NDP CA . 2.33 36.69 -1.42
C4A NDP CA . 3.61 37.09 -1.32
O3 NDP CA . 10.08 34.31 -4.68
PN NDP CA . 10.49 34.37 -6.22
O1N NDP CA . 9.33 34.57 -7.09
O2N NDP CA . 11.60 35.41 -6.33
O5D NDP CA . 11.08 32.90 -6.49
C5D NDP CA . 12.38 32.49 -6.06
C4D NDP CA . 12.25 31.69 -4.79
O4D NDP CA . 11.36 30.56 -5.01
C3D NDP CA . 13.60 31.11 -4.32
O3D NDP CA . 13.79 31.24 -2.92
C2D NDP CA . 13.48 29.65 -4.76
O2D NDP CA . 14.34 28.73 -4.09
C1D NDP CA . 12.00 29.39 -4.52
N1N NDP CA . 11.60 28.23 -5.29
C2N NDP CA . 11.15 27.08 -4.70
C3N NDP CA . 10.92 25.94 -5.39
C7N NDP CA . 10.35 24.72 -4.76
O7N NDP CA . 9.60 24.01 -5.45
N7N NDP CA . 10.68 24.42 -3.50
C4N NDP CA . 11.26 25.87 -6.84
C5N NDP CA . 11.43 27.23 -7.42
C6N NDP CA . 11.65 28.29 -6.66
P2B NDP CA . 4.84 38.98 -6.17
O1X NDP CA . 6.23 38.64 -6.61
O2X NDP CA . 3.82 39.04 -7.26
O3X NDP CA . 4.79 40.27 -5.33
C ACT DA . -16.75 18.31 -16.45
O ACT DA . -16.37 18.26 -17.66
OXT ACT DA . -17.45 17.37 -16.04
CH3 ACT DA . -16.36 19.43 -15.55
C1 MRD EA . -15.74 18.95 -23.22
C2 MRD EA . -15.20 20.25 -22.63
O2 MRD EA . -14.60 21.01 -23.70
CM MRD EA . -16.31 21.09 -22.02
C3 MRD EA . -14.10 19.93 -21.63
C4 MRD EA . -14.61 19.12 -20.44
O4 MRD EA . -15.12 19.97 -19.41
C5 MRD EA . -13.48 18.28 -19.86
C ACT FA . 11.62 21.74 -10.30
O ACT FA . 12.41 21.39 -11.23
OXT ACT FA . 10.41 21.67 -10.53
CH3 ACT FA . 12.08 22.21 -8.96
C1 MPD GA . 23.85 22.30 -23.18
C2 MPD GA . 25.36 22.47 -23.26
O2 MPD GA . 25.66 23.69 -23.99
CM MPD GA . 26.01 21.33 -24.04
C3 MPD GA . 25.96 22.60 -21.86
C4 MPD GA . 25.38 21.61 -20.85
O4 MPD GA . 25.79 20.30 -21.17
C5 MPD GA . 25.85 21.93 -19.44
C1 MRD HA . 15.95 25.97 13.46
C2 MRD HA . 15.91 24.53 12.98
O2 MRD HA . 16.95 24.32 11.98
CM MRD HA . 16.15 23.57 14.14
C3 MRD HA . 14.55 24.24 12.34
C4 MRD HA . 14.50 24.45 10.83
O4 MRD HA . 15.48 25.36 10.40
C5 MRD HA . 13.14 24.98 10.41
#